data_5VJ1
#
_entry.id   5VJ1
#
_cell.length_a   98.740
_cell.length_b   163.560
_cell.length_c   100.440
_cell.angle_alpha   90.00
_cell.angle_beta   94.01
_cell.angle_gamma   90.00
#
_symmetry.space_group_name_H-M   'P 1 21 1'
#
loop_
_entity.id
_entity.type
_entity.pdbx_description
1 polymer MdcA
2 polymer MdcC
3 polymer MdcD
4 polymer MdcE
5 non-polymer 'CHLORIDE ION'
6 non-polymer 'COENZYME A'
#
loop_
_entity_poly.entity_id
_entity_poly.type
_entity_poly.pdbx_seq_one_letter_code
_entity_poly.pdbx_strand_id
1 'polypeptide(L)'
;MTTPISPPPQWSRRRQEKQRRLERVRGLADGAVLPREGLVAALEALIAPGDRVVLEGNNQKQADFLSRSLARVDPGKLHD
LHMIMPSVGRPEHLDLFELGIARKLDFSFSGPQSLRIGQLLEDGLLEIGAIHTYIELYARLVVDLIPNVALVAGFVADRE
GNVYTGPSTEDTPALVEPTAFSDGIVIVQVNRIVDDPRDLPRVDIPASWVDFVVEADQPFYIEPLFTRDPRHIKPVHVLM
AMMAIRGIYQRHNVQSLNHGIGFNTAAIELILPTYGESLGLKGKICRHWTLNPHPTLIPAIESGWVESVHCFGTELGMEG
YIAQRPDVFFTGRDGSLRSNRMFCQLAGQYAVDLFIGATLQVDGDGHSSTVTRGRLAGFGGAPNMGHDPRGRRHSTPAWL
DMRGEPEALLERGRKLVVQMVETFQDGGKPTFVERLDALEVARQTGMPLAPVMIYGDDVTHVLTEEGIAYLYKARSLEER
QAMIAAVAGISPIGLRHDPRETQRMRREGLIALPEDLGIRRTDASRELLAAKSIAELVEWSGGLYQPPARFRSW
;
A,I
2 'polypeptide(L)'
;METLSFEFPAGQPGRGRALVGCVGSGDLEVLLEPGQPGKLSIQVQTSVNGSASRWQHLFERLFDGQTPPALLIDIHDFGA
TPGVVRLRLEQGFEEIGHD
;
C,K
3 'polypeptide(L)'
;MTDVARLLALRSFTELGARQRARALLDAGSFRELLDPFAGVQSPWLERQGIVPQADDGVVVARGLLDGQPAVLAAIEGAF
QGGSLGEVSGAKIAGALELAAEDNRNGVPTRALLLLETGGVRLQEANLGLAAIAEIQAAIVDLQRYQPVVAVIAGPVGCF
GGMSIAAGLCSYVLVTREARLGLNGPQVIEQEAGIAEYDSRDRPFIWSLTGGEQRFASGLADAYLADDLDEVRTSVLAYF
AKGLPARPRCRRAEDYLRRLGDLDTAEQPDAAGVRRLYQGLGQGDAT
;
D,L
4 'polypeptide(L)'
;MGSSHHHHHHSQDPNSMSQPFASRGLAWFQALAGSLAPRPGDPASLRVADAELDGYPVRFLAVVPDPDNPFPRARQGEVG
LLEGWGLAAAVDEALEADREAPRKRALLAIVDVPSQAYGRREEALGIHQALAGAVDAYARARLAGHPLIGLLVGKAMSGA
FLAHGYQANRLIALHDPGVMVHAMGKAAAARITLRSVEELEALAAKVPPMAYDIDSYASLGLLWRTLPVETVEVPSTADL
VRVRTCLGEALADILGGPRDLGGRLGAANREASARVRRLLREQW
;
E,M
#
loop_
_chem_comp.id
_chem_comp.type
_chem_comp.name
_chem_comp.formula
CL non-polymer 'CHLORIDE ION' 'Cl -1'
COA non-polymer 'COENZYME A' 'C21 H36 N7 O16 P3 S'
#
# COMPACT_ATOMS: atom_id res chain seq x y z
N PRO A 7 0.07 -15.33 51.30
CA PRO A 7 0.55 -15.33 49.90
C PRO A 7 1.09 -16.70 49.44
N PRO A 8 0.20 -17.62 49.01
CA PRO A 8 0.32 -19.08 48.79
C PRO A 8 1.55 -19.58 48.03
N PRO A 9 2.11 -20.73 48.45
CA PRO A 9 3.34 -21.27 47.88
C PRO A 9 3.32 -21.41 46.36
N GLN A 10 2.38 -22.18 45.82
CA GLN A 10 2.36 -22.46 44.39
C GLN A 10 2.15 -21.21 43.53
N TRP A 11 1.64 -20.12 44.12
CA TRP A 11 1.44 -18.88 43.36
C TRP A 11 2.51 -17.83 43.57
N SER A 12 3.57 -18.13 44.33
CA SER A 12 4.61 -17.14 44.62
C SER A 12 6.02 -17.70 44.48
N ARG A 13 6.20 -18.62 43.52
CA ARG A 13 7.48 -19.31 43.36
C ARG A 13 8.67 -18.45 43.00
N ARG A 14 8.48 -17.34 42.29
CA ARG A 14 9.63 -16.49 41.93
C ARG A 14 9.96 -15.53 43.08
N ARG A 15 9.01 -15.31 44.00
CA ARG A 15 9.31 -14.56 45.22
C ARG A 15 10.16 -15.39 46.20
N GLN A 16 9.86 -16.69 46.33
CA GLN A 16 10.62 -17.56 47.21
C GLN A 16 12.01 -17.81 46.63
N GLU A 17 12.11 -17.79 45.30
CA GLU A 17 13.41 -17.87 44.59
C GLU A 17 14.25 -16.63 44.77
N LYS A 18 13.62 -15.47 44.87
CA LYS A 18 14.35 -14.23 45.10
C LYS A 18 14.80 -14.31 46.53
N GLN A 19 13.92 -14.85 47.37
CA GLN A 19 14.21 -14.96 48.80
C GLN A 19 15.34 -15.93 49.10
N ARG A 20 15.39 -17.01 48.33
CA ARG A 20 16.46 -17.98 48.49
C ARG A 20 17.78 -17.31 48.15
N ARG A 21 17.76 -16.51 47.09
CA ARG A 21 18.97 -15.83 46.59
C ARG A 21 19.48 -14.76 47.54
N LEU A 22 18.58 -14.05 48.21
CA LEU A 22 19.03 -12.97 49.08
C LEU A 22 19.62 -13.50 50.39
N GLU A 23 19.42 -14.77 50.71
CA GLU A 23 20.05 -15.23 51.95
C GLU A 23 21.40 -15.84 51.69
N ARG A 24 21.68 -16.28 50.45
CA ARG A 24 23.05 -16.74 50.14
C ARG A 24 24.03 -15.57 50.05
N VAL A 25 23.57 -14.33 50.30
CA VAL A 25 24.48 -13.20 50.45
C VAL A 25 24.21 -12.39 51.72
N ARG A 26 23.45 -12.96 52.66
CA ARG A 26 23.01 -12.18 53.82
C ARG A 26 24.20 -11.93 54.75
N GLY A 27 25.16 -12.84 54.72
CA GLY A 27 26.38 -12.69 55.51
C GLY A 27 27.33 -11.72 54.85
N LEU A 28 27.55 -11.96 53.57
CA LEU A 28 28.45 -11.16 52.73
C LEU A 28 28.05 -9.66 52.53
N ALA A 29 26.78 -9.32 52.72
CA ALA A 29 26.27 -7.96 52.61
C ALA A 29 25.69 -7.51 53.94
N ASP A 30 25.98 -6.28 54.34
CA ASP A 30 25.23 -5.69 55.45
C ASP A 30 24.30 -4.62 54.85
N GLY A 31 23.00 -4.88 54.96
CA GLY A 31 21.97 -4.07 54.36
C GLY A 31 21.95 -4.18 52.87
N ALA A 32 21.76 -3.06 52.19
CA ALA A 32 21.78 -3.00 50.73
C ALA A 32 23.19 -2.79 50.23
N VAL A 33 24.14 -2.59 51.13
CA VAL A 33 25.50 -2.33 50.70
C VAL A 33 26.30 -3.63 50.44
N LEU A 34 26.92 -3.71 49.27
CA LEU A 34 27.78 -4.83 48.90
C LEU A 34 29.26 -4.45 48.85
N PRO A 35 30.12 -5.31 49.43
CA PRO A 35 31.58 -5.16 49.47
C PRO A 35 32.24 -5.25 48.09
N ARG A 36 32.86 -4.16 47.66
CA ARG A 36 33.51 -4.07 46.36
C ARG A 36 34.48 -5.20 46.05
N GLU A 37 35.09 -5.79 47.06
CA GLU A 37 36.08 -6.84 46.79
C GLU A 37 35.53 -8.23 47.10
N GLY A 38 34.23 -8.31 47.38
CA GLY A 38 33.53 -9.58 47.41
C GLY A 38 32.35 -9.59 46.44
N LEU A 39 32.47 -8.79 45.38
CA LEU A 39 31.40 -8.63 44.41
C LEU A 39 31.16 -9.86 43.58
N VAL A 40 32.22 -10.36 42.95
CA VAL A 40 32.12 -11.55 42.09
C VAL A 40 31.54 -12.73 42.87
N ALA A 41 31.78 -12.75 44.17
CA ALA A 41 31.20 -13.81 44.99
C ALA A 41 29.69 -13.63 44.99
N ALA A 42 29.25 -12.40 45.21
CA ALA A 42 27.83 -12.08 45.27
C ALA A 42 27.14 -12.38 43.95
N LEU A 43 27.81 -12.02 42.84
CA LEU A 43 27.26 -12.22 41.50
C LEU A 43 26.99 -13.69 41.23
N GLU A 44 27.79 -14.55 41.86
CA GLU A 44 27.64 -15.99 41.72
C GLU A 44 26.50 -16.50 42.62
N ALA A 45 26.10 -15.66 43.57
CA ALA A 45 25.04 -16.01 44.50
C ALA A 45 23.70 -15.43 44.08
N LEU A 46 23.69 -14.20 43.59
CA LEU A 46 22.45 -13.54 43.20
C LEU A 46 21.97 -13.98 41.81
N ILE A 47 22.90 -14.30 40.92
CA ILE A 47 22.52 -14.78 39.59
C ILE A 47 22.52 -16.32 39.54
N ALA A 48 21.63 -16.91 38.75
CA ALA A 48 21.58 -18.36 38.60
C ALA A 48 21.91 -18.70 37.17
N PRO A 49 22.37 -19.94 36.90
CA PRO A 49 22.60 -20.28 35.50
C PRO A 49 21.29 -20.24 34.70
N GLY A 50 21.29 -19.58 33.54
CA GLY A 50 20.11 -19.44 32.71
C GLY A 50 19.25 -18.22 32.98
N ASP A 51 19.68 -17.40 33.93
CA ASP A 51 18.98 -16.16 34.26
C ASP A 51 18.93 -15.20 33.06
N ARG A 52 17.84 -14.44 32.95
CA ARG A 52 17.76 -13.34 32.00
C ARG A 52 18.36 -12.10 32.66
N VAL A 53 19.53 -11.68 32.20
CA VAL A 53 20.20 -10.56 32.84
C VAL A 53 20.19 -9.30 31.98
N VAL A 54 19.75 -8.19 32.58
CA VAL A 54 19.83 -6.89 31.94
C VAL A 54 21.11 -6.23 32.44
N LEU A 55 22.03 -5.95 31.53
CA LEU A 55 23.33 -5.34 31.88
C LEU A 55 23.46 -3.99 31.22
N GLU A 56 23.61 -2.95 32.03
CA GLU A 56 23.66 -1.61 31.47
C GLU A 56 24.88 -1.39 30.60
N GLY A 57 24.53 -1.41 29.33
CA GLY A 57 25.33 -1.02 28.20
C GLY A 57 24.29 -0.13 27.54
N ASN A 58 24.28 1.13 27.97
CA ASN A 58 23.42 2.14 27.40
C ASN A 58 24.22 2.88 26.33
N ASN A 59 23.57 3.67 25.47
CA ASN A 59 24.30 4.42 24.46
C ASN A 59 25.50 5.17 25.07
N GLN A 60 25.31 5.68 26.28
CA GLN A 60 26.36 6.40 26.99
C GLN A 60 26.74 5.68 28.31
N LYS A 61 25.91 5.80 29.34
CA LYS A 61 26.20 5.21 30.66
C LYS A 61 26.52 3.71 30.60
N GLN A 62 27.70 3.33 31.06
CA GLN A 62 28.08 1.91 31.11
C GLN A 62 28.30 1.49 32.56
N ALA A 63 27.73 0.35 32.95
CA ALA A 63 27.96 -0.15 34.31
C ALA A 63 29.27 -0.96 34.32
N ASP A 64 30.33 -0.34 33.83
CA ASP A 64 31.63 -1.00 33.62
C ASP A 64 32.19 -1.82 34.80
N PHE A 65 32.02 -1.39 36.04
CA PHE A 65 32.49 -2.21 37.15
C PHE A 65 31.74 -3.55 37.21
N LEU A 66 30.42 -3.52 37.31
CA LEU A 66 29.60 -4.75 37.29
C LEU A 66 29.89 -5.57 36.04
N SER A 67 30.01 -4.87 34.93
CA SER A 67 30.26 -5.46 33.63
C SER A 67 31.56 -6.24 33.61
N ARG A 68 32.58 -5.74 34.32
CA ARG A 68 33.88 -6.41 34.39
C ARG A 68 33.87 -7.54 35.42
N SER A 69 33.38 -7.25 36.61
CA SER A 69 33.29 -8.28 37.65
C SER A 69 32.51 -9.52 37.19
N LEU A 70 31.47 -9.31 36.37
CA LEU A 70 30.63 -10.41 35.89
C LEU A 70 31.42 -11.27 34.90
N ALA A 71 32.44 -10.70 34.29
CA ALA A 71 33.28 -11.45 33.36
C ALA A 71 34.31 -12.34 34.11
N ARG A 72 34.70 -11.91 35.30
CA ARG A 72 35.63 -12.69 36.12
C ARG A 72 34.84 -13.58 37.06
N VAL A 73 33.67 -14.01 36.60
CA VAL A 73 32.87 -14.98 37.30
C VAL A 73 33.37 -16.38 36.87
N ASP A 74 33.07 -17.41 37.67
CA ASP A 74 33.42 -18.78 37.32
C ASP A 74 32.35 -19.39 36.38
N PRO A 75 32.74 -19.65 35.11
CA PRO A 75 31.93 -20.22 34.02
C PRO A 75 31.34 -21.60 34.29
N GLY A 76 31.53 -22.11 35.50
CA GLY A 76 30.97 -23.38 35.92
C GLY A 76 29.78 -23.11 36.82
N LYS A 77 29.83 -22.00 37.55
CA LYS A 77 28.75 -21.62 38.43
C LYS A 77 27.68 -20.83 37.69
N LEU A 78 28.10 -20.03 36.70
CA LEU A 78 27.17 -19.24 35.88
C LEU A 78 27.38 -19.53 34.42
N HIS A 79 26.40 -20.18 33.81
CA HIS A 79 26.49 -20.54 32.41
C HIS A 79 25.12 -20.29 31.75
N ASP A 80 25.08 -20.32 30.43
CA ASP A 80 23.85 -20.09 29.66
C ASP A 80 23.06 -18.84 30.09
N LEU A 81 23.75 -17.78 30.49
CA LEU A 81 23.10 -16.51 30.81
C LEU A 81 22.49 -15.89 29.56
N HIS A 82 21.35 -15.24 29.73
CA HIS A 82 20.66 -14.56 28.62
C HIS A 82 20.85 -13.07 28.79
N MET A 83 21.72 -12.50 27.97
CA MET A 83 22.08 -11.10 28.08
C MET A 83 21.12 -10.20 27.31
N ILE A 84 20.60 -9.21 28.02
CA ILE A 84 19.69 -8.24 27.45
C ILE A 84 20.33 -6.86 27.58
N MET A 85 20.87 -6.35 26.48
CA MET A 85 21.57 -5.08 26.54
C MET A 85 21.16 -4.11 25.44
N PRO A 86 20.67 -2.92 25.83
CA PRO A 86 20.35 -1.94 24.79
C PRO A 86 21.55 -1.59 23.91
N SER A 87 22.75 -1.62 24.46
CA SER A 87 23.95 -1.33 23.68
C SER A 87 25.13 -2.27 24.03
N VAL A 88 25.79 -2.79 23.00
CA VAL A 88 26.95 -3.63 23.21
C VAL A 88 28.16 -2.91 22.67
N GLY A 89 28.73 -2.04 23.49
CA GLY A 89 29.92 -1.29 23.09
C GLY A 89 31.19 -1.86 23.70
N ARG A 90 31.19 -1.98 25.02
CA ARG A 90 32.35 -2.44 25.78
C ARG A 90 32.82 -3.86 25.39
N PRO A 91 34.13 -4.11 25.52
CA PRO A 91 34.72 -5.43 25.28
C PRO A 91 34.33 -6.49 26.32
N GLU A 92 34.23 -6.12 27.60
CA GLU A 92 33.84 -7.07 28.65
C GLU A 92 32.56 -7.80 28.29
N HIS A 93 31.70 -7.12 27.54
CA HIS A 93 30.37 -7.60 27.17
C HIS A 93 30.42 -8.87 26.37
N LEU A 94 31.06 -8.80 25.21
CA LEU A 94 31.20 -9.96 24.32
C LEU A 94 32.19 -10.97 24.88
N ASP A 95 32.94 -10.57 25.90
CA ASP A 95 33.83 -11.48 26.61
C ASP A 95 33.03 -12.54 27.37
N LEU A 96 31.84 -12.16 27.85
CA LEU A 96 30.95 -13.06 28.61
C LEU A 96 30.60 -14.30 27.80
N PHE A 97 30.65 -14.14 26.49
CA PHE A 97 30.25 -15.19 25.58
C PHE A 97 31.38 -16.13 25.19
N GLU A 98 32.58 -15.58 24.97
CA GLU A 98 33.73 -16.41 24.63
C GLU A 98 34.13 -17.23 25.87
N LEU A 99 33.99 -16.64 27.04
CA LEU A 99 34.26 -17.35 28.29
C LEU A 99 33.21 -18.41 28.62
N GLY A 100 32.11 -18.47 27.86
CA GLY A 100 31.03 -19.44 28.12
C GLY A 100 30.07 -19.10 29.27
N ILE A 101 30.12 -17.86 29.77
CA ILE A 101 29.21 -17.43 30.81
C ILE A 101 27.83 -17.13 30.24
N ALA A 102 27.81 -16.43 29.11
CA ALA A 102 26.57 -16.08 28.44
C ALA A 102 26.40 -16.85 27.14
N ARG A 103 25.16 -17.17 26.77
CA ARG A 103 24.93 -17.84 25.50
C ARG A 103 24.00 -17.07 24.57
N LYS A 104 22.91 -16.49 25.09
CA LYS A 104 22.02 -15.72 24.21
C LYS A 104 22.10 -14.24 24.45
N LEU A 105 21.90 -13.49 23.36
CA LEU A 105 21.94 -12.05 23.37
C LEU A 105 20.76 -11.45 22.63
N ASP A 106 20.12 -10.50 23.31
CA ASP A 106 19.08 -9.65 22.76
C ASP A 106 19.58 -8.21 22.92
N PHE A 107 19.87 -7.55 21.81
CA PHE A 107 20.41 -6.20 21.86
C PHE A 107 19.75 -5.27 20.88
N SER A 108 20.12 -3.99 20.92
CA SER A 108 19.56 -3.03 20.00
C SER A 108 20.66 -2.35 19.20
N PHE A 109 21.67 -1.86 19.93
CA PHE A 109 22.78 -1.15 19.30
C PHE A 109 24.08 -1.87 19.53
N SER A 110 24.76 -2.11 18.43
CA SER A 110 26.03 -2.78 18.40
C SER A 110 26.99 -1.67 18.04
N GLY A 111 27.95 -1.41 18.92
CA GLY A 111 28.83 -0.27 18.72
C GLY A 111 29.86 -0.58 17.66
N PRO A 112 31.14 -0.63 18.07
CA PRO A 112 32.28 -1.04 17.25
C PRO A 112 32.34 -2.57 17.15
N GLN A 113 31.76 -3.18 18.18
CA GLN A 113 31.70 -4.63 18.40
C GLN A 113 31.00 -5.45 17.32
N SER A 114 30.86 -4.87 16.13
CA SER A 114 30.01 -5.48 15.13
C SER A 114 30.73 -6.59 14.38
N LEU A 115 32.03 -6.43 14.15
CA LEU A 115 32.72 -7.55 13.52
C LEU A 115 32.90 -8.72 14.50
N ARG A 116 32.89 -8.42 15.79
CA ARG A 116 33.01 -9.46 16.80
C ARG A 116 31.74 -10.29 16.92
N ILE A 117 30.64 -9.65 17.31
CA ILE A 117 29.36 -10.32 17.50
C ILE A 117 29.09 -11.29 16.36
N GLY A 118 29.39 -10.84 15.15
CA GLY A 118 29.17 -11.67 13.99
C GLY A 118 30.06 -12.87 14.10
N GLN A 119 31.33 -12.68 14.45
CA GLN A 119 32.23 -13.81 14.54
C GLN A 119 31.82 -14.80 15.63
N LEU A 120 31.51 -14.27 16.81
CA LEU A 120 31.24 -15.12 17.97
C LEU A 120 29.99 -15.96 17.73
N LEU A 121 29.07 -15.40 16.96
CA LEU A 121 27.83 -16.04 16.54
C LEU A 121 28.09 -17.18 15.58
N GLU A 122 28.95 -16.91 14.61
CA GLU A 122 29.33 -17.90 13.62
C GLU A 122 30.11 -19.08 14.26
N ASP A 123 30.73 -18.85 15.41
CA ASP A 123 31.42 -19.92 16.14
C ASP A 123 30.50 -20.73 17.06
N GLY A 124 29.27 -20.29 17.26
CA GLY A 124 28.33 -21.02 18.10
C GLY A 124 28.50 -20.72 19.58
N LEU A 125 29.15 -19.60 19.88
CA LEU A 125 29.37 -19.16 21.25
C LEU A 125 28.28 -18.16 21.69
N LEU A 126 27.78 -17.40 20.72
CA LEU A 126 26.71 -16.41 20.94
C LEU A 126 25.51 -16.71 20.06
N GLU A 127 24.32 -16.65 20.66
CA GLU A 127 23.07 -16.85 19.96
C GLU A 127 22.25 -15.57 20.00
N ILE A 128 21.79 -15.08 18.84
CA ILE A 128 20.99 -13.85 18.85
C ILE A 128 19.50 -14.10 18.73
N GLY A 129 18.72 -13.45 19.61
CA GLY A 129 17.27 -13.46 19.48
C GLY A 129 16.86 -12.61 18.29
N ALA A 130 17.00 -11.30 18.42
CA ALA A 130 16.73 -10.39 17.32
C ALA A 130 17.35 -9.04 17.60
N ILE A 131 17.40 -8.19 16.59
CA ILE A 131 17.91 -6.85 16.77
C ILE A 131 16.71 -5.90 16.97
N HIS A 132 16.60 -5.34 18.18
CA HIS A 132 15.46 -4.48 18.56
C HIS A 132 15.80 -3.02 18.39
N THR A 133 14.87 -2.16 18.83
CA THR A 133 15.10 -0.72 18.80
C THR A 133 14.81 -0.02 20.16
N TYR A 134 15.51 -0.45 21.21
CA TYR A 134 15.45 0.20 22.52
C TYR A 134 14.05 0.03 23.07
N ILE A 135 13.22 1.01 22.76
CA ILE A 135 11.85 1.04 23.24
C ILE A 135 11.11 -0.29 22.99
N GLU A 136 11.48 -0.99 21.93
CA GLU A 136 10.92 -2.31 21.66
C GLU A 136 11.42 -3.32 22.69
N LEU A 137 12.72 -3.25 22.97
CA LEU A 137 13.36 -4.15 23.90
C LEU A 137 12.91 -3.86 25.32
N TYR A 138 12.61 -2.61 25.64
CA TYR A 138 12.09 -2.30 26.97
C TYR A 138 10.74 -2.96 27.13
N ALA A 139 9.88 -2.72 26.14
CA ALA A 139 8.53 -3.25 26.09
C ALA A 139 8.48 -4.75 26.36
N ARG A 140 9.40 -5.50 25.74
CA ARG A 140 9.52 -6.94 25.96
C ARG A 140 9.68 -7.31 27.43
N LEU A 141 10.36 -6.47 28.21
CA LEU A 141 10.72 -6.85 29.57
C LEU A 141 9.51 -7.08 30.48
N VAL A 142 8.28 -6.82 30.00
CA VAL A 142 7.07 -7.07 30.80
C VAL A 142 6.15 -8.05 30.06
N VAL A 143 6.68 -8.71 29.03
CA VAL A 143 5.99 -9.74 28.25
C VAL A 143 6.90 -10.98 28.01
N ASP A 144 7.48 -11.09 26.80
CA ASP A 144 8.41 -12.15 26.38
C ASP A 144 9.64 -12.37 27.26
N LEU A 145 10.35 -11.27 27.55
CA LEU A 145 11.63 -11.35 28.24
C LEU A 145 11.62 -10.71 29.61
N ILE A 146 10.75 -11.17 30.50
CA ILE A 146 10.76 -10.71 31.88
C ILE A 146 12.12 -11.08 32.43
N PRO A 147 12.86 -10.09 32.95
CA PRO A 147 14.25 -10.27 33.44
C PRO A 147 14.36 -10.80 34.87
N ASN A 148 15.47 -11.47 35.17
CA ASN A 148 15.77 -11.98 36.52
C ASN A 148 16.68 -11.06 37.33
N VAL A 149 17.72 -10.58 36.67
CA VAL A 149 18.71 -9.74 37.30
C VAL A 149 18.87 -8.47 36.51
N ALA A 150 19.06 -7.36 37.22
CA ALA A 150 19.34 -6.07 36.58
C ALA A 150 20.66 -5.53 37.11
N LEU A 151 21.59 -5.28 36.22
CA LEU A 151 22.90 -4.77 36.62
C LEU A 151 23.09 -3.36 36.09
N VAL A 152 22.65 -2.35 36.86
CA VAL A 152 22.66 -0.96 36.38
C VAL A 152 23.66 -0.06 37.11
N ALA A 153 23.59 1.23 36.83
CA ALA A 153 24.57 2.18 37.37
C ALA A 153 24.01 3.58 37.65
N GLY A 154 24.49 4.19 38.72
CA GLY A 154 24.13 5.56 39.00
C GLY A 154 25.34 6.28 39.54
N PHE A 155 25.18 7.53 39.95
CA PHE A 155 26.26 8.31 40.54
C PHE A 155 26.34 8.14 42.05
N VAL A 156 25.29 8.56 42.76
CA VAL A 156 25.30 8.48 44.22
C VAL A 156 24.16 7.56 44.73
N ALA A 157 24.36 6.95 45.91
CA ALA A 157 23.31 6.14 46.54
C ALA A 157 23.43 6.19 48.05
N ASP A 158 22.32 6.27 48.77
CA ASP A 158 22.41 6.20 50.22
C ASP A 158 22.30 4.73 50.66
N ARG A 159 22.58 4.46 51.93
CA ARG A 159 22.66 3.06 52.41
C ARG A 159 21.31 2.36 52.28
N GLU A 160 20.27 3.17 52.05
CA GLU A 160 18.90 2.70 51.99
C GLU A 160 18.58 2.08 50.63
N GLY A 161 19.19 2.61 49.58
CA GLY A 161 19.02 2.07 48.24
C GLY A 161 18.67 3.11 47.19
N ASN A 162 18.39 4.33 47.61
CA ASN A 162 18.02 5.40 46.67
C ASN A 162 19.16 5.76 45.75
N VAL A 163 18.88 5.86 44.46
CA VAL A 163 19.94 6.12 43.51
C VAL A 163 19.71 7.43 42.78
N TYR A 164 20.80 8.17 42.59
CA TYR A 164 20.79 9.38 41.80
C TYR A 164 21.52 9.12 40.48
N THR A 165 20.74 8.98 39.41
CA THR A 165 21.29 8.67 38.10
C THR A 165 21.64 9.96 37.32
N GLY A 166 21.07 11.08 37.74
CA GLY A 166 21.36 12.39 37.16
C GLY A 166 21.17 12.65 35.68
N PRO A 167 22.12 13.34 35.03
CA PRO A 167 22.09 13.59 33.60
C PRO A 167 22.17 12.28 32.82
N SER A 168 22.64 11.25 33.51
CA SER A 168 22.83 9.94 32.92
C SER A 168 21.73 8.95 33.31
N THR A 169 20.50 9.41 33.43
CA THR A 169 19.40 8.51 33.80
C THR A 169 19.19 7.46 32.71
N GLU A 170 19.14 7.95 31.48
CA GLU A 170 19.05 7.11 30.29
C GLU A 170 18.06 5.94 30.38
N ASP A 171 18.51 4.70 30.26
CA ASP A 171 17.55 3.59 30.15
C ASP A 171 17.24 2.99 31.50
N THR A 172 17.95 3.43 32.53
CA THR A 172 17.81 2.82 33.86
C THR A 172 16.33 2.67 34.31
N PRO A 173 15.54 3.75 34.28
CA PRO A 173 14.17 3.58 34.79
C PRO A 173 13.35 2.54 34.04
N ALA A 174 13.75 2.21 32.83
CA ALA A 174 13.03 1.21 32.04
C ALA A 174 13.65 -0.17 32.20
N LEU A 175 14.94 -0.23 32.53
CA LEU A 175 15.56 -1.51 32.74
C LEU A 175 15.27 -2.04 34.13
N VAL A 176 15.15 -1.14 35.10
CA VAL A 176 14.99 -1.51 36.51
C VAL A 176 13.56 -1.88 36.88
N GLU A 177 12.59 -1.06 36.46
CA GLU A 177 11.20 -1.27 36.85
C GLU A 177 10.65 -2.67 36.57
N PRO A 178 10.72 -3.17 35.31
CA PRO A 178 10.21 -4.54 35.15
C PRO A 178 10.98 -5.62 35.92
N THR A 179 12.21 -5.33 36.35
CA THR A 179 12.94 -6.27 37.19
C THR A 179 12.52 -6.22 38.64
N ALA A 180 12.54 -5.02 39.23
CA ALA A 180 12.18 -4.83 40.64
C ALA A 180 10.77 -5.38 40.97
N PHE A 181 9.82 -5.14 40.06
CA PHE A 181 8.45 -5.54 40.28
C PHE A 181 8.05 -6.91 39.73
N SER A 182 9.03 -7.77 39.45
CA SER A 182 8.71 -9.14 39.05
C SER A 182 9.57 -10.12 39.84
N ASP A 183 9.88 -9.72 41.08
CA ASP A 183 10.65 -10.52 42.02
C ASP A 183 12.04 -10.83 41.48
N GLY A 184 12.51 -9.97 40.59
CA GLY A 184 13.86 -10.09 40.06
C GLY A 184 14.85 -9.39 40.99
N ILE A 185 16.10 -9.25 40.57
CA ILE A 185 17.10 -8.69 41.47
C ILE A 185 17.81 -7.51 40.83
N VAL A 186 17.79 -6.38 41.53
CA VAL A 186 18.39 -5.17 41.01
C VAL A 186 19.65 -4.77 41.76
N ILE A 187 20.79 -4.80 41.07
CA ILE A 187 22.06 -4.36 41.64
C ILE A 187 22.54 -3.13 40.92
N VAL A 188 22.81 -2.05 41.65
CA VAL A 188 23.29 -0.83 41.04
C VAL A 188 24.66 -0.44 41.60
N GLN A 189 25.64 -0.30 40.70
CA GLN A 189 26.95 0.20 41.08
C GLN A 189 26.86 1.72 41.15
N VAL A 190 27.43 2.32 42.18
CA VAL A 190 27.49 3.76 42.22
C VAL A 190 28.93 4.25 42.42
N ASN A 191 29.15 5.52 42.11
CA ASN A 191 30.46 6.14 42.29
C ASN A 191 30.71 6.44 43.76
N ARG A 192 29.63 6.60 44.51
CA ARG A 192 29.69 7.06 45.89
C ARG A 192 28.48 6.64 46.72
N ILE A 193 28.72 6.12 47.91
CA ILE A 193 27.66 5.98 48.90
C ILE A 193 27.73 7.09 49.96
N VAL A 194 26.62 7.76 50.20
CA VAL A 194 26.54 8.76 51.26
C VAL A 194 25.85 8.14 52.47
N ASP A 195 26.36 8.40 53.68
CA ASP A 195 25.74 7.81 54.88
C ASP A 195 24.51 8.60 55.22
N ASP A 196 24.63 9.90 54.97
CA ASP A 196 23.53 10.85 55.07
C ASP A 196 22.77 11.05 53.76
N PRO A 197 21.54 10.54 53.68
CA PRO A 197 20.71 10.62 52.47
C PRO A 197 20.38 12.02 51.95
N ARG A 198 20.53 13.07 52.75
CA ARG A 198 20.19 14.42 52.27
C ARG A 198 21.34 14.98 51.49
N ASP A 199 22.27 14.10 51.12
CA ASP A 199 23.38 14.43 50.22
C ASP A 199 23.18 13.84 48.83
N LEU A 200 21.98 13.30 48.59
CA LEU A 200 21.58 12.80 47.30
C LEU A 200 20.85 13.93 46.59
N PRO A 201 21.47 14.54 45.57
CA PRO A 201 20.84 15.71 44.92
C PRO A 201 19.38 15.47 44.46
N ARG A 202 19.03 14.20 44.28
CA ARG A 202 17.72 13.83 43.77
C ARG A 202 17.59 12.31 43.83
N VAL A 203 16.36 11.81 43.93
CA VAL A 203 16.12 10.37 43.85
C VAL A 203 15.55 10.03 42.48
N ASP A 204 16.32 9.30 41.70
CA ASP A 204 15.91 8.92 40.35
C ASP A 204 15.27 7.53 40.37
N ILE A 205 15.88 6.63 41.13
CA ILE A 205 15.32 5.30 41.37
C ILE A 205 15.06 5.20 42.85
N PRO A 206 13.82 4.89 43.24
CA PRO A 206 13.48 4.71 44.65
C PRO A 206 14.20 3.49 45.21
N ALA A 207 14.45 3.49 46.52
CA ALA A 207 15.19 2.39 47.14
C ALA A 207 14.42 1.09 47.07
N SER A 208 13.10 1.20 46.95
CA SER A 208 12.24 0.02 46.97
C SER A 208 12.23 -0.72 45.64
N TRP A 209 13.09 -0.29 44.71
CA TRP A 209 13.24 -0.97 43.44
C TRP A 209 14.58 -1.68 43.48
N VAL A 210 15.54 -1.01 44.11
CA VAL A 210 16.91 -1.51 44.27
C VAL A 210 17.05 -2.55 45.37
N ASP A 211 17.80 -3.61 45.08
CA ASP A 211 18.08 -4.66 46.06
C ASP A 211 19.44 -4.50 46.74
N PHE A 212 20.46 -4.11 45.97
CA PHE A 212 21.79 -3.87 46.52
C PHE A 212 22.51 -2.72 45.79
N VAL A 213 23.37 -1.99 46.51
CA VAL A 213 24.26 -1.00 45.90
C VAL A 213 25.73 -1.33 46.18
N VAL A 214 26.61 -0.98 45.24
CA VAL A 214 28.04 -1.22 45.34
C VAL A 214 28.80 0.04 45.04
N GLU A 215 29.65 0.51 45.93
CA GLU A 215 30.56 1.59 45.57
C GLU A 215 31.60 1.03 44.60
N ALA A 216 31.50 1.43 43.33
CA ALA A 216 32.38 0.91 42.27
C ALA A 216 33.87 1.19 42.51
N ASP A 217 34.74 0.52 41.77
CA ASP A 217 36.17 0.77 41.91
C ASP A 217 36.60 2.07 41.26
N GLN A 218 35.74 2.65 40.44
CA GLN A 218 36.01 3.90 39.73
C GLN A 218 34.73 4.34 39.01
N PRO A 219 34.57 5.65 38.77
CA PRO A 219 33.36 6.21 38.15
C PRO A 219 32.93 5.42 36.91
N PHE A 220 31.63 5.18 36.77
CA PHE A 220 31.11 4.38 35.64
C PHE A 220 31.49 5.03 34.32
N TYR A 221 31.86 4.21 33.34
CA TYR A 221 32.32 4.71 32.05
C TYR A 221 31.23 5.44 31.26
N ILE A 222 31.51 6.65 30.79
CA ILE A 222 30.55 7.37 29.96
C ILE A 222 31.11 7.57 28.57
N GLU A 223 30.34 7.13 27.57
CA GLU A 223 30.74 7.24 26.19
C GLU A 223 30.10 8.49 25.59
N PRO A 224 30.89 9.28 24.85
CA PRO A 224 30.32 10.42 24.16
C PRO A 224 29.76 10.02 22.81
N LEU A 225 28.89 9.02 22.84
CA LEU A 225 28.41 8.34 21.64
C LEU A 225 28.00 9.29 20.52
N PHE A 226 27.34 10.38 20.88
CA PHE A 226 26.76 11.26 19.87
C PHE A 226 27.57 12.48 19.51
N THR A 227 28.56 12.81 20.34
CA THR A 227 29.41 13.99 20.12
C THR A 227 30.18 13.82 18.82
N ARG A 228 30.15 14.84 17.98
CA ARG A 228 30.82 14.84 16.67
C ARG A 228 31.78 16.04 16.57
N ASP A 229 33.05 15.79 16.26
CA ASP A 229 34.07 16.84 16.09
C ASP A 229 33.78 17.69 14.85
N PRO A 230 33.34 18.95 14.98
CA PRO A 230 33.04 19.68 13.74
C PRO A 230 34.20 19.86 12.77
N ARG A 231 35.42 19.51 13.16
CA ARG A 231 36.56 19.58 12.25
C ARG A 231 36.37 18.61 11.09
N HIS A 232 35.86 17.41 11.38
CA HIS A 232 35.64 16.39 10.38
C HIS A 232 34.46 16.60 9.43
N ILE A 233 33.78 17.74 9.51
CA ILE A 233 32.65 17.99 8.62
C ILE A 233 33.15 18.60 7.32
N LYS A 234 32.94 17.88 6.21
CA LYS A 234 33.49 18.27 4.92
C LYS A 234 32.49 19.15 4.22
N PRO A 235 32.88 19.82 3.13
CA PRO A 235 31.83 20.61 2.47
C PRO A 235 30.70 19.77 1.82
N VAL A 236 30.87 18.48 1.57
CA VAL A 236 29.78 17.67 0.99
C VAL A 236 28.67 17.50 2.03
N HIS A 237 29.05 17.40 3.30
CA HIS A 237 28.10 17.34 4.39
C HIS A 237 27.29 18.63 4.44
N VAL A 238 28.00 19.73 4.33
CA VAL A 238 27.38 21.04 4.35
C VAL A 238 26.43 21.21 3.14
N LEU A 239 26.66 20.48 2.05
CA LEU A 239 25.77 20.60 0.90
C LEU A 239 24.45 19.90 1.17
N MET A 240 24.52 18.75 1.83
CA MET A 240 23.30 18.04 2.16
C MET A 240 22.54 18.77 3.29
N ALA A 241 23.29 19.34 4.23
CA ALA A 241 22.70 20.08 5.33
C ALA A 241 21.83 21.22 4.81
N MET A 242 22.28 21.88 3.75
CA MET A 242 21.52 22.97 3.17
C MET A 242 20.24 22.44 2.52
N MET A 243 20.34 21.35 1.79
CA MET A 243 19.17 20.81 1.11
C MET A 243 18.15 20.31 2.14
N ALA A 244 18.63 19.78 3.26
CA ALA A 244 17.73 19.36 4.32
C ALA A 244 16.94 20.56 4.84
N ILE A 245 17.65 21.64 5.13
CA ILE A 245 17.01 22.84 5.69
C ILE A 245 16.06 23.55 4.72
N ARG A 246 16.40 23.63 3.44
CA ARG A 246 15.50 24.38 2.56
C ARG A 246 14.54 23.44 1.83
N GLY A 247 15.04 22.30 1.35
CA GLY A 247 14.22 21.30 0.68
C GLY A 247 13.30 20.46 1.55
N ILE A 248 13.54 20.41 2.86
CA ILE A 248 12.70 19.62 3.74
C ILE A 248 12.12 20.39 4.92
N TYR A 249 12.98 20.84 5.83
CA TYR A 249 12.53 21.53 7.03
C TYR A 249 11.64 22.72 6.69
N GLN A 250 12.09 23.51 5.72
CA GLN A 250 11.33 24.67 5.31
C GLN A 250 10.17 24.34 4.40
N ARG A 251 10.32 23.40 3.46
CA ARG A 251 9.26 23.19 2.46
C ARG A 251 8.03 22.52 3.12
N HIS A 252 8.23 21.94 4.30
CA HIS A 252 7.15 21.24 5.01
C HIS A 252 6.82 21.83 6.38
N ASN A 253 7.55 22.89 6.75
CA ASN A 253 7.31 23.60 8.00
C ASN A 253 7.48 22.70 9.22
N VAL A 254 8.62 22.01 9.29
CA VAL A 254 8.92 21.11 10.37
C VAL A 254 9.15 21.89 11.66
N GLN A 255 8.34 21.63 12.67
CA GLN A 255 8.45 22.39 13.92
C GLN A 255 9.23 21.65 14.97
N SER A 256 9.20 20.31 14.89
CA SER A 256 9.90 19.47 15.85
C SER A 256 10.51 18.27 15.13
N LEU A 257 11.57 17.70 15.71
CA LEU A 257 12.32 16.66 15.01
C LEU A 257 13.28 15.88 15.91
N ASN A 258 13.88 14.84 15.34
CA ASN A 258 15.02 14.16 15.96
C ASN A 258 16.09 14.00 14.93
N HIS A 259 17.34 14.17 15.34
CA HIS A 259 18.48 13.98 14.44
C HIS A 259 19.16 12.65 14.79
N GLY A 260 19.32 11.80 13.80
CA GLY A 260 20.03 10.55 13.97
C GLY A 260 21.51 10.88 14.11
N ILE A 261 22.25 10.00 14.78
CA ILE A 261 23.67 10.19 14.97
C ILE A 261 24.32 10.38 13.61
N GLY A 262 25.51 10.97 13.59
CA GLY A 262 26.25 11.08 12.34
C GLY A 262 26.74 12.46 12.06
N PHE A 263 27.73 12.57 11.17
CA PHE A 263 28.25 13.90 10.84
C PHE A 263 27.24 14.65 9.99
N ASN A 264 26.47 13.89 9.22
CA ASN A 264 25.49 14.47 8.31
C ASN A 264 24.52 15.38 9.01
N THR A 265 24.01 14.96 10.17
CA THR A 265 23.04 15.78 10.90
C THR A 265 23.74 16.81 11.80
N ALA A 266 24.99 16.53 12.16
CA ALA A 266 25.81 17.50 12.87
C ALA A 266 26.00 18.70 11.98
N ALA A 267 26.11 18.45 10.68
CA ALA A 267 26.26 19.51 9.70
C ALA A 267 25.05 20.44 9.73
N ILE A 268 23.86 19.85 9.78
CA ILE A 268 22.62 20.61 9.81
C ILE A 268 22.56 21.48 11.06
N GLU A 269 22.76 20.86 12.22
CA GLU A 269 22.77 21.57 13.49
C GLU A 269 23.66 22.82 13.43
N LEU A 270 24.84 22.68 12.83
CA LEU A 270 25.81 23.77 12.83
C LEU A 270 25.62 24.85 11.74
N ILE A 271 24.81 24.61 10.72
CA ILE A 271 24.64 25.69 9.76
C ILE A 271 23.26 26.33 9.87
N LEU A 272 22.51 25.95 10.92
CA LEU A 272 21.20 26.58 11.17
C LEU A 272 21.37 28.07 11.48
N PRO A 273 22.22 28.41 12.47
CA PRO A 273 22.40 29.83 12.76
C PRO A 273 23.12 30.65 11.68
N THR A 274 23.35 30.08 10.49
CA THR A 274 23.96 30.83 9.39
C THR A 274 23.13 30.66 8.11
N TYR A 275 23.12 29.45 7.56
CA TYR A 275 22.32 29.21 6.37
C TYR A 275 20.85 29.31 6.72
N GLY A 276 20.45 28.78 7.89
CA GLY A 276 19.08 28.86 8.32
C GLY A 276 18.68 30.30 8.56
N GLU A 277 19.61 31.08 9.11
CA GLU A 277 19.38 32.49 9.37
C GLU A 277 19.21 33.26 8.09
N SER A 278 19.99 32.91 7.08
CA SER A 278 19.98 33.62 5.81
C SER A 278 18.69 33.36 5.05
N LEU A 279 17.83 32.56 5.64
CA LEU A 279 16.52 32.30 5.06
C LEU A 279 15.46 32.81 6.02
N GLY A 280 15.93 33.56 7.03
CA GLY A 280 15.05 34.14 8.03
C GLY A 280 14.14 33.12 8.67
N LEU A 281 14.70 31.97 8.99
CA LEU A 281 13.90 30.89 9.52
C LEU A 281 14.01 30.77 11.03
N LYS A 282 14.85 31.59 11.68
CA LYS A 282 15.01 31.52 13.14
C LYS A 282 13.62 31.57 13.74
N GLY A 283 13.29 30.62 14.60
CA GLY A 283 11.96 30.56 15.21
C GLY A 283 10.81 30.02 14.37
N LYS A 284 11.01 29.97 13.06
CA LYS A 284 9.97 29.49 12.16
C LYS A 284 9.97 27.94 12.04
N ILE A 285 11.12 27.33 12.34
CA ILE A 285 11.29 25.88 12.29
C ILE A 285 12.20 25.35 13.41
N CYS A 286 12.16 24.02 13.57
CA CYS A 286 12.98 23.28 14.52
C CYS A 286 12.97 23.82 15.95
N ARG A 287 11.78 24.14 16.45
CA ARG A 287 11.66 24.74 17.77
C ARG A 287 11.79 23.68 18.85
N HIS A 288 11.21 22.49 18.61
CA HIS A 288 11.21 21.42 19.61
C HIS A 288 12.04 20.19 19.21
N TRP A 289 12.88 19.69 20.12
CA TRP A 289 13.74 18.57 19.79
C TRP A 289 13.57 17.40 20.74
N THR A 290 13.61 16.18 20.19
CA THR A 290 13.84 14.99 20.99
C THR A 290 15.25 14.55 20.66
N LEU A 291 16.24 15.05 21.38
CA LEU A 291 17.58 14.83 20.92
C LEU A 291 18.50 14.65 22.10
N ASN A 292 19.63 13.99 21.88
CA ASN A 292 20.66 13.97 22.89
C ASN A 292 21.19 15.39 22.98
N PRO A 293 21.84 15.76 24.08
CA PRO A 293 22.38 17.13 24.14
C PRO A 293 23.69 17.26 23.34
N HIS A 294 23.54 17.21 22.03
CA HIS A 294 24.64 17.32 21.09
C HIS A 294 25.43 18.60 21.26
N PRO A 295 26.75 18.51 21.46
CA PRO A 295 27.53 19.75 21.51
C PRO A 295 27.46 20.53 20.22
N THR A 296 27.16 19.86 19.10
CA THR A 296 27.05 20.56 17.82
C THR A 296 25.74 21.34 17.74
N LEU A 297 24.90 21.21 18.76
CA LEU A 297 23.65 21.93 18.78
C LEU A 297 23.80 23.25 19.52
N ILE A 298 24.91 23.42 20.25
CA ILE A 298 25.09 24.59 21.11
C ILE A 298 24.90 25.95 20.43
N PRO A 299 25.61 26.22 19.33
CA PRO A 299 25.31 27.52 18.70
C PRO A 299 23.83 27.73 18.30
N ALA A 300 23.13 26.66 17.92
CA ALA A 300 21.70 26.78 17.58
C ALA A 300 20.88 27.17 18.81
N ILE A 301 21.29 26.71 20.00
CA ILE A 301 20.61 27.09 21.23
C ILE A 301 20.88 28.58 21.49
N GLU A 302 22.16 28.96 21.49
CA GLU A 302 22.58 30.35 21.74
C GLU A 302 22.06 31.33 20.70
N SER A 303 22.05 30.93 19.44
CA SER A 303 21.50 31.79 18.41
C SER A 303 20.00 32.01 18.64
N GLY A 304 19.44 31.22 19.57
CA GLY A 304 18.03 31.33 19.94
C GLY A 304 17.06 30.64 18.99
N TRP A 305 17.40 29.44 18.55
CA TRP A 305 16.55 28.64 17.65
C TRP A 305 15.75 27.63 18.45
N VAL A 306 16.42 27.01 19.40
CA VAL A 306 15.88 25.92 20.19
C VAL A 306 15.03 26.33 21.42
N GLU A 307 13.76 25.93 21.42
CA GLU A 307 12.87 26.22 22.54
C GLU A 307 12.94 25.15 23.62
N SER A 308 12.84 23.89 23.20
CA SER A 308 12.87 22.76 24.12
C SER A 308 13.75 21.65 23.59
N VAL A 309 14.34 20.90 24.52
CA VAL A 309 15.10 19.69 24.18
C VAL A 309 14.81 18.62 25.23
N HIS A 310 14.27 17.48 24.82
CA HIS A 310 14.15 16.35 25.75
C HIS A 310 15.13 15.24 25.39
N CYS A 311 15.92 14.81 26.36
CA CYS A 311 17.08 13.99 26.06
C CYS A 311 16.98 12.52 26.42
N PHE A 312 17.45 11.68 25.50
CA PHE A 312 17.60 10.23 25.69
C PHE A 312 18.65 9.97 26.74
N GLY A 313 19.79 10.63 26.60
CA GLY A 313 20.85 10.51 27.57
C GLY A 313 21.60 11.81 27.66
N THR A 314 22.87 11.75 28.07
CA THR A 314 23.68 12.95 28.14
C THR A 314 25.00 12.71 27.48
N GLU A 315 25.45 13.71 26.74
CA GLU A 315 26.75 13.65 26.13
C GLU A 315 27.76 14.14 27.12
N LEU A 316 28.73 13.29 27.47
CA LEU A 316 29.78 13.66 28.42
C LEU A 316 30.37 15.05 28.17
N GLY A 317 30.37 15.86 29.21
CA GLY A 317 30.89 17.21 29.17
C GLY A 317 29.84 18.28 29.02
N MET A 318 28.59 17.86 28.75
CA MET A 318 27.52 18.82 28.51
C MET A 318 26.67 19.13 29.76
N GLU A 319 26.87 18.35 30.82
CA GLU A 319 26.14 18.49 32.08
C GLU A 319 26.10 19.93 32.60
N GLY A 320 27.26 20.58 32.71
CA GLY A 320 27.34 21.93 33.24
C GLY A 320 26.68 22.97 32.35
N TYR A 321 26.70 22.71 31.04
CA TYR A 321 26.10 23.64 30.10
C TYR A 321 24.60 23.60 30.29
N ILE A 322 24.08 22.38 30.41
CA ILE A 322 22.65 22.09 30.55
C ILE A 322 22.04 22.64 31.84
N ALA A 323 22.75 22.53 32.94
CA ALA A 323 22.27 23.06 34.21
C ALA A 323 22.08 24.57 34.09
N GLN A 324 22.88 25.18 33.22
CA GLN A 324 22.82 26.62 33.03
C GLN A 324 21.76 27.01 32.00
N ARG A 325 21.04 26.02 31.48
CA ARG A 325 19.99 26.24 30.48
C ARG A 325 18.62 25.60 30.82
N PRO A 326 18.12 25.81 32.05
CA PRO A 326 16.89 25.14 32.49
C PRO A 326 15.67 25.40 31.59
N ASP A 327 15.67 26.50 30.84
CA ASP A 327 14.54 26.86 29.98
C ASP A 327 14.43 25.95 28.77
N VAL A 328 15.56 25.37 28.39
CA VAL A 328 15.65 24.53 27.20
C VAL A 328 15.56 23.03 27.52
N PHE A 329 16.43 22.59 28.43
CA PHE A 329 16.49 21.19 28.81
C PHE A 329 15.58 20.85 29.97
N PHE A 330 15.34 19.57 30.18
CA PHE A 330 14.52 19.16 31.32
C PHE A 330 15.42 18.90 32.53
N THR A 331 15.41 19.82 33.49
CA THR A 331 16.25 19.68 34.66
C THR A 331 15.44 19.46 35.94
N GLY A 332 16.06 18.76 36.88
CA GLY A 332 15.46 18.50 38.17
C GLY A 332 15.51 19.73 39.05
N ARG A 333 15.00 19.60 40.27
CA ARG A 333 14.99 20.69 41.22
C ARG A 333 16.37 20.83 41.85
N ASP A 334 17.22 19.83 41.60
CA ASP A 334 18.61 19.86 41.99
C ASP A 334 19.47 20.66 41.00
N GLY A 335 18.94 20.87 39.81
CA GLY A 335 19.61 21.66 38.79
C GLY A 335 20.17 20.89 37.62
N SER A 336 20.35 19.59 37.79
CA SER A 336 20.97 18.74 36.77
C SER A 336 19.94 18.16 35.83
N LEU A 337 20.42 17.63 34.71
CA LEU A 337 19.55 17.06 33.69
C LEU A 337 18.86 15.78 34.20
N ARG A 338 17.68 15.50 33.65
CA ARG A 338 16.98 14.22 33.86
C ARG A 338 16.64 13.67 32.48
N SER A 339 17.54 12.87 31.94
CA SER A 339 17.29 12.22 30.68
C SER A 339 16.38 11.05 30.96
N ASN A 340 15.75 10.54 29.91
CA ASN A 340 14.87 9.38 30.00
C ASN A 340 14.72 8.75 28.63
N ARG A 341 15.57 7.78 28.32
CA ARG A 341 15.58 7.22 26.97
C ARG A 341 14.24 6.57 26.63
N MET A 342 13.53 6.01 27.60
CA MET A 342 12.21 5.45 27.25
C MET A 342 11.26 6.59 26.87
N PHE A 343 11.24 7.65 27.67
CA PHE A 343 10.24 8.70 27.49
C PHE A 343 10.62 9.52 26.25
N CYS A 344 11.92 9.77 26.05
CA CYS A 344 12.35 10.50 24.86
C CYS A 344 12.05 9.69 23.62
N GLN A 345 12.43 8.40 23.62
CA GLN A 345 12.14 7.55 22.47
C GLN A 345 10.67 7.57 22.06
N LEU A 346 9.80 7.54 23.06
CA LEU A 346 8.39 7.56 22.84
C LEU A 346 7.98 8.84 22.11
N ALA A 347 8.49 9.96 22.61
CA ALA A 347 8.25 11.29 22.00
C ALA A 347 8.76 11.38 20.57
N GLY A 348 9.95 10.81 20.33
CA GLY A 348 10.58 10.78 19.03
C GLY A 348 9.73 10.07 18.00
N GLN A 349 8.87 9.16 18.45
CA GLN A 349 7.91 8.51 17.56
C GLN A 349 6.60 9.33 17.42
N TYR A 350 5.88 9.51 18.54
CA TYR A 350 4.53 10.06 18.51
C TYR A 350 4.39 11.60 18.46
N ALA A 351 5.36 12.34 18.99
CA ALA A 351 5.16 13.78 19.22
C ALA A 351 5.93 14.71 18.30
N VAL A 352 6.84 14.12 17.52
CA VAL A 352 7.77 14.85 16.67
C VAL A 352 7.46 14.77 15.16
N ASP A 353 7.54 15.90 14.47
CA ASP A 353 7.25 16.00 13.03
C ASP A 353 8.14 15.13 12.11
N LEU A 354 9.44 15.09 12.41
CA LEU A 354 10.40 14.49 11.48
C LEU A 354 11.49 13.66 12.17
N PHE A 355 12.01 12.65 11.46
CA PHE A 355 13.26 12.00 11.82
C PHE A 355 14.16 12.04 10.60
N ILE A 356 15.45 12.25 10.84
CA ILE A 356 16.46 12.32 9.76
C ILE A 356 17.74 11.66 10.24
N GLY A 357 18.23 10.70 9.49
CA GLY A 357 19.40 9.97 9.94
C GLY A 357 20.18 9.42 8.77
N ALA A 358 21.40 8.94 9.03
CA ALA A 358 22.24 8.38 7.97
C ALA A 358 22.12 6.86 7.97
N THR A 359 22.97 6.19 7.19
CA THR A 359 22.90 4.73 7.05
C THR A 359 24.04 4.22 6.19
N LEU A 360 24.27 2.90 6.23
CA LEU A 360 25.36 2.26 5.50
C LEU A 360 24.97 1.65 4.15
N GLN A 361 23.72 1.21 4.01
CA GLN A 361 23.26 0.68 2.73
C GLN A 361 21.76 0.93 2.48
N VAL A 362 21.42 1.05 1.20
CA VAL A 362 20.06 1.20 0.72
C VAL A 362 19.92 0.50 -0.63
N ASP A 363 18.85 -0.27 -0.83
CA ASP A 363 18.63 -0.86 -2.15
C ASP A 363 17.67 -0.01 -2.97
N GLY A 364 17.40 -0.44 -4.19
CA GLY A 364 16.55 0.28 -5.11
C GLY A 364 15.16 0.53 -4.62
N ASP A 365 14.74 -0.12 -3.53
CA ASP A 365 13.38 0.05 -3.01
C ASP A 365 13.29 1.02 -1.82
N GLY A 366 14.48 1.44 -1.37
CA GLY A 366 14.65 2.37 -0.28
C GLY A 366 14.92 1.70 1.04
N HIS A 367 15.01 0.38 1.02
CA HIS A 367 15.29 -0.36 2.25
C HIS A 367 16.67 0.00 2.77
N SER A 368 16.74 0.39 4.03
CA SER A 368 17.97 0.87 4.67
C SER A 368 18.44 -0.02 5.83
N SER A 369 19.75 -0.19 5.98
CA SER A 369 20.25 -1.01 7.07
C SER A 369 21.69 -0.68 7.39
N THR A 370 22.13 -1.09 8.57
CA THR A 370 23.52 -0.91 9.01
C THR A 370 24.26 -2.24 8.99
N VAL A 371 23.53 -3.32 8.75
CA VAL A 371 24.07 -4.68 8.71
C VAL A 371 24.72 -5.05 7.37
N THR A 372 26.01 -5.36 7.43
CA THR A 372 26.87 -5.60 6.27
C THR A 372 27.78 -6.81 6.52
N ARG A 373 27.97 -7.64 5.50
CA ARG A 373 28.84 -8.85 5.53
C ARG A 373 29.57 -9.20 6.84
N GLY A 374 29.08 -10.22 7.54
CA GLY A 374 29.72 -10.69 8.77
C GLY A 374 29.79 -9.68 9.91
N ARG A 375 29.21 -8.51 9.69
CA ARG A 375 29.15 -7.47 10.70
C ARG A 375 27.71 -7.17 11.09
N LEU A 376 27.32 -7.60 12.28
CA LEU A 376 25.96 -7.37 12.79
C LEU A 376 25.89 -6.06 13.57
N ALA A 377 25.73 -4.96 12.83
CA ALA A 377 25.53 -3.66 13.45
C ALA A 377 24.15 -3.61 14.13
N GLY A 378 23.92 -2.60 14.95
CA GLY A 378 22.65 -2.51 15.62
C GLY A 378 21.73 -1.52 14.94
N PHE A 379 20.50 -1.45 15.43
CA PHE A 379 19.53 -0.54 14.86
C PHE A 379 19.43 0.72 15.70
N GLY A 380 19.80 0.61 16.97
CA GLY A 380 19.68 1.74 17.86
C GLY A 380 18.25 2.24 17.85
N GLY A 381 18.10 3.56 17.86
CA GLY A 381 16.79 4.19 17.91
C GLY A 381 16.16 4.44 16.54
N ALA A 382 16.90 4.09 15.48
CA ALA A 382 16.44 4.35 14.11
C ALA A 382 15.09 3.68 13.77
N PRO A 383 14.89 2.39 14.11
CA PRO A 383 13.58 1.87 13.68
C PRO A 383 12.40 2.53 14.40
N ASN A 384 12.59 3.01 15.63
CA ASN A 384 11.47 3.60 16.34
C ASN A 384 11.09 4.96 15.79
N MET A 385 12.09 5.71 15.34
CA MET A 385 11.85 7.03 14.80
C MET A 385 11.85 7.04 13.27
N GLY A 386 12.32 5.96 12.66
CA GLY A 386 12.32 5.81 11.22
C GLY A 386 11.13 5.03 10.69
N HIS A 387 9.93 5.47 11.04
CA HIS A 387 8.72 4.82 10.56
C HIS A 387 7.55 5.77 10.76
N ASP A 388 6.52 5.61 9.95
CA ASP A 388 5.30 6.42 10.06
C ASP A 388 4.46 5.84 11.19
N PRO A 389 4.43 6.51 12.36
CA PRO A 389 3.69 5.99 13.53
C PRO A 389 2.19 5.87 13.25
N ARG A 390 1.77 4.67 12.85
CA ARG A 390 0.40 4.37 12.44
C ARG A 390 -0.66 4.60 13.54
N GLY A 391 -0.22 4.71 14.79
CA GLY A 391 -1.13 4.91 15.91
C GLY A 391 -1.40 6.36 16.29
N ARG A 392 -0.71 7.27 15.63
CA ARG A 392 -0.85 8.69 15.90
C ARG A 392 -2.10 9.29 15.25
N ARG A 393 -2.75 10.21 15.96
CA ARG A 393 -3.98 10.82 15.47
C ARG A 393 -3.90 12.33 15.51
N HIS A 394 -3.03 12.84 16.37
CA HIS A 394 -2.96 14.28 16.57
C HIS A 394 -2.35 14.97 15.37
N SER A 395 -3.07 15.94 14.86
CA SER A 395 -2.61 16.70 13.70
C SER A 395 -1.51 17.71 14.02
N THR A 396 -0.64 17.93 13.04
CA THR A 396 0.41 18.95 13.12
C THR A 396 0.65 19.43 11.69
N PRO A 397 1.04 20.70 11.52
CA PRO A 397 1.38 21.24 10.20
C PRO A 397 2.18 20.31 9.25
N ALA A 398 3.42 19.96 9.59
CA ALA A 398 4.23 19.08 8.74
C ALA A 398 3.60 17.71 8.48
N TRP A 399 3.05 17.11 9.52
CA TRP A 399 2.41 15.80 9.45
C TRP A 399 1.34 15.78 8.37
N LEU A 400 0.53 16.84 8.32
CA LEU A 400 -0.55 16.97 7.34
C LEU A 400 -0.07 17.30 5.93
N ASP A 401 1.09 17.96 5.79
CA ASP A 401 1.57 18.37 4.45
C ASP A 401 1.81 17.17 3.53
N MET A 402 2.01 16.00 4.12
CA MET A 402 2.28 14.77 3.38
C MET A 402 1.08 14.19 2.65
N ARG A 403 -0.11 14.69 2.95
CA ARG A 403 -1.34 14.16 2.34
C ARG A 403 -1.47 14.55 0.86
N GLY A 404 -1.69 13.55 0.01
CA GLY A 404 -1.91 13.76 -1.41
C GLY A 404 -3.16 14.57 -1.71
N GLU A 405 -4.29 14.13 -1.20
CA GLU A 405 -5.52 14.90 -1.39
C GLU A 405 -5.97 15.43 -0.03
N PRO A 406 -5.55 16.66 0.30
CA PRO A 406 -5.74 17.35 1.59
C PRO A 406 -7.19 17.58 2.08
N GLU A 407 -8.22 17.29 1.29
CA GLU A 407 -9.56 17.35 1.87
C GLU A 407 -10.28 16.02 1.71
N ALA A 408 -9.49 14.97 1.51
CA ALA A 408 -9.90 13.63 1.87
C ALA A 408 -9.76 13.48 3.38
N LEU A 409 -10.90 13.40 4.09
CA LEU A 409 -10.88 13.36 5.55
C LEU A 409 -10.42 12.01 6.12
N LEU A 410 -10.39 11.01 5.25
CA LEU A 410 -10.03 9.67 5.67
C LEU A 410 -8.55 9.44 5.44
N GLU A 411 -7.95 10.20 4.52
CA GLU A 411 -6.53 10.05 4.27
C GLU A 411 -5.80 10.63 5.46
N ARG A 412 -4.96 9.83 6.11
CA ARG A 412 -4.22 10.33 7.25
C ARG A 412 -2.87 10.88 6.86
N GLY A 413 -2.23 11.57 7.80
CA GLY A 413 -0.96 12.18 7.55
C GLY A 413 0.16 11.18 7.73
N ARG A 414 1.40 11.67 7.62
CA ARG A 414 2.60 10.84 7.72
C ARG A 414 3.70 11.59 8.42
N LYS A 415 4.49 10.89 9.22
CA LYS A 415 5.68 11.47 9.78
C LYS A 415 6.75 11.58 8.69
N LEU A 416 7.45 12.71 8.68
CA LEU A 416 8.56 12.86 7.76
C LEU A 416 9.67 11.92 8.22
N VAL A 417 10.05 11.01 7.34
CA VAL A 417 11.14 10.08 7.61
C VAL A 417 12.18 10.28 6.54
N VAL A 418 13.29 10.93 6.89
CA VAL A 418 14.36 11.27 5.95
C VAL A 418 15.60 10.37 6.08
N GLN A 419 16.08 9.87 4.95
CA GLN A 419 17.28 9.05 4.96
C GLN A 419 18.33 9.89 4.29
N MET A 420 19.30 10.34 5.08
CA MET A 420 20.27 11.35 4.62
C MET A 420 21.64 10.76 4.43
N VAL A 421 22.01 10.50 3.18
CA VAL A 421 23.25 9.78 2.94
C VAL A 421 23.90 10.20 1.63
N GLU A 422 25.22 10.14 1.62
CA GLU A 422 26.01 10.38 0.42
C GLU A 422 25.89 9.16 -0.48
N THR A 423 26.01 9.35 -1.79
CA THR A 423 25.85 8.26 -2.73
C THR A 423 26.84 7.17 -2.47
N PHE A 424 27.96 7.55 -1.84
CA PHE A 424 29.01 6.59 -1.52
C PHE A 424 29.50 6.65 -0.09
N GLN A 425 29.61 5.46 0.46
CA GLN A 425 30.30 5.25 1.69
C GLN A 425 31.72 5.60 1.36
N ASP A 426 32.54 5.93 2.34
CA ASP A 426 33.79 6.56 1.92
C ASP A 426 34.71 5.54 1.24
N GLY A 427 34.88 4.36 1.86
CA GLY A 427 35.72 3.29 1.35
C GLY A 427 35.51 2.82 -0.08
N GLY A 428 34.99 3.69 -0.95
CA GLY A 428 34.74 3.38 -2.35
C GLY A 428 33.60 2.37 -2.63
N LYS A 429 32.94 1.93 -1.56
CA LYS A 429 31.72 1.12 -1.66
C LYS A 429 30.58 2.09 -1.99
N PRO A 430 29.64 1.66 -2.85
CA PRO A 430 28.45 2.49 -3.06
C PRO A 430 27.41 2.34 -1.93
N THR A 431 26.63 3.37 -1.64
CA THR A 431 25.61 3.23 -0.60
C THR A 431 24.36 2.54 -1.17
N PHE A 432 23.91 3.02 -2.33
CA PHE A 432 22.77 2.44 -2.99
C PHE A 432 23.18 1.24 -3.86
N VAL A 433 22.88 0.04 -3.34
CA VAL A 433 23.27 -1.24 -3.96
C VAL A 433 22.06 -2.02 -4.48
N GLU A 434 22.33 -3.04 -5.28
CA GLU A 434 21.26 -3.86 -5.85
C GLU A 434 20.55 -4.71 -4.77
N ARG A 435 21.33 -5.33 -3.90
CA ARG A 435 20.79 -6.14 -2.82
C ARG A 435 21.41 -5.70 -1.52
N LEU A 436 20.62 -5.62 -0.46
CA LEU A 436 21.18 -5.33 0.85
C LEU A 436 22.08 -6.49 1.32
N ASP A 437 23.19 -6.17 1.96
CA ASP A 437 24.04 -7.22 2.51
C ASP A 437 23.23 -8.01 3.50
N ALA A 438 22.37 -7.28 4.20
CA ALA A 438 21.53 -7.83 5.25
C ALA A 438 20.80 -9.12 4.83
N LEU A 439 20.45 -9.24 3.55
CA LEU A 439 19.80 -10.44 3.04
C LEU A 439 20.68 -11.66 3.24
N GLU A 440 21.95 -11.56 2.83
CA GLU A 440 22.85 -12.70 2.93
C GLU A 440 23.22 -12.99 4.37
N VAL A 441 23.35 -11.94 5.18
CA VAL A 441 23.63 -12.12 6.60
C VAL A 441 22.48 -12.88 7.27
N ALA A 442 21.27 -12.70 6.76
CA ALA A 442 20.12 -13.39 7.32
C ALA A 442 20.16 -14.88 7.03
N ARG A 443 20.48 -15.26 5.79
CA ARG A 443 20.52 -16.69 5.42
C ARG A 443 21.52 -17.43 6.30
N GLN A 444 22.64 -16.77 6.57
CA GLN A 444 23.71 -17.36 7.33
C GLN A 444 23.63 -17.07 8.82
N THR A 445 22.42 -16.85 9.34
CA THR A 445 22.25 -16.63 10.78
C THR A 445 20.92 -17.23 11.23
N GLY A 446 20.23 -17.85 10.29
CA GLY A 446 18.94 -18.44 10.59
C GLY A 446 17.98 -17.36 11.05
N MET A 447 18.26 -16.13 10.62
CA MET A 447 17.38 -14.98 10.83
C MET A 447 16.18 -15.23 9.93
N PRO A 448 14.97 -15.10 10.49
CA PRO A 448 13.70 -15.37 9.78
C PRO A 448 13.38 -14.33 8.72
N LEU A 449 13.86 -13.10 8.90
CA LEU A 449 13.66 -12.05 7.91
C LEU A 449 14.87 -11.14 7.92
N ALA A 450 15.27 -10.63 6.75
CA ALA A 450 16.46 -9.78 6.68
C ALA A 450 16.36 -8.55 7.59
N PRO A 451 17.44 -8.29 8.36
CA PRO A 451 17.62 -7.12 9.25
C PRO A 451 17.69 -5.79 8.48
N VAL A 452 16.52 -5.20 8.32
CA VAL A 452 16.37 -3.90 7.73
C VAL A 452 16.18 -2.92 8.88
N MET A 453 16.89 -1.79 8.84
CA MET A 453 16.77 -0.76 9.85
C MET A 453 15.55 0.12 9.60
N ILE A 454 15.44 0.62 8.36
CA ILE A 454 14.28 1.42 7.98
C ILE A 454 13.78 0.89 6.66
N TYR A 455 12.49 0.61 6.56
CA TYR A 455 11.94 0.02 5.36
C TYR A 455 11.62 1.09 4.30
N GLY A 456 11.91 0.75 3.05
CA GLY A 456 11.64 1.63 1.93
C GLY A 456 10.25 2.24 1.87
N ASP A 457 9.21 1.50 2.28
CA ASP A 457 7.85 2.03 2.19
C ASP A 457 7.61 3.08 3.29
N ASP A 458 8.49 3.09 4.28
CA ASP A 458 8.40 4.04 5.40
C ASP A 458 9.11 5.39 5.16
N VAL A 459 10.06 5.40 4.23
CA VAL A 459 10.84 6.62 3.94
C VAL A 459 10.06 7.59 3.07
N THR A 460 10.09 8.85 3.47
CA THR A 460 9.39 9.91 2.76
C THR A 460 10.34 10.77 1.94
N HIS A 461 11.53 10.98 2.46
CA HIS A 461 12.54 11.77 1.77
C HIS A 461 13.85 11.00 1.68
N VAL A 462 14.41 10.90 0.47
CA VAL A 462 15.77 10.40 0.33
C VAL A 462 16.68 11.55 -0.02
N LEU A 463 17.62 11.85 0.87
CA LEU A 463 18.50 13.01 0.72
C LEU A 463 19.95 12.65 0.47
N THR A 464 20.47 13.18 -0.63
CA THR A 464 21.76 12.83 -1.17
C THR A 464 22.52 14.09 -1.59
N GLU A 465 23.85 14.05 -1.73
CA GLU A 465 24.57 15.20 -2.28
C GLU A 465 24.10 15.47 -3.74
N GLU A 466 23.30 14.57 -4.28
CA GLU A 466 22.81 14.70 -5.63
C GLU A 466 21.57 15.53 -5.64
N GLY A 467 20.76 15.37 -4.60
CA GLY A 467 19.45 16.01 -4.51
C GLY A 467 18.48 15.32 -3.56
N ILE A 468 17.23 15.77 -3.55
CA ILE A 468 16.21 15.18 -2.71
C ILE A 468 15.17 14.40 -3.52
N ALA A 469 14.87 13.19 -3.08
CA ALA A 469 13.78 12.44 -3.69
C ALA A 469 12.60 12.41 -2.73
N TYR A 470 11.51 13.07 -3.15
CA TYR A 470 10.31 13.16 -2.35
C TYR A 470 9.42 11.91 -2.47
N LEU A 471 9.93 10.78 -1.96
CA LEU A 471 9.26 9.49 -2.11
C LEU A 471 7.81 9.47 -1.62
N TYR A 472 7.50 10.29 -0.62
CA TYR A 472 6.13 10.37 -0.07
C TYR A 472 5.08 10.64 -1.15
N LYS A 473 5.54 11.07 -2.34
CA LYS A 473 4.68 11.40 -3.46
C LYS A 473 4.60 10.28 -4.47
N ALA A 474 5.33 9.20 -4.22
CA ALA A 474 5.37 8.07 -5.15
C ALA A 474 4.01 7.41 -5.31
N ARG A 475 3.53 7.33 -6.54
CA ARG A 475 2.22 6.72 -6.78
C ARG A 475 2.33 5.19 -6.76
N SER A 476 3.44 4.65 -7.26
CA SER A 476 3.66 3.22 -7.25
C SER A 476 5.08 2.88 -6.83
N LEU A 477 5.35 1.60 -6.56
CA LEU A 477 6.71 1.19 -6.21
C LEU A 477 7.66 1.47 -7.36
N GLU A 478 7.21 1.23 -8.58
CA GLU A 478 8.04 1.47 -9.76
C GLU A 478 8.45 2.96 -9.83
N GLU A 479 7.51 3.85 -9.49
CA GLU A 479 7.80 5.29 -9.43
C GLU A 479 8.75 5.64 -8.30
N ARG A 480 8.56 5.02 -7.13
CA ARG A 480 9.52 5.19 -6.04
C ARG A 480 10.96 4.82 -6.44
N GLN A 481 11.13 3.68 -7.11
CA GLN A 481 12.46 3.21 -7.54
C GLN A 481 13.06 4.18 -8.52
N ALA A 482 12.17 4.75 -9.35
CA ALA A 482 12.62 5.72 -10.33
C ALA A 482 13.20 6.92 -9.60
N MET A 483 12.53 7.34 -8.53
CA MET A 483 12.96 8.53 -7.80
C MET A 483 14.29 8.29 -7.08
N ILE A 484 14.44 7.11 -6.48
CA ILE A 484 15.66 6.82 -5.73
C ILE A 484 16.84 6.86 -6.66
N ALA A 485 16.74 6.19 -7.80
CA ALA A 485 17.84 6.13 -8.76
C ALA A 485 18.24 7.52 -9.25
N ALA A 486 17.28 8.45 -9.34
CA ALA A 486 17.57 9.82 -9.81
C ALA A 486 18.53 10.56 -8.85
N VAL A 487 18.38 10.38 -7.56
CA VAL A 487 19.32 11.01 -6.63
C VAL A 487 20.49 10.10 -6.24
N ALA A 488 20.58 8.91 -6.83
CA ALA A 488 21.53 7.89 -6.38
C ALA A 488 22.93 7.99 -7.01
N GLY A 489 23.18 9.00 -7.84
CA GLY A 489 24.53 9.25 -8.31
C GLY A 489 25.04 8.18 -9.26
N ILE A 490 26.33 7.85 -9.16
CA ILE A 490 26.87 6.81 -10.03
C ILE A 490 27.04 5.46 -9.31
N SER A 491 26.20 5.23 -8.31
CA SER A 491 26.11 3.94 -7.64
C SER A 491 25.39 2.99 -8.58
N PRO A 492 25.53 1.68 -8.36
CA PRO A 492 24.85 0.74 -9.25
C PRO A 492 23.33 0.98 -9.34
N ILE A 493 22.70 1.53 -8.32
CA ILE A 493 21.27 1.84 -8.36
C ILE A 493 21.08 3.08 -9.23
N GLY A 494 21.94 4.07 -9.05
CA GLY A 494 21.85 5.31 -9.78
C GLY A 494 22.16 5.19 -11.26
N LEU A 495 22.89 4.14 -11.62
CA LEU A 495 23.21 3.91 -13.03
C LEU A 495 22.01 3.33 -13.77
N ARG A 496 20.94 3.01 -13.04
CA ARG A 496 19.68 2.58 -13.66
C ARG A 496 18.94 3.80 -14.22
N HIS A 497 19.18 4.95 -13.62
CA HIS A 497 18.51 6.17 -14.02
C HIS A 497 18.91 6.73 -15.37
N ASP A 498 17.92 7.02 -16.21
CA ASP A 498 18.17 7.66 -17.50
C ASP A 498 18.05 9.17 -17.38
N PRO A 499 19.17 9.89 -17.49
CA PRO A 499 19.29 11.34 -17.30
C PRO A 499 18.27 12.21 -18.07
N ARG A 500 17.81 11.78 -19.24
CA ARG A 500 16.87 12.60 -20.00
C ARG A 500 15.54 12.68 -19.28
N GLU A 501 15.36 11.81 -18.30
CA GLU A 501 14.16 11.77 -17.49
C GLU A 501 14.19 12.73 -16.29
N THR A 502 15.35 13.35 -16.04
CA THR A 502 15.50 14.18 -14.85
C THR A 502 14.63 15.41 -14.88
N GLN A 503 14.59 16.10 -16.00
CA GLN A 503 13.89 17.37 -16.06
C GLN A 503 12.44 17.11 -15.66
N ARG A 504 11.81 16.10 -16.28
CA ARG A 504 10.44 15.68 -15.95
C ARG A 504 10.22 15.52 -14.45
N MET A 505 11.16 14.83 -13.82
CA MET A 505 11.03 14.50 -12.41
C MET A 505 11.21 15.75 -11.56
N ARG A 506 11.99 16.70 -12.09
CA ARG A 506 12.28 17.94 -11.39
C ARG A 506 11.06 18.83 -11.43
N ARG A 507 10.54 18.97 -12.65
CA ARG A 507 9.39 19.81 -12.89
C ARG A 507 8.21 19.32 -12.11
N GLU A 508 8.03 18.00 -12.09
CA GLU A 508 6.88 17.42 -11.39
C GLU A 508 7.10 17.45 -9.88
N GLY A 509 8.31 17.85 -9.47
CA GLY A 509 8.60 18.01 -8.06
C GLY A 509 8.80 16.70 -7.36
N LEU A 510 9.19 15.70 -8.15
CA LEU A 510 9.45 14.37 -7.64
C LEU A 510 10.79 14.38 -6.96
N ILE A 511 11.73 15.08 -7.58
CA ILE A 511 13.06 15.26 -7.01
C ILE A 511 13.35 16.74 -6.99
N ALA A 512 14.32 17.14 -6.18
CA ALA A 512 14.80 18.51 -6.15
C ALA A 512 16.31 18.50 -6.22
N LEU A 513 16.87 19.15 -7.23
CA LEU A 513 18.31 19.29 -7.26
C LEU A 513 18.68 20.51 -6.43
N PRO A 514 19.94 20.61 -6.00
CA PRO A 514 20.27 21.79 -5.21
C PRO A 514 19.97 23.08 -5.98
N GLU A 515 20.14 23.06 -7.29
CA GLU A 515 19.74 24.19 -8.11
C GLU A 515 18.25 24.54 -7.89
N ASP A 516 17.43 23.52 -7.68
CA ASP A 516 15.96 23.67 -7.58
C ASP A 516 15.54 24.36 -6.29
N LEU A 517 16.46 24.33 -5.32
CA LEU A 517 16.23 24.91 -4.02
C LEU A 517 16.85 26.29 -3.90
N GLY A 518 17.53 26.76 -4.94
CA GLY A 518 18.21 28.05 -4.86
C GLY A 518 19.55 27.91 -4.15
N ILE A 519 20.14 26.73 -4.28
CA ILE A 519 21.40 26.35 -3.67
C ILE A 519 22.44 26.07 -4.74
N ARG A 520 23.41 26.97 -4.92
CA ARG A 520 24.49 26.65 -5.85
C ARG A 520 25.41 25.67 -5.13
N ARG A 521 25.70 24.54 -5.76
CA ARG A 521 26.50 23.50 -5.14
C ARG A 521 27.86 23.99 -4.59
N THR A 522 28.53 24.87 -5.33
CA THR A 522 29.86 25.32 -4.91
C THR A 522 29.81 26.32 -3.74
N ASP A 523 28.61 26.63 -3.26
CA ASP A 523 28.42 27.54 -2.13
C ASP A 523 28.60 26.79 -0.84
N ALA A 524 28.80 25.49 -0.95
CA ALA A 524 28.95 24.64 0.23
C ALA A 524 30.39 24.61 0.70
N SER A 525 30.67 25.27 1.83
CA SER A 525 32.00 25.26 2.39
C SER A 525 31.88 25.21 3.89
N ARG A 526 32.99 25.05 4.60
CA ARG A 526 32.94 25.02 6.06
C ARG A 526 32.64 26.41 6.64
N GLU A 527 32.69 27.44 5.80
CA GLU A 527 32.48 28.81 6.25
C GLU A 527 31.05 29.00 6.79
N LEU A 528 30.16 28.08 6.41
CA LEU A 528 28.79 28.06 6.91
C LEU A 528 28.70 27.44 8.32
N LEU A 529 29.67 26.63 8.69
CA LEU A 529 29.67 26.04 10.01
C LEU A 529 29.74 27.14 11.05
N ALA A 530 28.79 27.13 11.97
CA ALA A 530 28.74 28.13 13.03
C ALA A 530 29.94 27.99 13.93
N ALA A 531 30.29 26.74 14.21
CA ALA A 531 31.49 26.41 14.97
C ALA A 531 32.35 25.53 14.09
N LYS A 532 33.63 25.86 13.98
CA LYS A 532 34.52 25.15 13.07
C LYS A 532 35.34 24.05 13.75
N SER A 533 35.32 24.01 15.08
CA SER A 533 36.12 23.05 15.84
C SER A 533 35.50 22.77 17.20
N ILE A 534 36.06 21.80 17.95
CA ILE A 534 35.59 21.52 19.31
C ILE A 534 35.81 22.74 20.20
N ALA A 535 36.91 23.45 19.96
CA ALA A 535 37.24 24.64 20.74
C ALA A 535 36.19 25.72 20.51
N GLU A 536 35.79 25.91 19.26
CA GLU A 536 34.78 26.91 18.96
C GLU A 536 33.42 26.51 19.60
N LEU A 537 33.18 25.21 19.75
CA LEU A 537 31.98 24.74 20.44
C LEU A 537 32.02 25.12 21.92
N VAL A 538 33.21 25.05 22.53
CA VAL A 538 33.37 25.43 23.93
C VAL A 538 33.09 26.92 24.16
N GLU A 539 33.34 27.77 23.16
CA GLU A 539 33.15 29.19 23.44
C GLU A 539 31.86 29.79 22.91
N TRP A 540 31.11 29.05 22.12
CA TRP A 540 29.70 29.37 22.02
C TRP A 540 29.08 29.08 23.36
N SER A 541 29.54 27.99 23.99
CA SER A 541 29.02 27.59 25.29
C SER A 541 29.62 28.44 26.40
N GLY A 542 30.50 29.37 26.03
CA GLY A 542 31.09 30.26 27.01
C GLY A 542 31.83 29.55 28.14
N GLY A 543 32.60 28.53 27.79
CA GLY A 543 33.41 27.81 28.74
C GLY A 543 32.69 26.69 29.48
N LEU A 544 31.37 26.61 29.31
CA LEU A 544 30.55 25.68 30.05
C LEU A 544 30.68 24.23 29.60
N TYR A 545 30.83 24.03 28.28
CA TYR A 545 31.04 22.72 27.70
C TYR A 545 32.48 22.28 27.99
N GLN A 546 32.61 21.16 28.70
CA GLN A 546 33.90 20.60 29.03
C GLN A 546 34.12 19.30 28.25
N PRO A 547 34.56 19.41 26.97
CA PRO A 547 34.74 18.24 26.11
C PRO A 547 35.60 17.18 26.76
N PRO A 548 35.24 15.90 26.60
CA PRO A 548 36.06 14.82 27.18
C PRO A 548 37.41 14.69 26.46
N ALA A 549 38.43 14.28 27.22
CA ALA A 549 39.83 14.19 26.79
C ALA A 549 40.03 13.82 25.33
N ARG A 550 39.30 12.81 24.87
CA ARG A 550 39.22 12.43 23.47
C ARG A 550 39.18 13.64 22.47
N PHE A 551 38.30 14.62 22.71
CA PHE A 551 38.15 15.76 21.78
C PHE A 551 38.93 17.03 22.16
N ARG A 552 39.78 16.96 23.18
CA ARG A 552 40.48 18.16 23.63
C ARG A 552 41.80 18.35 22.89
N SER A 553 42.13 19.60 22.59
CA SER A 553 43.40 19.98 21.97
C SER A 553 44.04 21.11 22.77
N TRP A 554 44.30 20.85 24.06
CA TRP A 554 44.85 21.86 24.97
C TRP A 554 45.19 21.27 26.35
N MET B 1 47.45 1.91 -6.35
CA MET B 1 47.29 3.17 -7.09
C MET B 1 47.38 2.96 -8.61
N GLU B 2 46.59 3.72 -9.37
CA GLU B 2 46.67 3.64 -10.83
C GLU B 2 46.43 4.99 -11.52
N THR B 3 46.92 5.11 -12.75
CA THR B 3 46.85 6.34 -13.53
C THR B 3 45.93 6.21 -14.73
N LEU B 4 44.94 7.08 -14.81
CA LEU B 4 43.92 7.00 -15.85
C LEU B 4 43.93 8.23 -16.75
N SER B 5 43.62 8.03 -18.02
CA SER B 5 43.62 9.14 -18.94
C SER B 5 42.28 9.24 -19.66
N PHE B 6 41.78 10.47 -19.82
CA PHE B 6 40.48 10.71 -20.48
C PHE B 6 40.59 11.80 -21.51
N GLU B 7 39.51 11.99 -22.26
CA GLU B 7 39.43 13.01 -23.31
C GLU B 7 37.96 13.26 -23.70
N PHE B 8 37.61 14.52 -23.89
CA PHE B 8 36.23 14.85 -24.23
C PHE B 8 36.14 15.99 -25.24
N PRO B 9 35.14 15.93 -26.14
CA PRO B 9 34.95 17.06 -27.04
C PRO B 9 34.63 18.31 -26.23
N ALA B 10 35.37 19.38 -26.49
CA ALA B 10 35.18 20.63 -25.78
C ALA B 10 35.16 21.82 -26.75
N GLY B 11 35.12 23.02 -26.17
CA GLY B 11 34.99 24.26 -26.92
C GLY B 11 36.28 25.01 -27.16
N GLN B 12 36.30 26.29 -26.80
CA GLN B 12 37.50 27.11 -26.93
C GLN B 12 38.30 27.01 -25.64
N PRO B 13 39.63 27.26 -25.69
CA PRO B 13 40.38 27.14 -24.43
C PRO B 13 39.81 28.06 -23.33
N GLY B 14 39.83 27.57 -22.10
CA GLY B 14 39.33 28.32 -20.96
C GLY B 14 40.20 29.54 -20.75
N ARG B 15 39.85 30.43 -19.81
CA ARG B 15 40.53 31.71 -19.76
C ARG B 15 41.67 31.78 -18.75
N GLY B 16 41.52 31.11 -17.62
CA GLY B 16 42.61 31.17 -16.65
C GLY B 16 42.99 29.83 -16.08
N ARG B 17 43.55 29.83 -14.88
CA ARG B 17 43.96 28.62 -14.19
C ARG B 17 43.19 28.51 -12.87
N ALA B 18 43.30 27.35 -12.22
CA ALA B 18 42.58 27.09 -10.97
C ALA B 18 43.17 25.90 -10.23
N LEU B 19 43.16 25.97 -8.90
CA LEU B 19 43.57 24.83 -8.08
C LEU B 19 42.55 24.67 -6.99
N VAL B 20 42.10 23.44 -6.74
CA VAL B 20 41.04 23.18 -5.77
C VAL B 20 41.37 21.91 -4.97
N GLY B 21 41.16 21.93 -3.65
CA GLY B 21 41.45 20.76 -2.82
C GLY B 21 42.92 20.42 -2.55
N CYS B 22 43.13 19.33 -1.83
CA CYS B 22 44.47 18.83 -1.46
C CYS B 22 44.47 17.29 -1.42
N VAL B 23 45.62 16.66 -1.61
CA VAL B 23 45.65 15.20 -1.63
C VAL B 23 45.67 14.62 -0.23
N GLY B 24 44.64 14.90 0.55
CA GLY B 24 44.53 14.24 1.84
C GLY B 24 43.56 13.08 1.72
N SER B 25 43.67 12.09 2.59
CA SER B 25 42.78 10.94 2.46
C SER B 25 41.32 11.39 2.48
N GLY B 26 40.59 11.01 1.43
CA GLY B 26 39.19 11.33 1.30
C GLY B 26 38.93 12.59 0.47
N ASP B 27 39.99 13.32 0.13
CA ASP B 27 39.84 14.51 -0.68
C ASP B 27 40.67 14.33 -1.95
N LEU B 28 40.60 15.28 -2.86
CA LEU B 28 41.38 15.22 -4.09
C LEU B 28 41.82 16.63 -4.49
N GLU B 29 42.79 16.70 -5.37
CA GLU B 29 43.32 17.95 -5.82
C GLU B 29 43.06 18.07 -7.30
N VAL B 30 42.56 19.21 -7.77
CA VAL B 30 42.30 19.37 -9.20
C VAL B 30 43.01 20.60 -9.78
N LEU B 31 43.80 20.37 -10.82
CA LEU B 31 44.51 21.44 -11.51
C LEU B 31 43.76 21.75 -12.79
N LEU B 32 43.42 23.01 -13.03
CA LEU B 32 42.75 23.35 -14.29
C LEU B 32 43.54 24.40 -15.03
N GLU B 33 43.97 24.05 -16.23
CA GLU B 33 44.75 24.93 -17.10
C GLU B 33 44.01 25.03 -18.41
N PRO B 34 44.22 26.12 -19.17
CA PRO B 34 43.66 26.17 -20.52
C PRO B 34 44.36 25.14 -21.41
N GLY B 35 43.64 24.56 -22.38
CA GLY B 35 44.19 23.53 -23.25
C GLY B 35 43.92 23.72 -24.73
N GLN B 36 44.13 22.65 -25.50
CA GLN B 36 43.98 22.70 -26.97
C GLN B 36 42.51 22.73 -27.34
N PRO B 37 42.09 23.73 -28.15
CA PRO B 37 40.70 23.89 -28.57
C PRO B 37 40.06 22.64 -29.19
N GLY B 38 38.87 22.30 -28.72
CA GLY B 38 38.15 21.13 -29.18
C GLY B 38 38.32 19.93 -28.28
N LYS B 39 39.39 19.93 -27.47
CA LYS B 39 39.74 18.79 -26.63
C LYS B 39 39.73 19.19 -25.14
N LEU B 40 39.15 18.34 -24.30
CA LEU B 40 39.34 18.45 -22.86
C LEU B 40 40.02 17.18 -22.44
N SER B 41 41.29 17.31 -22.04
CA SER B 41 42.13 16.19 -21.66
C SER B 41 42.28 16.08 -20.14
N ILE B 42 41.73 15.02 -19.56
CA ILE B 42 41.87 14.81 -18.12
C ILE B 42 42.88 13.69 -17.86
N GLN B 43 43.63 13.84 -16.77
CA GLN B 43 44.62 12.87 -16.28
C GLN B 43 44.30 12.60 -14.82
N VAL B 44 44.02 11.35 -14.48
CA VAL B 44 43.67 11.05 -13.10
C VAL B 44 44.65 10.06 -12.46
N GLN B 45 45.16 10.40 -11.29
CA GLN B 45 45.93 9.47 -10.48
C GLN B 45 45.12 9.23 -9.20
N THR B 46 44.66 8.00 -9.01
CA THR B 46 43.81 7.68 -7.89
C THR B 46 44.43 6.58 -7.04
N SER B 47 44.11 6.57 -5.75
CA SER B 47 44.63 5.57 -4.83
C SER B 47 43.75 4.32 -4.84
N VAL B 48 42.57 4.47 -5.45
CA VAL B 48 41.60 3.40 -5.58
C VAL B 48 41.81 2.62 -6.87
N ASN B 49 42.01 1.31 -6.78
CA ASN B 49 42.22 0.57 -8.02
C ASN B 49 40.93 0.15 -8.67
N GLY B 50 40.99 -0.02 -9.99
CA GLY B 50 39.88 -0.44 -10.81
C GLY B 50 38.65 0.46 -10.73
N SER B 51 38.90 1.73 -10.52
CA SER B 51 37.81 2.71 -10.46
C SER B 51 37.57 3.35 -11.81
N ALA B 52 38.47 3.13 -12.77
CA ALA B 52 38.36 3.69 -14.13
C ALA B 52 36.94 3.85 -14.68
N SER B 53 36.14 2.79 -14.60
CA SER B 53 34.75 2.83 -15.09
C SER B 53 33.91 3.85 -14.32
N ARG B 54 34.16 3.91 -13.01
CA ARG B 54 33.50 4.85 -12.13
C ARG B 54 33.82 6.30 -12.51
N TRP B 55 35.11 6.61 -12.71
CA TRP B 55 35.53 7.95 -13.16
C TRP B 55 34.90 8.27 -14.51
N GLN B 56 34.74 7.27 -15.36
CA GLN B 56 34.14 7.49 -16.68
C GLN B 56 32.73 8.08 -16.55
N HIS B 57 31.88 7.40 -15.76
CA HIS B 57 30.50 7.83 -15.55
C HIS B 57 30.43 9.19 -14.92
N LEU B 58 31.29 9.43 -13.93
CA LEU B 58 31.32 10.72 -13.27
C LEU B 58 31.48 11.81 -14.31
N PHE B 59 32.44 11.63 -15.21
CA PHE B 59 32.77 12.61 -16.24
C PHE B 59 31.70 12.77 -17.32
N GLU B 60 31.16 11.66 -17.82
CA GLU B 60 30.11 11.73 -18.83
C GLU B 60 28.95 12.56 -18.34
N ARG B 61 28.60 12.37 -17.07
CA ARG B 61 27.49 13.07 -16.45
C ARG B 61 27.80 14.56 -16.30
N LEU B 62 29.00 14.85 -15.84
CA LEU B 62 29.46 16.22 -15.69
C LEU B 62 29.34 17.01 -17.00
N PHE B 63 29.72 16.40 -18.11
CA PHE B 63 29.72 17.06 -19.42
C PHE B 63 28.52 16.78 -20.34
N ASP B 64 27.50 16.09 -19.80
CA ASP B 64 26.29 15.76 -20.56
C ASP B 64 25.55 17.03 -20.97
N GLY B 65 25.43 17.26 -22.27
CA GLY B 65 24.66 18.40 -22.78
C GLY B 65 25.20 19.79 -22.48
N GLN B 66 26.40 19.84 -21.94
CA GLN B 66 27.07 21.09 -21.62
C GLN B 66 28.49 20.86 -22.08
N THR B 67 28.89 21.54 -23.16
CA THR B 67 30.27 21.43 -23.64
C THR B 67 31.19 22.31 -22.80
N PRO B 68 32.24 21.70 -22.25
CA PRO B 68 33.17 22.39 -21.36
C PRO B 68 34.18 23.21 -22.15
N PRO B 69 34.88 24.11 -21.45
CA PRO B 69 35.99 24.80 -22.12
C PRO B 69 37.10 23.80 -22.39
N ALA B 70 37.92 24.05 -23.40
CA ALA B 70 39.06 23.17 -23.66
C ALA B 70 40.11 23.36 -22.57
N LEU B 71 40.26 22.38 -21.69
CA LEU B 71 41.21 22.51 -20.60
C LEU B 71 42.12 21.29 -20.47
N LEU B 72 43.17 21.45 -19.68
CA LEU B 72 43.94 20.31 -19.23
C LEU B 72 43.70 20.22 -17.74
N ILE B 73 43.12 19.08 -17.32
CA ILE B 73 42.76 18.85 -15.93
C ILE B 73 43.61 17.73 -15.33
N ASP B 74 44.41 18.06 -14.33
CA ASP B 74 45.24 17.06 -13.68
C ASP B 74 44.64 16.81 -12.31
N ILE B 75 44.17 15.60 -12.05
CA ILE B 75 43.53 15.26 -10.77
C ILE B 75 44.45 14.35 -9.95
N HIS B 76 44.53 14.59 -8.65
CA HIS B 76 45.29 13.70 -7.77
C HIS B 76 44.35 13.24 -6.66
N ASP B 77 43.87 12.00 -6.72
CA ASP B 77 42.83 11.54 -5.79
C ASP B 77 43.32 10.59 -4.72
N PHE B 78 43.00 10.87 -3.46
CA PHE B 78 43.38 9.97 -2.40
C PHE B 78 42.12 9.38 -1.83
N GLY B 79 41.34 8.73 -2.69
CA GLY B 79 40.17 7.99 -2.28
C GLY B 79 38.97 8.80 -1.84
N ALA B 80 38.68 9.85 -2.59
CA ALA B 80 37.52 10.72 -2.37
C ALA B 80 36.31 10.05 -2.97
N THR B 81 35.17 10.21 -2.34
CA THR B 81 33.92 9.65 -2.86
C THR B 81 33.50 10.40 -4.10
N PRO B 82 32.80 9.70 -5.03
CA PRO B 82 32.29 10.32 -6.26
C PRO B 82 31.52 11.62 -5.97
N GLY B 83 30.93 11.73 -4.77
CA GLY B 83 30.24 12.94 -4.38
C GLY B 83 31.21 14.09 -4.20
N VAL B 84 32.21 13.89 -3.34
CA VAL B 84 33.29 14.87 -3.09
C VAL B 84 33.98 15.23 -4.41
N VAL B 85 34.30 14.22 -5.22
CA VAL B 85 34.97 14.45 -6.49
C VAL B 85 34.15 15.39 -7.34
N ARG B 86 32.88 15.04 -7.55
CA ARG B 86 31.99 15.84 -8.39
C ARG B 86 31.93 17.27 -7.90
N LEU B 87 31.90 17.43 -6.59
CA LEU B 87 31.81 18.74 -5.99
C LEU B 87 33.06 19.55 -6.36
N ARG B 88 34.25 18.96 -6.24
CA ARG B 88 35.50 19.70 -6.52
C ARG B 88 35.70 20.01 -7.99
N LEU B 89 35.23 19.12 -8.86
CA LEU B 89 35.22 19.43 -10.27
C LEU B 89 34.39 20.69 -10.56
N GLU B 90 33.25 20.85 -9.87
CA GLU B 90 32.42 22.02 -10.14
C GLU B 90 33.02 23.27 -9.53
N GLN B 91 33.64 23.12 -8.36
CA GLN B 91 34.33 24.24 -7.75
C GLN B 91 35.37 24.72 -8.72
N GLY B 92 36.15 23.76 -9.22
CA GLY B 92 37.23 24.03 -10.14
C GLY B 92 36.74 24.69 -11.40
N PHE B 93 35.67 24.16 -11.99
CA PHE B 93 35.11 24.69 -13.24
C PHE B 93 34.49 26.08 -13.07
N GLU B 94 33.98 26.36 -11.87
CA GLU B 94 33.40 27.66 -11.57
C GLU B 94 34.50 28.71 -11.46
N GLU B 95 35.61 28.33 -10.85
CA GLU B 95 36.72 29.24 -10.67
C GLU B 95 37.40 29.58 -12.02
N ILE B 96 37.30 28.67 -12.99
CA ILE B 96 37.93 28.88 -14.30
C ILE B 96 37.22 29.97 -15.11
N GLY B 97 35.97 30.24 -14.74
CA GLY B 97 35.21 31.32 -15.35
C GLY B 97 35.17 32.58 -14.48
N ASP C 3 -30.49 53.64 -29.11
CA ASP C 3 -29.69 54.45 -30.04
C ASP C 3 -28.51 55.15 -29.34
N VAL C 4 -28.82 56.26 -28.67
CA VAL C 4 -27.85 56.96 -27.83
C VAL C 4 -27.63 56.10 -26.61
N ALA C 5 -28.69 55.45 -26.16
CA ALA C 5 -28.57 54.53 -25.05
C ALA C 5 -27.64 53.38 -25.42
N ARG C 6 -27.68 52.96 -26.69
CA ARG C 6 -26.79 51.91 -27.18
C ARG C 6 -25.35 52.39 -27.18
N LEU C 7 -25.11 53.58 -27.72
CA LEU C 7 -23.77 54.17 -27.74
C LEU C 7 -23.20 54.34 -26.33
N LEU C 8 -24.05 54.74 -25.38
CA LEU C 8 -23.62 54.86 -24.00
C LEU C 8 -23.49 53.51 -23.33
N ALA C 9 -23.89 52.44 -24.03
CA ALA C 9 -23.86 51.11 -23.44
C ALA C 9 -22.87 50.15 -24.14
N LEU C 10 -22.01 50.68 -25.00
CA LEU C 10 -21.00 49.88 -25.66
C LEU C 10 -20.19 49.16 -24.58
N ARG C 11 -19.74 47.96 -24.90
CA ARG C 11 -18.96 47.15 -23.97
C ARG C 11 -17.73 46.59 -24.69
N SER C 12 -16.81 47.50 -25.03
CA SER C 12 -15.60 47.22 -25.78
C SER C 12 -14.71 46.17 -25.11
N PHE C 13 -14.17 45.26 -25.94
CA PHE C 13 -13.25 44.21 -25.50
C PHE C 13 -11.83 44.75 -25.36
N THR C 14 -11.33 45.40 -26.42
CA THR C 14 -10.01 46.04 -26.40
C THR C 14 -9.85 47.06 -25.28
N GLU C 15 -10.95 47.58 -24.74
CA GLU C 15 -10.81 48.54 -23.64
C GLU C 15 -10.48 47.86 -22.32
N LEU C 16 -10.18 46.57 -22.36
CA LEU C 16 -9.86 45.84 -21.14
C LEU C 16 -8.38 45.46 -21.13
N GLY C 17 -7.80 45.38 -19.94
CA GLY C 17 -6.43 44.95 -19.80
C GLY C 17 -6.39 43.43 -19.77
N ALA C 18 -5.19 42.86 -19.91
CA ALA C 18 -5.00 41.40 -19.93
C ALA C 18 -5.82 40.66 -18.86
N ARG C 19 -5.67 41.05 -17.60
CA ARG C 19 -6.35 40.34 -16.53
C ARG C 19 -7.88 40.51 -16.63
N GLN C 20 -8.33 41.64 -17.17
CA GLN C 20 -9.77 41.91 -17.32
C GLN C 20 -10.36 41.04 -18.42
N ARG C 21 -9.66 40.94 -19.54
CA ARG C 21 -10.05 40.06 -20.65
C ARG C 21 -10.17 38.59 -20.21
N ALA C 22 -9.11 38.12 -19.54
CA ALA C 22 -9.05 36.77 -19.02
C ALA C 22 -10.29 36.47 -18.18
N ARG C 23 -10.51 37.23 -17.11
CA ARG C 23 -11.67 37.00 -16.24
C ARG C 23 -12.99 37.11 -17.02
N ALA C 24 -13.05 38.02 -17.99
CA ALA C 24 -14.25 38.27 -18.77
C ALA C 24 -14.65 37.12 -19.70
N LEU C 25 -13.67 36.39 -20.23
CA LEU C 25 -13.97 35.26 -21.13
C LEU C 25 -14.23 33.94 -20.40
N LEU C 26 -13.33 33.57 -19.49
CA LEU C 26 -13.51 32.37 -18.68
C LEU C 26 -14.83 32.42 -17.96
N ASP C 27 -15.55 31.31 -17.94
CA ASP C 27 -16.85 31.20 -17.28
C ASP C 27 -16.88 31.94 -15.97
N ALA C 28 -18.02 32.54 -15.70
CA ALA C 28 -18.21 33.31 -14.49
C ALA C 28 -17.85 32.47 -13.27
N GLY C 29 -16.88 32.94 -12.51
CA GLY C 29 -16.54 32.34 -11.23
C GLY C 29 -15.46 31.26 -11.24
N SER C 30 -14.98 30.89 -12.42
CA SER C 30 -13.99 29.82 -12.52
C SER C 30 -12.57 30.35 -12.50
N PHE C 31 -12.39 31.61 -12.89
CA PHE C 31 -11.10 32.30 -12.92
C PHE C 31 -10.26 32.04 -11.67
N ARG C 32 -9.06 31.53 -11.91
CA ARG C 32 -8.07 31.27 -10.87
C ARG C 32 -6.69 31.54 -11.46
N GLU C 33 -6.09 32.67 -11.14
CA GLU C 33 -4.79 32.99 -11.72
C GLU C 33 -3.65 32.16 -11.10
N LEU C 34 -2.80 31.65 -11.99
CA LEU C 34 -1.58 30.95 -11.63
C LEU C 34 -0.43 31.94 -11.71
N LEU C 35 0.59 31.78 -10.86
CA LEU C 35 1.71 32.72 -10.79
C LEU C 35 1.24 34.18 -10.83
N ASP C 36 0.39 34.56 -9.87
CA ASP C 36 -0.16 35.92 -9.81
C ASP C 36 0.90 36.94 -9.38
N PRO C 37 0.59 38.23 -9.49
CA PRO C 37 1.61 39.24 -9.14
C PRO C 37 2.18 39.18 -7.72
N PHE C 38 1.53 38.45 -6.82
CA PHE C 38 2.01 38.36 -5.45
C PHE C 38 3.03 37.23 -5.28
N ALA C 39 3.13 36.37 -6.29
CA ALA C 39 4.17 35.36 -6.33
C ALA C 39 5.49 36.06 -6.55
N GLY C 40 5.43 37.17 -7.27
CA GLY C 40 6.61 37.96 -7.48
C GLY C 40 7.61 37.19 -8.32
N VAL C 41 7.09 36.58 -9.39
CA VAL C 41 7.92 35.88 -10.37
C VAL C 41 8.05 36.81 -11.56
N GLN C 42 9.04 37.68 -11.48
CA GLN C 42 9.29 38.70 -12.47
C GLN C 42 10.59 38.47 -13.25
N SER C 43 10.78 39.31 -14.27
CA SER C 43 11.93 39.20 -15.14
C SER C 43 13.27 39.43 -14.44
N PRO C 44 14.18 38.45 -14.52
CA PRO C 44 15.48 38.63 -13.88
C PRO C 44 16.46 39.47 -14.70
N TRP C 45 16.01 39.99 -15.84
CA TRP C 45 16.95 40.68 -16.70
C TRP C 45 16.69 42.17 -16.86
N LEU C 46 15.62 42.68 -16.26
CA LEU C 46 15.26 44.07 -16.52
C LEU C 46 15.91 45.08 -15.59
N GLU C 47 15.85 44.86 -14.28
CA GLU C 47 16.43 45.78 -13.29
C GLU C 47 17.91 46.14 -13.59
N ARG C 48 18.69 45.13 -13.98
CA ARG C 48 20.10 45.34 -14.28
C ARG C 48 20.29 46.32 -15.46
N GLN C 49 19.30 46.42 -16.33
CA GLN C 49 19.36 47.34 -17.47
C GLN C 49 18.68 48.67 -17.18
N GLY C 50 18.24 48.88 -15.94
CA GLY C 50 17.55 50.11 -15.60
C GLY C 50 16.13 50.21 -16.16
N ILE C 51 15.52 49.05 -16.34
CA ILE C 51 14.13 48.93 -16.74
C ILE C 51 13.28 48.41 -15.60
N VAL C 52 12.20 49.11 -15.27
CA VAL C 52 11.34 48.68 -14.18
C VAL C 52 10.52 47.47 -14.60
N PRO C 53 10.55 46.40 -13.79
CA PRO C 53 9.85 45.15 -14.12
C PRO C 53 8.41 45.12 -13.65
N GLN C 54 7.56 44.32 -14.29
CA GLN C 54 6.18 44.16 -13.84
C GLN C 54 6.07 42.82 -13.13
N ALA C 55 5.30 42.78 -12.05
CA ALA C 55 5.24 41.64 -11.13
C ALA C 55 4.86 40.30 -11.77
N ASP C 56 4.06 40.34 -12.84
CA ASP C 56 3.63 39.12 -13.51
C ASP C 56 4.23 39.02 -14.91
N ASP C 57 5.27 39.82 -15.13
CA ASP C 57 6.02 39.96 -16.39
C ASP C 57 5.20 40.24 -17.67
N GLY C 58 3.96 40.68 -17.51
CA GLY C 58 3.16 41.08 -18.65
C GLY C 58 2.28 39.99 -19.22
N VAL C 59 2.08 38.90 -18.47
CA VAL C 59 1.20 37.83 -18.93
C VAL C 59 0.35 37.35 -17.78
N VAL C 60 -0.95 37.22 -18.06
CA VAL C 60 -1.88 36.66 -17.10
C VAL C 60 -2.21 35.23 -17.52
N VAL C 61 -1.83 34.27 -16.68
CA VAL C 61 -2.20 32.87 -16.90
C VAL C 61 -3.18 32.37 -15.83
N ALA C 62 -4.36 31.95 -16.28
CA ALA C 62 -5.41 31.55 -15.35
C ALA C 62 -6.18 30.31 -15.76
N ARG C 63 -6.50 29.48 -14.78
CA ARG C 63 -7.33 28.30 -14.99
C ARG C 63 -8.81 28.66 -14.95
N GLY C 64 -9.67 27.67 -15.18
CA GLY C 64 -11.10 27.89 -15.11
C GLY C 64 -11.84 27.12 -16.19
N LEU C 65 -13.09 27.51 -16.43
CA LEU C 65 -13.95 26.76 -17.33
C LEU C 65 -14.36 27.55 -18.58
N LEU C 66 -14.64 26.82 -19.64
CA LEU C 66 -15.18 27.36 -20.87
C LEU C 66 -16.30 26.42 -21.26
N ASP C 67 -17.51 26.77 -20.81
CA ASP C 67 -18.68 25.91 -20.91
C ASP C 67 -18.52 24.67 -20.04
N GLY C 68 -18.01 24.87 -18.82
CA GLY C 68 -17.81 23.75 -17.90
C GLY C 68 -16.75 22.79 -18.40
N GLN C 69 -16.06 23.18 -19.47
CA GLN C 69 -14.97 22.39 -19.97
C GLN C 69 -13.71 22.96 -19.34
N PRO C 70 -12.82 22.09 -18.84
CA PRO C 70 -11.60 22.62 -18.23
C PRO C 70 -10.77 23.41 -19.25
N ALA C 71 -10.23 24.55 -18.81
CA ALA C 71 -9.54 25.44 -19.72
C ALA C 71 -8.37 26.12 -19.03
N VAL C 72 -7.44 26.62 -19.85
CA VAL C 72 -6.35 27.47 -19.38
C VAL C 72 -6.27 28.65 -20.32
N LEU C 73 -6.01 29.82 -19.77
CA LEU C 73 -5.98 31.03 -20.57
C LEU C 73 -4.71 31.83 -20.29
N ALA C 74 -4.05 32.23 -21.37
CA ALA C 74 -2.90 33.12 -21.25
C ALA C 74 -3.20 34.43 -21.98
N ALA C 75 -3.24 35.51 -21.23
CA ALA C 75 -3.43 36.81 -21.84
C ALA C 75 -2.17 37.62 -21.67
N ILE C 76 -1.68 38.17 -22.78
CA ILE C 76 -0.52 39.05 -22.76
C ILE C 76 -1.03 40.46 -22.49
N GLU C 77 -0.30 41.23 -21.67
CA GLU C 77 -0.63 42.63 -21.42
C GLU C 77 0.17 43.58 -22.31
N GLY C 78 -0.53 44.25 -23.22
CA GLY C 78 0.08 45.14 -24.19
C GLY C 78 0.80 46.36 -23.63
N ALA C 79 0.29 46.89 -22.51
CA ALA C 79 0.86 48.07 -21.87
C ALA C 79 2.33 47.85 -21.46
N PHE C 80 2.62 46.66 -20.93
CA PHE C 80 3.97 46.31 -20.49
C PHE C 80 4.90 45.82 -21.60
N GLN C 81 5.90 46.65 -21.90
CA GLN C 81 6.91 46.39 -22.92
C GLN C 81 6.30 45.97 -24.24
N GLY C 82 5.16 46.59 -24.56
CA GLY C 82 4.43 46.31 -25.79
C GLY C 82 3.85 44.92 -25.95
N GLY C 83 3.87 44.15 -24.88
CA GLY C 83 3.43 42.77 -24.95
C GLY C 83 4.58 41.83 -25.31
N SER C 84 5.79 42.36 -25.26
CA SER C 84 6.99 41.57 -25.52
C SER C 84 7.16 40.42 -24.55
N LEU C 85 7.49 39.25 -25.08
CA LEU C 85 7.70 38.10 -24.23
C LEU C 85 9.17 38.01 -23.82
N GLY C 86 9.42 37.74 -22.55
CA GLY C 86 10.76 37.60 -22.05
C GLY C 86 10.93 36.20 -21.50
N GLU C 87 12.00 35.95 -20.76
CA GLU C 87 12.24 34.60 -20.24
C GLU C 87 11.06 34.08 -19.40
N VAL C 88 10.63 34.86 -18.40
CA VAL C 88 9.54 34.48 -17.49
C VAL C 88 8.16 34.59 -18.16
N SER C 89 7.98 35.66 -18.92
CA SER C 89 6.76 35.91 -19.68
C SER C 89 6.47 34.72 -20.56
N GLY C 90 7.48 34.31 -21.32
CA GLY C 90 7.34 33.22 -22.28
C GLY C 90 7.04 31.91 -21.60
N ALA C 91 7.74 31.63 -20.51
CA ALA C 91 7.61 30.36 -19.82
C ALA C 91 6.25 30.22 -19.16
N LYS C 92 5.61 31.34 -18.83
CA LYS C 92 4.26 31.27 -18.30
C LYS C 92 3.36 30.71 -19.41
N ILE C 93 3.52 31.19 -20.64
CA ILE C 93 2.66 30.71 -21.72
C ILE C 93 3.02 29.30 -22.16
N ALA C 94 4.29 29.06 -22.49
CA ALA C 94 4.71 27.75 -22.98
C ALA C 94 4.35 26.68 -21.95
N GLY C 95 4.86 26.83 -20.73
CA GLY C 95 4.61 25.88 -19.67
C GLY C 95 3.13 25.54 -19.43
N ALA C 96 2.24 26.48 -19.76
CA ALA C 96 0.80 26.31 -19.56
C ALA C 96 0.22 25.44 -20.67
N LEU C 97 0.64 25.69 -21.89
CA LEU C 97 0.26 24.86 -23.03
C LEU C 97 0.83 23.44 -22.87
N GLU C 98 2.00 23.35 -22.26
CA GLU C 98 2.63 22.07 -22.06
C GLU C 98 1.84 21.28 -21.03
N LEU C 99 1.33 21.95 -20.01
CA LEU C 99 0.56 21.26 -18.97
C LEU C 99 -0.86 20.94 -19.44
N ALA C 100 -1.39 21.73 -20.36
CA ALA C 100 -2.69 21.45 -20.93
C ALA C 100 -2.60 20.15 -21.73
N ALA C 101 -1.53 20.02 -22.51
CA ALA C 101 -1.30 18.81 -23.29
C ALA C 101 -1.22 17.60 -22.38
N GLU C 102 -0.44 17.67 -21.30
CA GLU C 102 -0.35 16.53 -20.39
C GLU C 102 -1.64 16.25 -19.66
N ASP C 103 -2.64 17.11 -19.83
CA ASP C 103 -3.90 16.87 -19.17
C ASP C 103 -4.75 16.00 -20.10
N ASN C 104 -4.59 16.23 -21.39
CA ASN C 104 -5.27 15.44 -22.41
C ASN C 104 -4.78 14.00 -22.40
N ARG C 105 -3.51 13.82 -22.05
CA ARG C 105 -2.95 12.50 -22.02
C ARG C 105 -3.38 11.77 -20.75
N ASN C 106 -3.92 12.51 -19.79
CA ASN C 106 -4.41 11.89 -18.56
C ASN C 106 -5.92 12.01 -18.43
N GLY C 107 -6.60 12.07 -19.59
CA GLY C 107 -8.05 11.98 -19.62
C GLY C 107 -8.79 13.29 -19.60
N VAL C 108 -8.19 14.30 -18.98
CA VAL C 108 -8.77 15.64 -18.86
C VAL C 108 -8.66 16.47 -20.17
N PRO C 109 -9.82 16.82 -20.78
CA PRO C 109 -9.85 17.48 -22.09
C PRO C 109 -9.61 19.01 -22.06
N THR C 110 -8.46 19.44 -21.53
CA THR C 110 -8.17 20.86 -21.30
C THR C 110 -8.00 21.67 -22.60
N ARG C 111 -8.65 22.83 -22.67
CA ARG C 111 -8.55 23.74 -23.82
C ARG C 111 -7.60 24.87 -23.53
N ALA C 112 -6.90 25.35 -24.56
CA ALA C 112 -6.00 26.49 -24.38
C ALA C 112 -6.42 27.72 -25.20
N LEU C 113 -6.80 28.78 -24.48
CA LEU C 113 -7.21 30.05 -25.11
C LEU C 113 -6.10 31.11 -24.99
N LEU C 114 -5.58 31.57 -26.12
CA LEU C 114 -4.53 32.58 -26.08
C LEU C 114 -5.00 33.96 -26.52
N LEU C 115 -4.86 34.97 -25.65
CA LEU C 115 -5.14 36.36 -26.01
C LEU C 115 -3.82 37.03 -26.39
N LEU C 116 -3.58 37.17 -27.69
CA LEU C 116 -2.31 37.70 -28.17
C LEU C 116 -2.34 39.20 -28.44
N GLU C 117 -1.55 39.91 -27.65
CA GLU C 117 -1.39 41.35 -27.78
C GLU C 117 0.08 41.56 -27.57
N THR C 118 0.86 41.29 -28.61
CA THR C 118 2.29 41.19 -28.40
C THR C 118 3.12 41.80 -29.51
N GLY C 119 4.35 42.15 -29.17
CA GLY C 119 5.28 42.71 -30.12
C GLY C 119 6.38 41.71 -30.41
N GLY C 120 6.14 40.46 -30.03
CA GLY C 120 7.06 39.38 -30.32
C GLY C 120 8.06 39.21 -29.21
N VAL C 121 9.28 38.84 -29.59
CA VAL C 121 10.35 38.71 -28.61
C VAL C 121 10.68 40.06 -27.96
N ARG C 122 10.82 40.07 -26.64
CA ARG C 122 11.30 41.25 -25.95
C ARG C 122 12.80 41.46 -26.24
N LEU C 123 13.11 42.42 -27.12
CA LEU C 123 14.49 42.62 -27.55
C LEU C 123 15.48 42.85 -26.41
N GLN C 124 14.96 43.13 -25.21
CA GLN C 124 15.80 43.36 -24.04
C GLN C 124 16.12 42.06 -23.34
N GLU C 125 15.55 40.97 -23.87
CA GLU C 125 15.75 39.62 -23.35
C GLU C 125 15.90 38.71 -24.56
N ALA C 126 16.14 39.37 -25.69
CA ALA C 126 16.17 38.76 -27.02
C ALA C 126 16.23 37.24 -27.05
N ASN C 127 17.39 36.66 -26.79
CA ASN C 127 17.54 35.23 -27.01
C ASN C 127 16.78 34.29 -26.07
N LEU C 128 16.46 34.78 -24.88
CA LEU C 128 15.71 33.98 -23.91
C LEU C 128 14.20 34.01 -24.16
N GLY C 129 13.73 35.08 -24.77
CA GLY C 129 12.33 35.18 -25.14
C GLY C 129 12.05 34.47 -26.45
N LEU C 130 13.02 34.52 -27.36
CA LEU C 130 12.92 33.78 -28.61
C LEU C 130 13.02 32.26 -28.37
N ALA C 131 13.77 31.82 -27.37
CA ALA C 131 13.83 30.40 -27.09
C ALA C 131 12.49 29.95 -26.57
N ALA C 132 11.87 30.84 -25.80
CA ALA C 132 10.60 30.55 -25.18
C ALA C 132 9.50 30.36 -26.22
N ILE C 133 9.46 31.26 -27.19
CA ILE C 133 8.44 31.22 -28.22
C ILE C 133 8.55 29.90 -28.98
N ALA C 134 9.77 29.40 -29.17
CA ALA C 134 9.95 28.12 -29.83
C ALA C 134 9.32 27.02 -29.05
N GLU C 135 9.29 27.17 -27.72
CA GLU C 135 8.73 26.16 -26.83
C GLU C 135 7.23 26.32 -26.72
N ILE C 136 6.79 27.56 -26.96
CA ILE C 136 5.39 27.91 -27.04
C ILE C 136 4.81 27.29 -28.27
N GLN C 137 5.52 27.47 -29.39
CA GLN C 137 5.14 26.87 -30.66
C GLN C 137 5.08 25.34 -30.56
N ALA C 138 6.16 24.74 -30.05
CA ALA C 138 6.21 23.30 -29.88
C ALA C 138 5.03 22.79 -29.08
N ALA C 139 4.68 23.51 -28.01
CA ALA C 139 3.63 23.04 -27.13
C ALA C 139 2.25 23.25 -27.75
N ILE C 140 2.15 24.20 -28.68
CA ILE C 140 0.88 24.48 -29.37
C ILE C 140 0.58 23.30 -30.29
N VAL C 141 1.59 22.88 -31.06
CA VAL C 141 1.48 21.71 -31.93
C VAL C 141 1.13 20.46 -31.13
N ASP C 142 1.95 20.16 -30.13
CA ASP C 142 1.75 19.00 -29.27
C ASP C 142 0.31 18.97 -28.73
N LEU C 143 -0.21 20.12 -28.32
CA LEU C 143 -1.57 20.20 -27.77
C LEU C 143 -2.68 19.99 -28.81
N GLN C 144 -2.49 20.52 -30.01
CA GLN C 144 -3.53 20.45 -31.05
C GLN C 144 -3.60 19.06 -31.71
N ARG C 145 -3.23 18.04 -30.94
CA ARG C 145 -3.39 16.66 -31.35
C ARG C 145 -4.54 16.14 -30.53
N TYR C 146 -5.05 17.01 -29.66
CA TYR C 146 -6.08 16.63 -28.73
C TYR C 146 -7.20 17.69 -28.67
N GLN C 147 -6.83 18.98 -28.68
CA GLN C 147 -7.79 20.08 -28.56
C GLN C 147 -7.33 21.25 -29.38
N PRO C 148 -8.28 22.06 -29.89
CA PRO C 148 -7.80 23.16 -30.71
C PRO C 148 -7.35 24.31 -29.82
N VAL C 149 -6.41 25.12 -30.33
CA VAL C 149 -6.02 26.33 -29.62
C VAL C 149 -6.67 27.46 -30.36
N VAL C 150 -7.42 28.26 -29.61
CA VAL C 150 -8.05 29.46 -30.16
C VAL C 150 -7.17 30.68 -29.87
N ALA C 151 -6.78 31.39 -30.91
CA ALA C 151 -5.98 32.60 -30.73
C ALA C 151 -6.88 33.82 -30.89
N VAL C 152 -6.91 34.70 -29.88
CA VAL C 152 -7.72 35.92 -30.01
C VAL C 152 -6.79 37.13 -30.17
N ILE C 153 -6.85 37.79 -31.32
CA ILE C 153 -6.08 39.01 -31.53
C ILE C 153 -7.02 40.20 -31.67
N ALA C 154 -7.10 41.04 -30.66
CA ALA C 154 -8.07 42.14 -30.68
C ALA C 154 -7.43 43.51 -30.88
N GLY C 155 -6.13 43.60 -30.63
CA GLY C 155 -5.48 44.90 -30.59
C GLY C 155 -5.63 45.52 -29.20
N PRO C 156 -5.13 46.75 -29.02
CA PRO C 156 -4.52 47.70 -29.97
C PRO C 156 -3.16 47.30 -30.56
N VAL C 157 -2.20 46.87 -29.72
CA VAL C 157 -0.88 46.49 -30.21
C VAL C 157 -0.92 45.55 -31.41
N GLY C 158 -1.77 44.51 -31.32
CA GLY C 158 -1.86 43.49 -32.35
C GLY C 158 -1.00 42.27 -32.07
N CYS C 159 -0.44 41.63 -33.10
CA CYS C 159 0.35 40.42 -32.90
C CYS C 159 1.49 40.26 -33.89
N PHE C 160 2.72 40.45 -33.42
CA PHE C 160 3.86 40.49 -34.31
C PHE C 160 4.98 39.57 -33.87
N GLY C 161 6.02 39.48 -34.71
CA GLY C 161 7.23 38.76 -34.39
C GLY C 161 7.02 37.26 -34.27
N GLY C 162 7.76 36.62 -33.38
CA GLY C 162 7.67 35.19 -33.20
C GLY C 162 6.28 34.68 -32.88
N MET C 163 5.45 35.50 -32.24
CA MET C 163 4.10 35.08 -31.84
C MET C 163 3.07 35.13 -32.98
N SER C 164 3.42 35.79 -34.08
CA SER C 164 2.57 35.77 -35.26
C SER C 164 2.71 34.41 -35.91
N ILE C 165 3.88 33.79 -35.69
CA ILE C 165 4.12 32.48 -36.22
C ILE C 165 3.39 31.51 -35.30
N ALA C 166 3.35 31.83 -34.01
CA ALA C 166 2.62 30.98 -33.08
C ALA C 166 1.11 31.14 -33.29
N ALA C 167 0.70 32.29 -33.82
CA ALA C 167 -0.70 32.50 -34.11
C ALA C 167 -1.09 31.60 -35.26
N GLY C 168 -0.25 31.56 -36.29
CA GLY C 168 -0.42 30.74 -37.47
C GLY C 168 -0.70 29.28 -37.14
N LEU C 169 0.14 28.72 -36.26
CA LEU C 169 0.00 27.34 -35.80
C LEU C 169 -1.39 27.00 -35.19
N CYS C 170 -2.10 28.01 -34.71
CA CYS C 170 -3.36 27.76 -34.02
C CYS C 170 -4.50 27.32 -34.94
N SER C 171 -5.34 26.45 -34.39
CA SER C 171 -6.48 25.89 -35.11
C SER C 171 -7.35 26.99 -35.67
N TYR C 172 -7.77 27.90 -34.79
CA TYR C 172 -8.62 29.03 -35.15
C TYR C 172 -8.01 30.34 -34.69
N VAL C 173 -8.11 31.37 -35.54
CA VAL C 173 -7.58 32.71 -35.27
C VAL C 173 -8.68 33.75 -35.42
N LEU C 174 -9.27 34.14 -34.29
CA LEU C 174 -10.35 35.12 -34.22
C LEU C 174 -9.75 36.52 -34.15
N VAL C 175 -10.20 37.47 -34.98
CA VAL C 175 -9.63 38.83 -34.97
C VAL C 175 -10.69 39.93 -34.98
N THR C 176 -10.29 41.10 -34.47
CA THR C 176 -11.13 42.29 -34.56
C THR C 176 -10.61 43.15 -35.71
N ARG C 177 -11.21 44.31 -35.90
CA ARG C 177 -10.84 45.12 -37.06
C ARG C 177 -9.52 45.84 -36.78
N GLU C 178 -9.35 46.24 -35.53
CA GLU C 178 -8.18 46.98 -35.05
C GLU C 178 -6.91 46.13 -34.93
N ALA C 179 -7.08 44.83 -34.81
CA ALA C 179 -5.92 43.98 -34.67
C ALA C 179 -5.13 43.87 -35.97
N ARG C 180 -3.82 43.78 -35.83
CA ARG C 180 -2.97 43.53 -36.96
C ARG C 180 -2.35 42.19 -36.66
N LEU C 181 -1.91 41.51 -37.72
CA LEU C 181 -1.18 40.25 -37.58
C LEU C 181 -0.16 40.20 -38.69
N GLY C 182 1.07 40.53 -38.35
CA GLY C 182 2.15 40.48 -39.31
C GLY C 182 3.34 39.78 -38.71
N LEU C 183 4.35 39.50 -39.52
CA LEU C 183 5.55 38.90 -38.99
C LEU C 183 6.42 40.00 -38.44
N ASN C 184 6.80 40.92 -39.30
CA ASN C 184 7.64 42.06 -38.92
C ASN C 184 6.87 43.35 -38.76
N GLY C 185 7.14 44.07 -37.67
CA GLY C 185 6.47 45.32 -37.41
C GLY C 185 6.84 46.36 -38.44
N PRO C 186 5.90 47.27 -38.74
CA PRO C 186 6.04 48.25 -39.82
C PRO C 186 7.37 49.00 -39.77
N GLN C 187 7.80 49.47 -38.61
CA GLN C 187 9.07 50.19 -38.53
C GLN C 187 10.23 49.30 -38.94
N VAL C 188 10.26 48.07 -38.40
CA VAL C 188 11.35 47.14 -38.67
C VAL C 188 11.53 46.88 -40.17
N ILE C 189 10.42 46.79 -40.92
CA ILE C 189 10.53 46.57 -42.36
C ILE C 189 11.05 47.83 -43.03
N GLU C 190 10.47 48.97 -42.67
CA GLU C 190 10.93 50.25 -43.19
C GLU C 190 12.42 50.37 -42.96
N GLN C 191 12.82 49.97 -41.76
CA GLN C 191 14.22 50.06 -41.37
C GLN C 191 15.08 49.20 -42.28
N GLU C 192 14.77 47.92 -42.36
CA GLU C 192 15.61 47.01 -43.12
C GLU C 192 15.46 47.17 -44.62
N ALA C 193 14.23 47.42 -45.09
CA ALA C 193 13.91 47.41 -46.53
C ALA C 193 13.73 48.76 -47.22
N GLY C 194 13.69 49.84 -46.44
CA GLY C 194 13.56 51.17 -47.03
C GLY C 194 12.15 51.71 -46.95
N ILE C 195 12.05 53.04 -46.77
CA ILE C 195 10.76 53.72 -46.62
C ILE C 195 9.81 53.56 -47.83
N ALA C 196 10.38 53.24 -48.98
CA ALA C 196 9.62 53.02 -50.20
C ALA C 196 8.94 51.65 -50.18
N GLU C 197 9.65 50.64 -49.67
CA GLU C 197 9.13 49.28 -49.60
C GLU C 197 8.00 49.11 -48.57
N TYR C 198 7.98 49.95 -47.54
CA TYR C 198 6.97 49.88 -46.47
C TYR C 198 7.06 51.16 -45.63
N ASP C 199 5.92 51.79 -45.36
CA ASP C 199 5.89 53.07 -44.66
C ASP C 199 5.32 52.96 -43.24
N SER C 200 6.17 53.12 -42.23
CA SER C 200 5.70 52.95 -40.84
C SER C 200 4.71 54.04 -40.36
N ARG C 201 4.58 55.13 -41.12
CA ARG C 201 3.72 56.26 -40.73
C ARG C 201 2.34 56.20 -41.41
N ASP C 202 2.24 55.34 -42.43
CA ASP C 202 1.02 55.20 -43.24
C ASP C 202 0.01 54.21 -42.63
N ARG C 203 -0.66 54.62 -41.57
CA ARG C 203 -1.53 53.70 -40.83
C ARG C 203 -2.62 53.00 -41.64
N PRO C 204 -3.35 53.73 -42.52
CA PRO C 204 -4.36 53.04 -43.34
C PRO C 204 -3.77 51.95 -44.28
N PHE C 205 -2.54 52.15 -44.73
CA PHE C 205 -1.81 51.17 -45.55
C PHE C 205 -1.45 49.93 -44.71
N ILE C 206 -0.98 50.17 -43.50
CA ILE C 206 -0.55 49.10 -42.59
C ILE C 206 -1.71 48.16 -42.24
N TRP C 207 -2.90 48.72 -42.06
CA TRP C 207 -4.05 47.91 -41.76
C TRP C 207 -4.60 47.29 -43.05
N SER C 208 -4.32 47.91 -44.18
CA SER C 208 -4.87 47.42 -45.44
C SER C 208 -4.26 46.07 -45.80
N LEU C 209 -3.02 45.83 -45.36
CA LEU C 209 -2.34 44.57 -45.65
C LEU C 209 -2.34 43.60 -44.48
N THR C 210 -2.21 44.11 -43.26
CA THR C 210 -2.06 43.24 -42.10
C THR C 210 -3.19 43.39 -41.08
N GLY C 211 -4.21 44.18 -41.44
CA GLY C 211 -5.33 44.39 -40.54
C GLY C 211 -6.15 43.15 -40.31
N GLY C 212 -6.98 43.17 -39.27
CA GLY C 212 -7.85 42.04 -38.97
C GLY C 212 -8.88 41.77 -40.05
N GLU C 213 -9.31 42.83 -40.73
CA GLU C 213 -10.31 42.70 -41.77
C GLU C 213 -9.65 42.02 -42.95
N GLN C 214 -8.54 42.60 -43.39
CA GLN C 214 -7.79 42.05 -44.52
C GLN C 214 -7.39 40.61 -44.33
N ARG C 215 -6.82 40.29 -43.17
CA ARG C 215 -6.41 38.91 -42.87
C ARG C 215 -7.57 37.92 -42.89
N PHE C 216 -8.78 38.36 -42.54
CA PHE C 216 -9.95 37.48 -42.60
C PHE C 216 -10.48 37.28 -44.01
N ALA C 217 -10.40 38.32 -44.84
CA ALA C 217 -10.91 38.23 -46.19
C ALA C 217 -9.96 37.46 -47.09
N SER C 218 -8.82 37.05 -46.55
CA SER C 218 -7.85 36.32 -47.36
C SER C 218 -7.62 34.92 -46.76
N GLY C 219 -8.44 34.56 -45.77
CA GLY C 219 -8.39 33.21 -45.26
C GLY C 219 -7.30 32.94 -44.23
N LEU C 220 -6.46 33.94 -44.00
CA LEU C 220 -5.41 33.86 -42.99
C LEU C 220 -6.00 34.10 -41.58
N ALA C 221 -7.31 34.27 -41.52
CA ALA C 221 -8.04 34.39 -40.26
C ALA C 221 -9.42 33.71 -40.38
N ASP C 222 -9.93 33.20 -39.26
CA ASP C 222 -11.13 32.37 -39.27
C ASP C 222 -12.44 33.05 -38.80
N ALA C 223 -12.32 34.15 -38.09
CA ALA C 223 -13.48 34.89 -37.59
C ALA C 223 -13.13 36.37 -37.57
N TYR C 224 -14.10 37.21 -37.95
CA TYR C 224 -13.90 38.66 -38.00
C TYR C 224 -14.81 39.36 -37.00
N LEU C 225 -14.52 39.15 -35.72
CA LEU C 225 -15.27 39.72 -34.60
C LEU C 225 -15.38 41.25 -34.46
N ALA C 226 -16.55 41.71 -34.07
CA ALA C 226 -16.70 43.08 -33.61
C ALA C 226 -16.05 43.19 -32.25
N ASP C 227 -15.78 44.42 -31.82
CA ASP C 227 -15.11 44.64 -30.56
C ASP C 227 -16.12 44.72 -29.41
N ASP C 228 -16.82 43.63 -29.16
CA ASP C 228 -17.77 43.61 -28.07
C ASP C 228 -17.44 42.44 -27.16
N LEU C 229 -17.46 42.67 -25.86
CA LEU C 229 -17.12 41.63 -24.86
C LEU C 229 -17.82 40.30 -25.14
N ASP C 230 -19.16 40.32 -25.06
CA ASP C 230 -20.03 39.17 -25.24
C ASP C 230 -19.86 38.45 -26.57
N GLU C 231 -19.75 39.22 -27.65
CA GLU C 231 -19.57 38.65 -28.98
C GLU C 231 -18.27 37.87 -29.13
N VAL C 232 -17.23 38.32 -28.44
CA VAL C 232 -15.95 37.64 -28.49
C VAL C 232 -16.05 36.33 -27.72
N ARG C 233 -16.56 36.37 -26.48
CA ARG C 233 -16.73 35.14 -25.70
C ARG C 233 -17.56 34.12 -26.46
N THR C 234 -18.65 34.60 -27.01
CA THR C 234 -19.55 33.80 -27.82
C THR C 234 -18.78 33.08 -28.94
N SER C 235 -17.96 33.81 -29.69
CA SER C 235 -17.22 33.20 -30.79
C SER C 235 -16.14 32.25 -30.28
N VAL C 236 -15.53 32.62 -29.15
CA VAL C 236 -14.52 31.75 -28.54
C VAL C 236 -15.14 30.40 -28.19
N LEU C 237 -16.16 30.41 -27.34
CA LEU C 237 -16.86 29.20 -26.93
C LEU C 237 -17.28 28.34 -28.11
N ALA C 238 -17.67 29.02 -29.18
CA ALA C 238 -18.20 28.36 -30.36
C ALA C 238 -17.13 27.57 -31.11
N TYR C 239 -15.93 28.14 -31.19
CA TYR C 239 -14.87 27.51 -31.95
C TYR C 239 -14.26 26.35 -31.16
N PHE C 240 -14.18 26.49 -29.84
CA PHE C 240 -13.72 25.39 -29.03
C PHE C 240 -14.68 24.22 -29.21
N ALA C 241 -15.95 24.54 -29.42
CA ALA C 241 -17.02 23.53 -29.58
C ALA C 241 -16.98 22.78 -30.92
N LYS C 242 -16.35 23.38 -31.93
CA LYS C 242 -16.20 22.71 -33.23
C LYS C 242 -15.03 21.73 -33.21
N GLY C 243 -14.17 21.82 -32.20
CA GLY C 243 -13.09 20.87 -32.10
C GLY C 243 -11.99 21.16 -33.11
N LEU C 244 -11.13 20.18 -33.33
CA LEU C 244 -10.00 20.35 -34.22
C LEU C 244 -10.43 20.46 -35.68
N PRO C 245 -9.89 21.46 -36.40
CA PRO C 245 -10.26 21.73 -37.79
C PRO C 245 -9.81 20.64 -38.76
N ALA C 246 -10.68 20.29 -39.70
CA ALA C 246 -10.43 19.27 -40.70
C ALA C 246 -9.03 19.35 -41.25
N ARG C 247 -8.76 20.41 -42.01
CA ARG C 247 -7.42 20.72 -42.48
C ARG C 247 -7.08 22.21 -42.37
N PRO C 248 -6.29 22.54 -41.34
CA PRO C 248 -5.80 23.85 -40.89
C PRO C 248 -4.74 24.43 -41.81
N ARG C 249 -4.59 25.75 -41.82
CA ARG C 249 -3.67 26.45 -42.71
C ARG C 249 -2.25 25.88 -42.75
N CYS C 250 -1.80 25.32 -41.63
CA CYS C 250 -0.42 24.81 -41.53
C CYS C 250 -0.09 23.63 -42.42
N ARG C 251 -1.09 22.79 -42.67
CA ARG C 251 -0.89 21.61 -43.48
C ARG C 251 -1.46 21.83 -44.87
N ARG C 252 -1.42 23.07 -45.34
CA ARG C 252 -1.86 23.40 -46.69
C ARG C 252 -0.66 23.86 -47.48
N ALA C 253 0.52 23.43 -47.06
CA ALA C 253 1.79 23.90 -47.63
C ALA C 253 1.84 23.94 -49.17
N GLU C 254 1.23 22.99 -49.85
CA GLU C 254 1.37 22.96 -51.30
C GLU C 254 0.33 23.83 -52.05
N ASP C 255 -0.88 23.95 -51.50
CA ASP C 255 -1.88 24.85 -52.09
C ASP C 255 -1.35 26.29 -52.18
N TYR C 256 -0.78 26.76 -51.07
CA TYR C 256 -0.26 28.12 -50.99
C TYR C 256 0.95 28.28 -51.89
N LEU C 257 1.78 27.25 -51.89
CA LEU C 257 2.97 27.21 -52.73
C LEU C 257 2.58 27.29 -54.20
N ARG C 258 1.43 26.69 -54.51
CA ARG C 258 0.85 26.70 -55.85
C ARG C 258 0.41 28.10 -56.23
N ARG C 259 -0.41 28.69 -55.35
CA ARG C 259 -0.95 30.03 -55.54
C ARG C 259 0.14 31.10 -55.62
N LEU C 260 1.16 30.96 -54.77
CA LEU C 260 2.29 31.90 -54.80
C LEU C 260 3.03 31.79 -56.14
N GLY C 261 3.16 30.57 -56.63
CA GLY C 261 3.76 30.30 -57.92
C GLY C 261 3.00 30.99 -59.05
N ASP C 262 1.68 31.06 -58.93
CA ASP C 262 0.85 31.72 -59.94
C ASP C 262 1.09 33.23 -59.97
N LEU C 263 1.04 33.88 -58.80
CA LEU C 263 1.26 35.33 -58.66
C LEU C 263 2.50 35.86 -59.37
N ASP C 264 2.32 36.97 -60.08
CA ASP C 264 3.42 37.67 -60.74
C ASP C 264 4.06 38.59 -59.70
N THR C 265 5.13 38.09 -59.10
CA THR C 265 5.79 38.79 -58.02
C THR C 265 6.53 40.04 -58.46
N ALA C 266 6.65 40.24 -59.76
CA ALA C 266 7.42 41.36 -60.31
C ALA C 266 6.89 42.72 -59.87
N GLU C 267 5.64 42.77 -59.38
CA GLU C 267 5.07 44.02 -58.85
C GLU C 267 4.33 43.92 -57.50
N GLN C 268 4.25 45.04 -56.78
CA GLN C 268 3.77 45.09 -55.39
C GLN C 268 2.29 44.74 -55.24
N PRO C 269 1.99 43.56 -54.67
CA PRO C 269 0.58 43.20 -54.51
C PRO C 269 -0.11 44.21 -53.61
N ASP C 270 -1.42 44.37 -53.76
CA ASP C 270 -2.15 45.30 -52.91
C ASP C 270 -3.20 44.51 -52.14
N ALA C 271 -3.81 45.16 -51.14
CA ALA C 271 -4.81 44.52 -50.27
C ALA C 271 -5.75 43.59 -51.04
N ALA C 272 -6.34 44.13 -52.11
CA ALA C 272 -7.28 43.42 -52.97
C ALA C 272 -6.62 42.28 -53.77
N GLY C 273 -5.46 42.56 -54.37
CA GLY C 273 -4.68 41.56 -55.08
C GLY C 273 -4.46 40.28 -54.29
N VAL C 274 -4.34 40.43 -52.98
CA VAL C 274 -4.12 39.30 -52.08
C VAL C 274 -5.40 38.51 -51.83
N ARG C 275 -6.56 39.17 -51.83
CA ARG C 275 -7.82 38.45 -51.59
C ARG C 275 -8.18 37.64 -52.83
N ARG C 276 -7.76 38.14 -53.99
CA ARG C 276 -8.00 37.46 -55.27
C ARG C 276 -7.15 36.20 -55.38
N LEU C 277 -5.88 36.28 -54.99
CA LEU C 277 -4.95 35.16 -55.15
C LEU C 277 -5.33 33.91 -54.32
N TYR C 278 -6.33 34.04 -53.42
CA TYR C 278 -6.75 32.92 -52.53
C TYR C 278 -8.25 32.54 -52.74
N ALA D 22 28.38 30.30 -51.71
CA ALA D 22 27.40 31.40 -51.68
C ALA D 22 26.94 31.73 -50.25
N SER D 23 27.06 30.75 -49.36
CA SER D 23 26.79 30.92 -47.94
C SER D 23 27.32 29.71 -47.18
N ARG D 24 27.64 29.88 -45.90
CA ARG D 24 28.12 28.77 -45.06
C ARG D 24 27.13 27.62 -45.02
N GLY D 25 25.84 27.94 -45.11
CA GLY D 25 24.82 26.91 -45.15
C GLY D 25 25.05 26.03 -46.37
N LEU D 26 25.23 26.67 -47.51
CA LEU D 26 25.37 25.97 -48.78
C LEU D 26 26.66 25.13 -48.78
N ALA D 27 27.75 25.76 -48.33
CA ALA D 27 29.04 25.07 -48.20
C ALA D 27 28.94 23.82 -47.35
N TRP D 28 28.25 23.95 -46.22
CA TRP D 28 28.11 22.85 -45.26
C TRP D 28 27.06 21.81 -45.64
N PHE D 29 26.16 22.18 -46.54
CA PHE D 29 25.15 21.24 -47.01
C PHE D 29 25.80 20.27 -47.98
N GLN D 30 26.56 20.80 -48.93
CA GLN D 30 27.25 19.97 -49.91
C GLN D 30 28.30 19.10 -49.26
N ALA D 31 28.84 19.57 -48.13
CA ALA D 31 29.90 18.86 -47.46
C ALA D 31 29.34 17.75 -46.56
N LEU D 32 28.09 17.86 -46.16
CA LEU D 32 27.52 16.85 -45.31
C LEU D 32 26.56 15.92 -46.05
N ALA D 33 26.00 16.38 -47.17
CA ALA D 33 24.97 15.61 -47.90
C ALA D 33 25.42 15.09 -49.29
N GLY D 34 26.51 15.65 -49.80
CA GLY D 34 27.02 15.33 -51.11
C GLY D 34 26.27 16.06 -52.22
N SER D 35 24.94 15.91 -52.26
CA SER D 35 24.09 16.66 -53.18
C SER D 35 24.25 18.18 -52.96
N LEU D 36 24.82 18.93 -53.91
CA LEU D 36 24.84 20.39 -53.73
C LEU D 36 23.84 21.10 -54.64
N ALA D 37 23.32 20.41 -55.64
CA ALA D 37 22.31 21.02 -56.48
C ALA D 37 20.94 20.89 -55.82
N PRO D 38 20.04 21.83 -56.10
CA PRO D 38 18.74 21.78 -55.44
C PRO D 38 17.83 20.79 -56.10
N ARG D 39 17.01 20.12 -55.31
CA ARG D 39 16.01 19.23 -55.88
C ARG D 39 15.11 20.00 -56.84
N PRO D 40 14.52 19.28 -57.79
CA PRO D 40 13.44 19.83 -58.62
C PRO D 40 12.16 19.83 -57.78
N GLY D 41 11.39 20.90 -57.78
CA GLY D 41 10.18 20.93 -56.97
C GLY D 41 10.28 21.80 -55.72
N ASP D 42 11.52 21.95 -55.24
CA ASP D 42 11.84 22.84 -54.13
C ASP D 42 12.16 24.20 -54.71
N PRO D 43 11.87 25.27 -53.96
CA PRO D 43 12.35 26.59 -54.36
C PRO D 43 13.87 26.56 -54.46
N ALA D 44 14.48 27.38 -55.31
CA ALA D 44 15.94 27.37 -55.47
C ALA D 44 16.66 27.75 -54.18
N SER D 45 15.89 28.29 -53.26
CA SER D 45 16.36 28.71 -51.94
C SER D 45 16.47 27.54 -50.97
N LEU D 46 15.81 26.43 -51.28
CA LEU D 46 15.96 25.22 -50.46
C LEU D 46 16.98 24.26 -51.01
N ARG D 47 17.38 23.34 -50.16
CA ARG D 47 18.32 22.31 -50.54
C ARG D 47 17.96 21.08 -49.76
N VAL D 48 17.24 20.14 -50.37
CA VAL D 48 16.96 18.91 -49.65
C VAL D 48 17.73 17.75 -50.28
N ALA D 49 18.10 16.77 -49.45
CA ALA D 49 18.88 15.59 -49.88
C ALA D 49 18.90 14.52 -48.80
N ASP D 50 18.39 13.33 -49.11
CA ASP D 50 18.42 12.19 -48.20
C ASP D 50 19.79 11.52 -48.27
N ALA D 51 20.18 10.81 -47.23
CA ALA D 51 21.51 10.18 -47.18
C ALA D 51 21.60 9.29 -45.95
N GLU D 52 22.80 8.84 -45.64
CA GLU D 52 22.98 8.05 -44.43
C GLU D 52 24.10 8.59 -43.56
N LEU D 53 23.93 8.36 -42.26
CA LEU D 53 24.86 8.80 -41.23
C LEU D 53 25.02 7.65 -40.25
N ASP D 54 26.01 6.80 -40.49
CA ASP D 54 26.21 5.57 -39.70
C ASP D 54 24.99 4.68 -39.80
N GLY D 55 24.62 4.36 -41.04
CA GLY D 55 23.54 3.43 -41.27
C GLY D 55 22.20 3.90 -40.77
N TYR D 56 22.08 5.20 -40.50
CA TYR D 56 20.79 5.77 -40.13
C TYR D 56 20.32 6.72 -41.23
N PRO D 57 19.07 6.55 -41.67
CA PRO D 57 18.42 7.40 -42.67
C PRO D 57 18.35 8.86 -42.22
N VAL D 58 18.88 9.75 -43.04
CA VAL D 58 19.03 11.14 -42.70
C VAL D 58 18.59 12.06 -43.82
N ARG D 59 17.67 12.98 -43.56
CA ARG D 59 17.37 14.00 -44.57
C ARG D 59 17.98 15.34 -44.16
N PHE D 60 18.85 15.89 -45.00
CA PHE D 60 19.47 17.20 -44.77
C PHE D 60 18.60 18.33 -45.34
N LEU D 61 18.30 19.32 -44.51
CA LEU D 61 17.57 20.48 -45.01
C LEU D 61 18.40 21.70 -44.75
N ALA D 62 18.41 22.61 -45.71
CA ALA D 62 19.15 23.85 -45.55
C ALA D 62 18.51 24.95 -46.37
N VAL D 63 18.44 26.15 -45.80
CA VAL D 63 18.04 27.34 -46.52
C VAL D 63 19.32 28.08 -46.97
N VAL D 64 19.40 28.36 -48.26
CA VAL D 64 20.59 29.01 -48.82
C VAL D 64 20.14 30.19 -49.67
N PRO D 65 21.09 31.03 -50.12
CA PRO D 65 20.64 32.14 -50.95
C PRO D 65 20.15 31.72 -52.34
N ASP D 66 19.35 32.58 -52.94
CA ASP D 66 18.79 32.36 -54.27
C ASP D 66 18.57 33.73 -54.87
N PRO D 67 19.66 34.33 -55.41
CA PRO D 67 19.60 35.70 -55.95
C PRO D 67 18.57 35.85 -57.07
N ASP D 68 17.97 34.76 -57.52
CA ASP D 68 16.85 34.78 -58.47
C ASP D 68 15.55 34.27 -57.82
N ASN D 69 15.25 34.77 -56.62
CA ASN D 69 14.03 34.38 -55.93
C ASN D 69 12.91 35.28 -56.44
N PRO D 70 11.75 34.68 -56.76
CA PRO D 70 10.56 35.42 -57.21
C PRO D 70 10.35 36.69 -56.38
N PHE D 71 10.57 36.58 -55.06
CA PHE D 71 10.44 37.73 -54.17
C PHE D 71 11.81 38.38 -53.96
N PRO D 72 11.91 39.68 -54.25
CA PRO D 72 13.19 40.40 -54.18
C PRO D 72 13.72 40.46 -52.76
N ARG D 73 12.82 40.64 -51.78
CA ARG D 73 13.21 40.73 -50.37
C ARG D 73 13.64 39.38 -49.74
N ALA D 74 13.98 38.41 -50.57
CA ALA D 74 14.37 37.08 -50.11
C ALA D 74 15.46 36.52 -51.02
N ARG D 75 16.41 37.39 -51.39
CA ARG D 75 17.49 37.02 -52.29
C ARG D 75 18.89 37.01 -51.68
N GLN D 76 18.98 36.85 -50.36
CA GLN D 76 20.29 36.78 -49.73
C GLN D 76 20.28 35.74 -48.65
N GLY D 77 19.37 34.79 -48.80
CA GLY D 77 19.33 33.65 -47.92
C GLY D 77 18.21 33.74 -46.93
N GLU D 78 17.52 34.89 -46.89
CA GLU D 78 16.38 35.05 -45.99
C GLU D 78 15.38 33.89 -46.09
N VAL D 79 14.64 33.66 -45.00
CA VAL D 79 13.56 32.69 -45.01
C VAL D 79 12.26 33.44 -45.28
N GLY D 80 11.85 33.51 -46.53
CA GLY D 80 10.63 34.20 -46.90
C GLY D 80 9.49 33.26 -47.19
N LEU D 81 8.49 33.73 -47.94
CA LEU D 81 7.27 32.99 -48.25
C LEU D 81 7.50 31.60 -48.82
N LEU D 82 8.33 31.51 -49.86
CA LEU D 82 8.61 30.24 -50.52
C LEU D 82 9.42 29.29 -49.63
N GLU D 83 10.49 29.83 -49.07
CA GLU D 83 11.39 29.14 -48.13
C GLU D 83 10.60 28.55 -46.94
N GLY D 84 9.56 29.28 -46.55
CA GLY D 84 8.69 28.89 -45.46
C GLY D 84 7.89 27.66 -45.80
N TRP D 85 6.92 27.83 -46.70
CA TRP D 85 6.10 26.73 -47.17
C TRP D 85 6.95 25.60 -47.77
N GLY D 86 8.01 25.96 -48.48
CA GLY D 86 8.89 24.98 -49.06
C GLY D 86 9.44 24.00 -48.03
N LEU D 87 9.77 24.54 -46.86
CA LEU D 87 10.27 23.71 -45.78
C LEU D 87 9.16 22.81 -45.28
N ALA D 88 7.95 23.37 -45.17
CA ALA D 88 6.78 22.64 -44.71
C ALA D 88 6.46 21.50 -45.67
N ALA D 89 6.83 21.71 -46.94
CA ALA D 89 6.66 20.69 -47.94
C ALA D 89 7.63 19.53 -47.67
N ALA D 90 8.93 19.79 -47.87
CA ALA D 90 9.98 18.79 -47.68
C ALA D 90 9.87 17.96 -46.38
N VAL D 91 9.52 18.59 -45.26
CA VAL D 91 9.39 17.85 -44.01
C VAL D 91 8.15 16.96 -44.03
N ASP D 92 7.03 17.49 -44.51
CA ASP D 92 5.80 16.69 -44.53
C ASP D 92 5.92 15.53 -45.54
N GLU D 93 6.71 15.76 -46.59
CA GLU D 93 7.08 14.72 -47.56
C GLU D 93 7.69 13.53 -46.82
N ALA D 94 8.81 13.78 -46.15
CA ALA D 94 9.48 12.76 -45.36
C ALA D 94 8.67 12.26 -44.16
N LEU D 95 7.67 13.02 -43.73
CA LEU D 95 6.87 12.62 -42.56
C LEU D 95 6.05 11.39 -42.91
N GLU D 96 5.47 11.40 -44.11
CA GLU D 96 4.53 10.35 -44.51
C GLU D 96 5.24 9.15 -45.11
N ALA D 97 6.43 9.38 -45.66
CA ALA D 97 7.28 8.28 -46.08
C ALA D 97 7.52 7.31 -44.93
N ASP D 98 8.11 7.80 -43.85
CA ASP D 98 8.43 6.95 -42.72
C ASP D 98 7.24 6.78 -41.78
N ARG D 99 6.05 7.12 -42.29
CA ARG D 99 4.80 6.88 -41.55
C ARG D 99 4.72 5.39 -41.19
N GLU D 100 5.40 4.58 -41.98
CA GLU D 100 5.35 3.12 -41.92
C GLU D 100 6.72 2.53 -41.59
N ALA D 101 7.75 3.14 -42.17
CA ALA D 101 9.15 2.73 -42.06
C ALA D 101 9.54 2.24 -40.67
N PRO D 102 10.50 1.31 -40.61
CA PRO D 102 10.93 0.72 -39.34
C PRO D 102 11.61 1.75 -38.45
N ARG D 103 12.33 2.68 -39.07
CA ARG D 103 13.06 3.72 -38.37
C ARG D 103 12.75 5.07 -39.00
N LYS D 104 12.06 5.94 -38.27
CA LYS D 104 11.76 7.29 -38.77
C LYS D 104 13.08 7.98 -39.08
N ARG D 105 13.22 8.55 -40.27
CA ARG D 105 14.50 9.19 -40.63
C ARG D 105 14.69 10.50 -39.88
N ALA D 106 15.92 10.72 -39.45
CA ALA D 106 16.29 11.95 -38.78
C ALA D 106 16.33 13.11 -39.76
N LEU D 107 15.97 14.30 -39.26
CA LEU D 107 16.05 15.53 -40.02
C LEU D 107 17.17 16.42 -39.50
N LEU D 108 18.18 16.71 -40.33
CA LEU D 108 19.27 17.58 -39.91
C LEU D 108 19.07 18.93 -40.55
N ALA D 109 18.86 19.94 -39.72
CA ALA D 109 18.71 21.28 -40.23
C ALA D 109 20.04 22.05 -40.20
N ILE D 110 20.61 22.32 -41.37
CA ILE D 110 21.79 23.20 -41.44
C ILE D 110 21.30 24.64 -41.35
N VAL D 111 21.45 25.26 -40.20
CA VAL D 111 20.93 26.60 -40.05
C VAL D 111 21.98 27.64 -40.43
N ASP D 112 21.59 28.54 -41.34
CA ASP D 112 22.39 29.70 -41.72
C ASP D 112 21.49 30.65 -42.51
N VAL D 113 20.64 31.36 -41.77
CA VAL D 113 19.67 32.27 -42.34
C VAL D 113 19.74 33.66 -41.64
N PRO D 114 20.17 34.70 -42.39
CA PRO D 114 20.39 36.05 -41.85
C PRO D 114 19.15 36.66 -41.16
N SER D 115 17.96 36.33 -41.66
CA SER D 115 16.73 36.80 -41.09
C SER D 115 15.56 36.23 -41.81
N GLN D 116 14.39 36.55 -41.28
CA GLN D 116 13.12 36.48 -41.95
C GLN D 116 13.23 37.38 -43.16
N ALA D 117 12.46 37.13 -44.21
CA ALA D 117 12.34 38.11 -45.27
C ALA D 117 11.59 39.32 -44.73
N TYR D 118 12.14 40.52 -44.97
CA TYR D 118 11.55 41.79 -44.56
C TYR D 118 10.95 42.54 -45.76
N GLY D 119 9.63 42.57 -45.92
CA GLY D 119 9.07 43.27 -47.08
C GLY D 119 7.56 43.33 -47.21
N ARG D 120 7.05 44.24 -48.06
CA ARG D 120 5.60 44.41 -48.27
C ARG D 120 4.94 43.23 -48.92
N ARG D 121 5.59 42.78 -49.99
CA ARG D 121 5.17 41.61 -50.74
C ARG D 121 4.97 40.48 -49.75
N GLU D 122 5.95 40.33 -48.86
CA GLU D 122 6.01 39.24 -47.89
C GLU D 122 4.92 39.34 -46.80
N GLU D 123 4.74 40.51 -46.22
CA GLU D 123 3.71 40.73 -45.19
C GLU D 123 2.30 40.64 -45.75
N ALA D 124 2.14 41.06 -47.01
CA ALA D 124 0.84 41.09 -47.65
C ALA D 124 0.33 39.68 -47.86
N LEU D 125 1.26 38.76 -48.14
CA LEU D 125 0.89 37.41 -48.51
C LEU D 125 0.91 36.43 -47.34
N GLY D 126 1.19 36.96 -46.14
CA GLY D 126 1.13 36.17 -44.92
C GLY D 126 2.39 35.38 -44.59
N ILE D 127 3.54 36.03 -44.64
CA ILE D 127 4.81 35.36 -44.35
C ILE D 127 4.83 34.74 -42.95
N HIS D 128 4.07 35.30 -42.03
CA HIS D 128 3.99 34.73 -40.69
C HIS D 128 3.36 33.33 -40.78
N GLN D 129 2.46 33.15 -41.74
CA GLN D 129 1.74 31.89 -41.90
C GLN D 129 2.64 30.87 -42.62
N ALA D 130 3.45 31.35 -43.56
CA ALA D 130 4.39 30.48 -44.25
C ALA D 130 5.32 29.82 -43.26
N LEU D 131 5.94 30.62 -42.39
CA LEU D 131 6.89 30.10 -41.41
C LEU D 131 6.20 29.25 -40.35
N ALA D 132 4.88 29.39 -40.21
CA ALA D 132 4.12 28.55 -39.29
C ALA D 132 3.94 27.15 -39.87
N GLY D 133 3.97 27.07 -41.20
CA GLY D 133 3.87 25.78 -41.87
C GLY D 133 5.16 25.00 -41.66
N ALA D 134 6.24 25.76 -41.63
CA ALA D 134 7.53 25.18 -41.36
C ALA D 134 7.60 24.65 -39.93
N VAL D 135 7.28 25.50 -38.97
CA VAL D 135 7.31 25.09 -37.58
C VAL D 135 6.41 23.90 -37.33
N ASP D 136 5.18 23.94 -37.86
CA ASP D 136 4.23 22.83 -37.67
C ASP D 136 4.81 21.51 -38.18
N ALA D 137 5.31 21.53 -39.41
CA ALA D 137 5.96 20.37 -40.00
C ALA D 137 7.02 19.78 -39.07
N TYR D 138 8.14 20.50 -38.92
CA TYR D 138 9.25 20.09 -38.04
C TYR D 138 8.76 19.58 -36.72
N ALA D 139 7.86 20.34 -36.10
CA ALA D 139 7.32 19.96 -34.81
C ALA D 139 6.61 18.61 -34.86
N ARG D 140 5.70 18.44 -35.82
CA ARG D 140 4.96 17.18 -35.93
C ARG D 140 5.92 16.02 -36.20
N ALA D 141 6.98 16.31 -36.96
CA ALA D 141 8.03 15.34 -37.23
C ALA D 141 8.71 14.88 -35.94
N ARG D 142 9.18 15.86 -35.17
CA ARG D 142 9.87 15.62 -33.89
C ARG D 142 9.01 14.77 -32.95
N LEU D 143 7.72 15.13 -32.91
CA LEU D 143 6.73 14.48 -32.06
C LEU D 143 6.45 13.05 -32.47
N ALA D 144 6.66 12.74 -33.75
CA ALA D 144 6.35 11.41 -34.29
C ALA D 144 7.43 10.39 -34.01
N GLY D 145 8.66 10.86 -33.81
CA GLY D 145 9.78 9.97 -33.59
C GLY D 145 10.99 10.34 -34.42
N HIS D 146 10.76 11.21 -35.40
CA HIS D 146 11.86 11.73 -36.20
C HIS D 146 12.79 12.50 -35.28
N PRO D 147 14.09 12.21 -35.37
CA PRO D 147 15.11 12.95 -34.63
C PRO D 147 15.53 14.21 -35.36
N LEU D 148 15.21 15.40 -34.85
CA LEU D 148 15.72 16.63 -35.47
C LEU D 148 17.01 17.04 -34.85
N ILE D 149 17.91 17.59 -35.64
CA ILE D 149 19.14 18.14 -35.10
C ILE D 149 19.42 19.43 -35.84
N GLY D 150 19.71 20.49 -35.10
CA GLY D 150 19.98 21.77 -35.71
C GLY D 150 21.46 22.05 -35.69
N LEU D 151 22.06 22.20 -36.86
CA LEU D 151 23.47 22.48 -36.92
C LEU D 151 23.65 23.95 -37.24
N LEU D 152 24.06 24.74 -36.26
CA LEU D 152 24.24 26.17 -36.46
C LEU D 152 25.61 26.46 -37.04
N VAL D 153 25.66 26.69 -38.36
CA VAL D 153 26.94 26.89 -38.99
C VAL D 153 27.15 28.34 -39.36
N GLY D 154 26.11 29.14 -39.22
CA GLY D 154 26.23 30.55 -39.51
C GLY D 154 25.29 31.40 -38.67
N LYS D 155 24.44 32.16 -39.33
CA LYS D 155 23.51 33.05 -38.65
C LYS D 155 22.21 32.30 -38.37
N ALA D 156 21.59 32.61 -37.25
CA ALA D 156 20.33 31.99 -36.91
C ALA D 156 19.45 32.98 -36.21
N MET D 157 18.65 33.72 -36.98
CA MET D 157 17.88 34.85 -36.44
C MET D 157 16.35 34.72 -36.44
N SER D 158 15.75 35.40 -35.46
CA SER D 158 14.31 35.58 -35.32
C SER D 158 13.45 34.48 -35.88
N GLY D 159 12.48 34.89 -36.68
CA GLY D 159 11.48 33.99 -37.23
C GLY D 159 12.09 32.91 -38.09
N ALA D 160 13.16 33.26 -38.79
CA ALA D 160 13.86 32.34 -39.70
C ALA D 160 14.32 31.08 -38.97
N PHE D 161 14.94 31.30 -37.83
CA PHE D 161 15.40 30.20 -36.97
C PHE D 161 14.22 29.48 -36.23
N LEU D 162 13.13 30.17 -35.96
CA LEU D 162 11.97 29.51 -35.37
C LEU D 162 11.47 28.46 -36.34
N ALA D 163 11.56 28.78 -37.62
CA ALA D 163 11.00 27.92 -38.66
C ALA D 163 11.96 26.81 -38.97
N HIS D 164 13.20 27.19 -39.26
CA HIS D 164 14.25 26.29 -39.69
C HIS D 164 15.27 26.13 -38.56
N GLY D 165 14.99 25.25 -37.60
CA GLY D 165 15.93 25.02 -36.53
C GLY D 165 15.41 24.86 -35.12
N TYR D 166 14.57 25.75 -34.60
CA TYR D 166 14.23 25.65 -33.18
C TYR D 166 13.19 24.63 -32.81
N GLN D 167 12.91 23.70 -33.69
CA GLN D 167 12.08 22.58 -33.28
C GLN D 167 12.95 21.37 -33.01
N ALA D 168 14.27 21.55 -32.98
CA ALA D 168 15.20 20.43 -32.88
C ALA D 168 15.12 19.70 -31.55
N ASN D 169 15.39 18.41 -31.61
CA ASN D 169 15.56 17.64 -30.40
C ASN D 169 16.90 18.02 -29.75
N ARG D 170 17.87 18.40 -30.58
CA ARG D 170 19.19 18.82 -30.08
C ARG D 170 19.80 19.89 -30.98
N LEU D 171 20.37 20.92 -30.36
CA LEU D 171 21.05 21.96 -31.10
C LEU D 171 22.57 21.82 -30.99
N ILE D 172 23.25 21.96 -32.13
CA ILE D 172 24.71 21.92 -32.20
C ILE D 172 25.20 23.15 -32.94
N ALA D 173 26.10 23.91 -32.35
CA ALA D 173 26.61 25.08 -33.03
C ALA D 173 28.09 24.94 -33.24
N LEU D 174 28.60 25.48 -34.34
CA LEU D 174 30.03 25.53 -34.55
C LEU D 174 30.58 26.65 -33.70
N HIS D 175 31.68 26.42 -32.99
CA HIS D 175 32.22 27.53 -32.24
C HIS D 175 33.05 28.44 -33.13
N ASP D 176 32.46 29.58 -33.47
CA ASP D 176 33.05 30.53 -34.40
C ASP D 176 32.28 31.85 -34.42
N PRO D 177 33.01 32.97 -34.45
CA PRO D 177 32.50 34.35 -34.49
C PRO D 177 31.44 34.64 -35.57
N GLY D 178 31.36 33.81 -36.60
CA GLY D 178 30.34 33.99 -37.62
C GLY D 178 29.01 33.41 -37.20
N VAL D 179 29.05 32.53 -36.21
CA VAL D 179 27.86 31.89 -35.65
C VAL D 179 27.21 32.79 -34.59
N MET D 180 26.02 33.30 -34.90
CA MET D 180 25.29 34.24 -34.06
C MET D 180 23.83 33.85 -33.95
N VAL D 181 23.25 34.05 -32.77
CA VAL D 181 21.83 33.82 -32.50
C VAL D 181 21.15 35.03 -31.84
N HIS D 182 19.98 35.45 -32.35
CA HIS D 182 19.30 36.65 -31.88
C HIS D 182 17.94 36.82 -32.57
N ALA D 183 17.23 37.91 -32.31
CA ALA D 183 15.89 38.09 -32.86
C ALA D 183 15.76 39.31 -33.75
N MET D 184 16.82 40.10 -33.84
CA MET D 184 16.77 41.31 -34.65
C MET D 184 18.15 41.94 -34.83
N GLY D 185 18.36 42.59 -35.97
CA GLY D 185 19.61 43.29 -36.22
C GLY D 185 19.69 44.47 -35.29
N LYS D 186 20.90 44.84 -34.88
CA LYS D 186 21.03 45.88 -33.85
C LYS D 186 20.52 47.23 -34.35
N ALA D 187 20.44 47.40 -35.66
CA ALA D 187 19.90 48.62 -36.24
C ALA D 187 18.44 48.78 -35.81
N ALA D 188 17.63 47.80 -36.18
CA ALA D 188 16.20 47.78 -35.91
C ALA D 188 15.88 47.64 -34.42
N ALA D 189 16.64 46.80 -33.74
CA ALA D 189 16.45 46.59 -32.31
C ALA D 189 16.63 47.91 -31.56
N ALA D 190 17.70 48.62 -31.88
CA ALA D 190 17.97 49.91 -31.24
C ALA D 190 16.82 50.89 -31.45
N ARG D 191 16.19 50.80 -32.61
CA ARG D 191 15.11 51.72 -32.94
C ARG D 191 13.85 51.44 -32.15
N ILE D 192 13.37 50.20 -32.21
CA ILE D 192 12.15 49.76 -31.52
C ILE D 192 12.22 49.99 -30.01
N THR D 193 13.36 49.58 -29.46
CA THR D 193 13.70 49.66 -28.04
C THR D 193 13.89 51.09 -27.51
N LEU D 194 14.47 51.94 -28.37
CA LEU D 194 14.81 53.36 -28.08
C LEU D 194 16.14 53.43 -27.37
N ARG D 195 17.17 52.95 -28.07
CA ARG D 195 18.55 52.90 -27.59
C ARG D 195 19.49 53.08 -28.79
N SER D 196 20.73 53.48 -28.54
CA SER D 196 21.74 53.55 -29.62
C SER D 196 22.37 52.20 -29.79
N VAL D 197 22.92 51.95 -30.97
CA VAL D 197 23.65 50.72 -31.20
C VAL D 197 24.79 50.55 -30.17
N GLU D 198 25.31 51.68 -29.70
CA GLU D 198 26.37 51.69 -28.70
C GLU D 198 25.90 51.11 -27.37
N GLU D 199 24.75 51.54 -26.87
CA GLU D 199 24.26 51.00 -25.59
C GLU D 199 23.82 49.53 -25.69
N LEU D 200 23.38 49.06 -26.86
CA LEU D 200 23.08 47.63 -27.04
C LEU D 200 24.36 46.81 -26.80
N GLU D 201 25.34 46.97 -27.68
CA GLU D 201 26.63 46.28 -27.55
C GLU D 201 27.21 46.42 -26.14
N ALA D 202 26.97 47.57 -25.51
CA ALA D 202 27.36 47.78 -24.12
C ALA D 202 26.60 46.79 -23.25
N LEU D 203 25.28 46.99 -23.20
CA LEU D 203 24.36 46.09 -22.54
C LEU D 203 24.53 44.61 -22.89
N ALA D 204 24.98 44.31 -24.10
CA ALA D 204 24.99 42.93 -24.58
C ALA D 204 26.05 42.11 -23.86
N ALA D 205 26.91 42.79 -23.11
CA ALA D 205 27.94 42.14 -22.34
C ALA D 205 27.48 41.87 -20.92
N LYS D 206 26.50 42.64 -20.48
CA LYS D 206 26.00 42.60 -19.11
C LYS D 206 24.75 41.73 -18.99
N VAL D 207 24.13 41.50 -20.15
CA VAL D 207 22.88 40.74 -20.25
C VAL D 207 23.02 39.68 -21.34
N PRO D 208 23.49 38.49 -20.97
CA PRO D 208 23.74 37.41 -21.93
C PRO D 208 22.56 37.17 -22.89
N PRO D 209 21.31 37.24 -22.41
CA PRO D 209 20.34 36.97 -23.46
C PRO D 209 20.25 38.06 -24.54
N MET D 210 20.97 39.17 -24.40
CA MET D 210 20.92 40.26 -25.38
C MET D 210 22.05 40.17 -26.39
N ALA D 211 23.05 39.34 -26.08
CA ALA D 211 24.26 39.26 -26.88
C ALA D 211 24.06 38.43 -28.13
N TYR D 212 24.89 38.68 -29.14
CA TYR D 212 24.73 37.98 -30.41
C TYR D 212 25.66 36.77 -30.53
N ASP D 213 26.78 36.80 -29.81
CA ASP D 213 27.78 35.74 -29.95
C ASP D 213 27.33 34.40 -29.42
N ILE D 214 27.98 33.36 -29.90
CA ILE D 214 27.64 31.99 -29.59
C ILE D 214 28.08 31.56 -28.18
N ASP D 215 28.96 32.33 -27.54
CA ASP D 215 29.38 32.00 -26.18
C ASP D 215 28.26 32.37 -25.23
N SER D 216 27.68 33.53 -25.48
CA SER D 216 26.54 33.99 -24.70
C SER D 216 25.32 33.12 -24.94
N TYR D 217 25.19 32.59 -26.14
CA TYR D 217 24.07 31.70 -26.41
C TYR D 217 24.29 30.43 -25.61
N ALA D 218 25.51 29.95 -25.60
CA ALA D 218 25.80 28.69 -24.93
C ALA D 218 25.43 28.76 -23.45
N SER D 219 25.67 29.91 -22.82
CA SER D 219 25.38 30.06 -21.40
C SER D 219 23.89 29.95 -21.07
N LEU D 220 23.07 29.94 -22.12
CA LEU D 220 21.64 29.79 -21.93
C LEU D 220 21.29 28.30 -21.86
N GLY D 221 22.31 27.46 -22.07
CA GLY D 221 22.16 26.01 -22.06
C GLY D 221 21.11 25.53 -23.04
N LEU D 222 21.15 26.11 -24.23
CA LEU D 222 20.23 25.75 -25.30
C LEU D 222 20.96 24.92 -26.32
N LEU D 223 22.26 24.81 -26.16
CA LEU D 223 23.06 24.04 -27.08
C LEU D 223 23.43 22.73 -26.40
N TRP D 224 23.26 21.63 -27.13
CA TRP D 224 23.64 20.30 -26.63
C TRP D 224 25.14 20.10 -26.77
N ARG D 225 25.72 20.88 -27.68
CA ARG D 225 27.17 20.87 -27.89
C ARG D 225 27.61 21.93 -28.87
N THR D 226 28.74 22.53 -28.54
CA THR D 226 29.43 23.46 -29.41
C THR D 226 30.70 22.76 -29.78
N LEU D 227 31.14 22.87 -31.04
CA LEU D 227 32.41 22.29 -31.42
C LEU D 227 33.09 23.21 -32.40
N PRO D 228 34.34 23.58 -32.07
CA PRO D 228 35.16 24.47 -32.89
C PRO D 228 35.72 23.75 -34.11
N VAL D 229 36.11 24.50 -35.13
CA VAL D 229 36.57 23.93 -36.40
C VAL D 229 37.82 24.59 -36.95
N GLU D 230 38.48 23.89 -37.88
CA GLU D 230 39.71 24.37 -38.51
C GLU D 230 39.40 25.47 -39.52
N THR D 231 38.38 25.24 -40.35
CA THR D 231 37.99 26.20 -41.40
C THR D 231 36.48 26.24 -41.61
N VAL D 232 35.81 27.22 -41.00
CA VAL D 232 34.35 27.24 -40.97
C VAL D 232 33.73 27.45 -42.35
N GLU D 233 34.45 28.16 -43.21
CA GLU D 233 33.90 28.53 -44.50
C GLU D 233 33.65 27.31 -45.38
N VAL D 234 34.63 26.41 -45.42
CA VAL D 234 34.49 25.12 -46.09
C VAL D 234 35.21 24.07 -45.26
N PRO D 235 34.45 23.19 -44.60
CA PRO D 235 34.99 22.17 -43.68
C PRO D 235 36.15 21.38 -44.27
N SER D 236 37.14 21.08 -43.43
CA SER D 236 38.24 20.24 -43.83
C SER D 236 37.85 18.82 -43.51
N THR D 237 38.55 17.86 -44.12
CA THR D 237 38.22 16.45 -43.92
C THR D 237 38.25 16.08 -42.44
N ALA D 238 39.05 16.81 -41.67
CA ALA D 238 39.16 16.64 -40.23
C ALA D 238 37.90 17.17 -39.54
N ASP D 239 37.54 18.40 -39.90
CA ASP D 239 36.32 19.03 -39.40
C ASP D 239 35.15 18.13 -39.66
N LEU D 240 34.97 17.80 -40.94
CA LEU D 240 33.76 17.15 -41.38
C LEU D 240 33.57 15.80 -40.69
N VAL D 241 34.66 15.21 -40.21
CA VAL D 241 34.62 13.95 -39.45
C VAL D 241 34.24 14.17 -37.99
N ARG D 242 34.72 15.26 -37.39
CA ARG D 242 34.32 15.60 -36.03
C ARG D 242 32.85 15.99 -36.00
N VAL D 243 32.44 16.84 -36.93
CA VAL D 243 31.03 17.18 -37.08
C VAL D 243 30.17 15.93 -37.33
N ARG D 244 30.61 15.05 -38.23
CA ARG D 244 29.83 13.84 -38.57
C ARG D 244 29.72 12.91 -37.37
N THR D 245 30.80 12.82 -36.59
CA THR D 245 30.80 12.02 -35.36
C THR D 245 29.82 12.61 -34.34
N CYS D 246 29.82 13.93 -34.28
CA CYS D 246 29.00 14.64 -33.31
C CYS D 246 27.53 14.38 -33.59
N LEU D 247 27.16 14.50 -34.85
CA LEU D 247 25.79 14.28 -35.26
C LEU D 247 25.38 12.85 -34.89
N GLY D 248 26.28 11.90 -35.13
CA GLY D 248 26.05 10.51 -34.77
C GLY D 248 25.77 10.35 -33.30
N GLU D 249 26.59 10.98 -32.45
CA GLU D 249 26.40 10.90 -31.01
C GLU D 249 25.11 11.58 -30.60
N ALA D 250 24.87 12.77 -31.15
CA ALA D 250 23.64 13.54 -30.89
C ALA D 250 22.39 12.75 -31.25
N LEU D 251 22.44 12.09 -32.39
CA LEU D 251 21.33 11.29 -32.89
C LEU D 251 20.99 10.11 -31.98
N ALA D 252 21.99 9.54 -31.32
CA ALA D 252 21.81 8.40 -30.42
C ALA D 252 21.23 8.82 -29.07
N ASP D 253 21.56 10.04 -28.67
CA ASP D 253 21.07 10.61 -27.41
C ASP D 253 19.56 10.81 -27.56
N ILE D 254 19.16 11.28 -28.74
CA ILE D 254 17.77 11.57 -29.05
C ILE D 254 16.88 10.32 -29.03
N LEU D 255 17.31 9.30 -29.78
CA LEU D 255 16.57 8.05 -29.98
C LEU D 255 16.17 7.38 -28.68
N GLY D 256 14.93 6.94 -28.62
CA GLY D 256 14.40 6.20 -27.49
C GLY D 256 14.07 7.03 -26.26
N GLY D 257 14.40 8.32 -26.31
CA GLY D 257 14.16 9.21 -25.19
C GLY D 257 12.96 10.13 -25.40
N PRO D 258 12.70 11.00 -24.41
CA PRO D 258 11.68 12.04 -24.49
C PRO D 258 11.88 12.89 -25.72
N ARG D 259 10.76 13.30 -26.32
CA ARG D 259 10.82 14.03 -27.57
C ARG D 259 10.60 15.53 -27.38
N ASP D 260 10.36 15.95 -26.14
CA ASP D 260 10.05 17.35 -25.86
C ASP D 260 11.29 18.20 -25.85
N LEU D 261 11.13 19.47 -25.50
CA LEU D 261 12.27 20.38 -25.50
C LEU D 261 12.76 20.61 -24.06
N GLY D 262 12.44 19.66 -23.19
CA GLY D 262 12.82 19.70 -21.79
C GLY D 262 14.30 19.83 -21.56
N GLY D 263 15.11 19.32 -22.49
CA GLY D 263 16.56 19.37 -22.39
C GLY D 263 17.12 20.77 -22.42
N ARG D 264 16.29 21.75 -22.77
CA ARG D 264 16.75 23.12 -22.85
C ARG D 264 16.54 23.93 -21.55
N LEU D 265 16.40 23.24 -20.42
CA LEU D 265 16.13 23.91 -19.13
C LEU D 265 17.22 23.70 -18.07
N GLY D 266 18.32 23.09 -18.47
CA GLY D 266 19.34 22.76 -17.50
C GLY D 266 20.19 23.89 -16.96
N ALA D 267 20.47 24.89 -17.80
CA ALA D 267 21.33 26.04 -17.48
C ALA D 267 20.86 26.96 -16.32
N ALA D 268 21.82 27.57 -15.64
CA ALA D 268 21.52 28.50 -14.56
C ALA D 268 20.94 29.80 -15.10
N ASN D 269 21.30 30.20 -16.31
CA ASN D 269 20.72 31.41 -16.88
C ASN D 269 19.25 31.25 -17.28
N ARG D 270 18.79 30.01 -17.42
CA ARG D 270 17.37 29.80 -17.62
C ARG D 270 16.71 29.35 -16.32
N GLU D 271 17.36 29.63 -15.18
CA GLU D 271 16.85 29.24 -13.86
C GLU D 271 15.35 29.47 -13.73
N ALA D 272 14.90 30.66 -14.15
CA ALA D 272 13.50 31.10 -14.04
C ALA D 272 12.53 30.35 -14.94
N SER D 273 12.97 30.01 -16.14
CA SER D 273 12.14 29.23 -17.05
C SER D 273 11.73 27.93 -16.37
N ALA D 274 12.68 27.30 -15.69
CA ALA D 274 12.45 26.05 -15.00
C ALA D 274 11.55 26.24 -13.78
N ARG D 275 11.74 27.36 -13.09
CA ARG D 275 10.98 27.61 -11.88
C ARG D 275 9.51 27.89 -12.19
N VAL D 276 9.25 28.57 -13.29
CA VAL D 276 7.89 28.84 -13.72
C VAL D 276 7.13 27.56 -14.04
N ARG D 277 7.75 26.66 -14.79
CA ARG D 277 7.13 25.40 -15.16
C ARG D 277 6.80 24.59 -13.92
N ARG D 278 7.66 24.72 -12.90
CA ARG D 278 7.47 23.99 -11.66
C ARG D 278 6.28 24.54 -10.87
N LEU D 279 6.24 25.86 -10.73
CA LEU D 279 5.18 26.53 -10.00
C LEU D 279 3.86 26.33 -10.71
N LEU D 280 3.89 26.38 -12.02
CA LEU D 280 2.71 26.09 -12.80
C LEU D 280 2.10 24.73 -12.40
N ARG D 281 2.91 23.68 -12.33
CA ARG D 281 2.34 22.38 -11.97
C ARG D 281 1.78 22.36 -10.53
N GLU D 282 2.47 23.00 -9.59
CA GLU D 282 2.01 23.04 -8.21
C GLU D 282 0.60 23.62 -8.14
N GLN D 283 0.36 24.70 -8.86
CA GLN D 283 -0.92 25.41 -8.79
C GLN D 283 -1.92 24.91 -9.83
N TRP D 284 -1.47 24.05 -10.74
CA TRP D 284 -2.32 23.59 -11.84
C TRP D 284 -3.59 22.91 -11.36
N PRO E 7 23.11 30.48 37.61
CA PRO E 7 22.01 30.02 36.73
C PRO E 7 21.38 31.20 36.01
N PRO E 8 21.97 31.66 34.88
CA PRO E 8 21.75 32.98 34.27
C PRO E 8 20.30 33.41 34.18
N PRO E 9 20.04 34.70 34.43
CA PRO E 9 18.66 35.17 34.42
C PRO E 9 17.89 34.87 33.11
N GLN E 10 18.37 35.36 31.96
CA GLN E 10 17.58 35.26 30.72
C GLN E 10 17.35 33.81 30.27
N TRP E 11 18.13 32.87 30.81
CA TRP E 11 17.98 31.44 30.45
C TRP E 11 17.19 30.62 31.47
N SER E 12 16.60 31.28 32.46
CA SER E 12 15.86 30.53 33.49
C SER E 12 14.51 31.15 33.85
N ARG E 13 13.83 31.76 32.89
CA ARG E 13 12.55 32.44 33.12
C ARG E 13 11.47 31.49 33.60
N ARG E 14 11.59 30.22 33.20
CA ARG E 14 10.58 29.24 33.56
C ARG E 14 10.80 28.79 34.98
N ARG E 15 12.04 28.88 35.44
CA ARG E 15 12.33 28.57 36.82
C ARG E 15 11.82 29.63 37.74
N GLN E 16 12.10 30.90 37.43
CA GLN E 16 11.70 31.97 38.34
C GLN E 16 10.18 32.20 38.35
N GLU E 17 9.46 31.87 37.26
CA GLU E 17 8.00 31.89 37.33
C GLU E 17 7.51 30.84 38.31
N LYS E 18 8.27 29.76 38.46
CA LYS E 18 7.82 28.75 39.41
C LYS E 18 7.96 29.27 40.83
N GLN E 19 9.07 29.92 41.19
CA GLN E 19 9.19 30.45 42.57
C GLN E 19 8.23 31.59 42.86
N ARG E 20 7.90 32.37 41.83
CA ARG E 20 6.99 33.48 42.00
C ARG E 20 5.71 32.85 42.53
N ARG E 21 5.35 31.70 41.95
CA ARG E 21 4.17 30.93 42.30
C ARG E 21 4.28 30.22 43.63
N LEU E 22 5.47 29.71 43.92
CA LEU E 22 5.65 28.99 45.17
C LEU E 22 5.68 30.03 46.25
N GLU E 23 5.79 31.28 45.86
CA GLU E 23 5.82 32.26 46.93
C GLU E 23 4.46 32.81 47.33
N ARG E 24 3.52 32.89 46.39
CA ARG E 24 2.17 33.32 46.73
C ARG E 24 1.43 32.24 47.56
N VAL E 25 2.10 31.13 47.89
CA VAL E 25 1.54 30.16 48.84
C VAL E 25 2.52 29.80 49.97
N ARG E 26 3.56 30.61 50.21
CA ARG E 26 4.57 30.16 51.22
C ARG E 26 3.98 30.29 52.63
N GLY E 27 3.08 31.28 52.81
CA GLY E 27 2.39 31.44 54.07
C GLY E 27 1.27 30.42 54.26
N LEU E 28 0.44 30.26 53.24
CA LEU E 28 -0.68 29.33 53.27
C LEU E 28 -0.35 27.83 53.43
N ALA E 29 0.88 27.41 53.13
CA ALA E 29 1.25 25.99 53.15
C ALA E 29 2.25 25.64 54.23
N ASP E 30 2.08 24.48 54.84
CA ASP E 30 3.06 24.02 55.80
C ASP E 30 3.92 22.94 55.18
N GLY E 31 5.18 23.30 54.93
CA GLY E 31 6.09 22.42 54.22
C GLY E 31 5.56 22.18 52.81
N ALA E 32 5.56 20.89 52.45
CA ALA E 32 4.95 20.43 51.22
C ALA E 32 3.46 20.13 51.42
N VAL E 33 2.99 20.21 52.65
CA VAL E 33 1.59 19.93 52.95
C VAL E 33 0.71 21.16 52.74
N LEU E 34 -0.37 20.99 52.00
CA LEU E 34 -1.34 22.06 51.82
C LEU E 34 -2.59 21.77 52.65
N PRO E 35 -3.13 22.82 53.29
CA PRO E 35 -4.34 22.77 54.12
C PRO E 35 -5.54 22.42 53.28
N ARG E 36 -6.19 21.32 53.60
CA ARG E 36 -7.33 20.84 52.82
C ARG E 36 -8.40 21.90 52.58
N GLU E 37 -8.52 22.83 53.52
CA GLU E 37 -9.60 23.83 53.49
C GLU E 37 -9.10 25.19 53.00
N GLY E 38 -7.85 25.24 52.54
CA GLY E 38 -7.37 26.39 51.80
C GLY E 38 -6.88 26.00 50.41
N LEU E 39 -7.47 24.95 49.85
CA LEU E 39 -7.02 24.42 48.59
C LEU E 39 -7.35 25.36 47.41
N VAL E 40 -8.61 25.78 47.29
CA VAL E 40 -8.98 26.68 46.20
C VAL E 40 -8.12 27.95 46.21
N ALA E 41 -7.62 28.34 47.37
CA ALA E 41 -6.74 29.51 47.44
C ALA E 41 -5.41 29.22 46.77
N ALA E 42 -4.84 28.06 47.07
CA ALA E 42 -3.56 27.65 46.53
C ALA E 42 -3.64 27.45 45.00
N LEU E 43 -4.73 26.83 44.56
CA LEU E 43 -4.93 26.56 43.13
C LEU E 43 -4.98 27.86 42.34
N GLU E 44 -5.49 28.93 42.95
CA GLU E 44 -5.58 30.23 42.31
C GLU E 44 -4.23 30.98 42.36
N ALA E 45 -3.34 30.51 43.22
CA ALA E 45 -2.01 31.11 43.39
C ALA E 45 -0.93 30.35 42.61
N LEU E 46 -1.03 29.01 42.63
CA LEU E 46 -0.11 28.11 41.93
C LEU E 46 -0.39 27.93 40.43
N ILE E 47 -1.65 27.99 40.02
CA ILE E 47 -2.00 27.94 38.60
C ILE E 47 -2.16 29.39 38.04
N ALA E 48 -1.82 29.60 36.78
CA ALA E 48 -1.97 30.91 36.16
C ALA E 48 -2.96 30.83 35.02
N PRO E 49 -3.56 31.96 34.63
CA PRO E 49 -4.46 31.92 33.47
C PRO E 49 -3.67 31.51 32.22
N GLY E 50 -4.21 30.55 31.46
CA GLY E 50 -3.57 30.06 30.25
C GLY E 50 -2.60 28.90 30.45
N ASP E 51 -2.46 28.46 31.69
CA ASP E 51 -1.58 27.35 32.01
C ASP E 51 -2.00 26.09 31.29
N ARG E 52 -1.03 25.26 30.94
CA ARG E 52 -1.33 23.94 30.42
C ARG E 52 -1.45 23.05 31.65
N VAL E 53 -2.67 22.66 32.00
CA VAL E 53 -2.83 21.89 33.23
C VAL E 53 -3.17 20.45 32.91
N VAL E 54 -2.45 19.53 33.56
CA VAL E 54 -2.71 18.10 33.47
C VAL E 54 -3.58 17.69 34.63
N LEU E 55 -4.75 17.14 34.35
CA LEU E 55 -5.68 16.73 35.43
C LEU E 55 -5.94 15.26 35.39
N GLU E 56 -5.60 14.55 36.45
CA GLU E 56 -5.85 13.11 36.46
C GLU E 56 -7.33 12.78 36.37
N GLY E 57 -7.62 12.37 35.16
CA GLY E 57 -8.85 11.74 34.76
C GLY E 57 -8.19 10.58 34.03
N ASN E 58 -7.89 9.54 34.79
CA ASN E 58 -7.35 8.33 34.24
C ASN E 58 -8.48 7.34 33.95
N ASN E 59 -8.19 6.29 33.21
CA ASN E 59 -9.23 5.30 32.97
C ASN E 59 -9.90 4.87 34.26
N GLN E 60 -9.13 4.74 35.32
CA GLN E 60 -9.70 4.34 36.60
C GLN E 60 -9.52 5.45 37.64
N LYS E 61 -8.29 5.58 38.15
CA LYS E 61 -7.93 6.57 39.17
C LYS E 61 -8.33 8.01 38.85
N GLN E 62 -9.20 8.61 39.67
CA GLN E 62 -9.61 10.01 39.44
C GLN E 62 -9.16 10.91 40.58
N ALA E 63 -8.56 12.05 40.25
CA ALA E 63 -8.16 12.99 41.28
C ALA E 63 -9.35 13.90 41.63
N ASP E 64 -10.50 13.28 41.87
CA ASP E 64 -11.78 13.98 42.08
C ASP E 64 -11.75 15.15 43.08
N PHE E 65 -10.99 15.05 44.18
CA PHE E 65 -10.92 16.18 45.09
C PHE E 65 -10.31 17.41 44.39
N LEU E 66 -9.10 17.27 43.86
CA LEU E 66 -8.48 18.37 43.11
C LEU E 66 -9.38 18.83 41.97
N SER E 67 -9.96 17.85 41.28
CA SER E 67 -10.84 18.15 40.17
C SER E 67 -12.07 18.95 40.61
N ARG E 68 -12.59 18.68 41.80
CA ARG E 68 -13.78 19.40 42.27
C ARG E 68 -13.37 20.77 42.78
N SER E 69 -12.30 20.78 43.57
CA SER E 69 -11.72 22.00 44.13
C SER E 69 -11.33 23.01 43.05
N LEU E 70 -10.86 22.52 41.91
CA LEU E 70 -10.46 23.37 40.79
C LEU E 70 -11.69 23.98 40.11
N ALA E 71 -12.83 23.34 40.26
CA ALA E 71 -14.09 23.86 39.71
C ALA E 71 -14.70 25.00 40.57
N ARG E 72 -14.42 24.99 41.86
CA ARG E 72 -14.90 26.05 42.74
C ARG E 72 -13.82 27.11 42.83
N VAL E 73 -13.05 27.23 41.76
CA VAL E 73 -12.06 28.29 41.65
C VAL E 73 -12.81 29.51 41.13
N ASP E 74 -12.26 30.70 41.32
CA ASP E 74 -12.86 31.91 40.76
C ASP E 74 -12.46 32.12 39.30
N PRO E 75 -13.43 31.95 38.38
CA PRO E 75 -13.36 32.07 36.91
C PRO E 75 -12.91 33.44 36.42
N GLY E 76 -12.55 34.30 37.36
CA GLY E 76 -12.03 35.61 37.02
C GLY E 76 -10.52 35.60 37.19
N LYS E 77 -10.04 34.79 38.14
CA LYS E 77 -8.60 34.70 38.37
C LYS E 77 -7.94 33.62 37.50
N LEU E 78 -8.69 32.58 37.14
CA LEU E 78 -8.21 31.50 36.28
C LEU E 78 -9.12 31.27 35.09
N HIS E 79 -8.60 31.59 33.91
CA HIS E 79 -9.33 31.47 32.67
C HIS E 79 -8.41 30.92 31.56
N ASP E 80 -9.00 30.54 30.43
CA ASP E 80 -8.28 30.02 29.26
C ASP E 80 -7.25 28.96 29.57
N LEU E 81 -7.55 28.16 30.58
CA LEU E 81 -6.70 27.04 30.95
C LEU E 81 -6.72 26.00 29.83
N HIS E 82 -5.58 25.36 29.63
CA HIS E 82 -5.43 24.31 28.63
C HIS E 82 -5.42 22.97 29.36
N MET E 83 -6.50 22.23 29.25
CA MET E 83 -6.63 20.98 29.99
C MET E 83 -6.03 19.79 29.24
N ILE E 84 -5.15 19.06 29.91
CA ILE E 84 -4.55 17.90 29.29
C ILE E 84 -4.92 16.69 30.13
N MET E 85 -5.90 15.92 29.64
CA MET E 85 -6.42 14.80 30.40
C MET E 85 -6.53 13.51 29.60
N PRO E 86 -5.87 12.45 30.08
CA PRO E 86 -5.99 11.17 29.38
C PRO E 86 -7.42 10.68 29.27
N SER E 87 -8.25 10.95 30.27
CA SER E 87 -9.65 10.52 30.26
C SER E 87 -10.60 11.57 30.86
N VAL E 88 -11.72 11.79 30.19
CA VAL E 88 -12.71 12.75 30.65
C VAL E 88 -13.97 12.00 31.05
N GLY E 89 -13.99 11.50 32.29
CA GLY E 89 -15.15 10.78 32.81
C GLY E 89 -16.06 11.59 33.72
N ARG E 90 -15.47 12.19 34.76
CA ARG E 90 -16.20 12.96 35.77
C ARG E 90 -16.94 14.21 35.22
N PRO E 91 -18.07 14.56 35.83
CA PRO E 91 -18.78 15.78 35.45
C PRO E 91 -18.03 17.07 35.80
N GLU E 92 -17.32 17.09 36.93
CA GLU E 92 -16.57 18.28 37.36
C GLU E 92 -15.64 18.78 36.26
N HIS E 93 -15.18 17.82 35.47
CA HIS E 93 -14.23 18.03 34.38
C HIS E 93 -14.76 19.03 33.35
N LEU E 94 -15.84 18.64 32.67
CA LEU E 94 -16.41 19.47 31.62
C LEU E 94 -17.10 20.68 32.21
N ASP E 95 -17.28 20.67 33.52
CA ASP E 95 -17.84 21.82 34.23
C ASP E 95 -16.88 22.98 34.17
N LEU E 96 -15.58 22.68 34.13
CA LEU E 96 -14.53 23.69 34.09
C LEU E 96 -14.71 24.59 32.87
N PHE E 97 -15.35 24.04 31.85
CA PHE E 97 -15.50 24.70 30.57
C PHE E 97 -16.75 25.56 30.52
N GLU E 98 -17.83 25.06 31.11
CA GLU E 98 -19.08 25.79 31.16
C GLU E 98 -18.94 27.02 32.04
N LEU E 99 -18.19 26.85 33.12
CA LEU E 99 -17.88 27.94 34.04
C LEU E 99 -16.89 28.97 33.50
N GLY E 100 -16.26 28.65 32.37
CA GLY E 100 -15.25 29.52 31.79
C GLY E 100 -13.86 29.43 32.41
N ILE E 101 -13.60 28.38 33.19
CA ILE E 101 -12.27 28.21 33.76
C ILE E 101 -11.27 27.66 32.71
N ALA E 102 -11.70 26.66 31.94
CA ALA E 102 -10.86 26.05 30.91
C ALA E 102 -11.40 26.36 29.51
N ARG E 103 -10.51 26.48 28.53
CA ARG E 103 -11.01 26.72 27.20
C ARG E 103 -10.52 25.68 26.20
N LYS E 104 -9.28 25.20 26.32
CA LYS E 104 -8.84 24.16 25.38
C LYS E 104 -8.73 22.81 26.06
N LEU E 105 -9.02 21.77 25.29
CA LEU E 105 -8.98 20.42 25.82
C LEU E 105 -8.22 19.50 24.88
N ASP E 106 -7.28 18.76 25.44
CA ASP E 106 -6.61 17.68 24.75
C ASP E 106 -6.84 16.43 25.57
N PHE E 107 -7.59 15.49 25.01
CA PHE E 107 -7.89 14.28 25.75
C PHE E 107 -7.63 13.07 24.89
N SER E 108 -7.83 11.89 25.45
CA SER E 108 -7.72 10.67 24.68
C SER E 108 -9.03 9.90 24.80
N PHE E 109 -9.52 9.76 26.03
CA PHE E 109 -10.73 8.97 26.28
C PHE E 109 -11.86 9.79 26.84
N SER E 110 -12.99 9.71 26.17
CA SER E 110 -14.21 10.40 26.53
C SER E 110 -15.16 9.29 26.95
N GLY E 111 -15.55 9.31 28.23
CA GLY E 111 -16.31 8.21 28.79
C GLY E 111 -17.75 8.27 28.36
N PRO E 112 -18.65 8.49 29.33
CA PRO E 112 -20.09 8.72 29.14
C PRO E 112 -20.34 10.15 28.63
N GLN E 113 -19.37 10.98 28.97
CA GLN E 113 -19.41 12.41 28.77
C GLN E 113 -19.27 12.79 27.27
N SER E 114 -19.67 11.84 26.40
CA SER E 114 -19.53 11.90 24.93
C SER E 114 -20.67 12.68 24.26
N LEU E 115 -21.91 12.51 24.72
CA LEU E 115 -22.96 13.39 24.23
C LEU E 115 -22.76 14.75 24.82
N ARG E 116 -22.08 14.77 25.97
CA ARG E 116 -21.75 16.09 26.52
C ARG E 116 -20.65 16.61 25.61
N ILE E 117 -19.42 16.07 25.59
CA ILE E 117 -18.30 16.59 24.76
C ILE E 117 -18.60 17.00 23.26
N GLY E 118 -19.83 16.81 22.78
CA GLY E 118 -20.23 17.60 21.63
C GLY E 118 -20.50 19.00 22.11
N GLN E 119 -21.32 19.02 23.17
CA GLN E 119 -21.53 20.12 24.19
C GLN E 119 -21.42 21.58 23.78
N LEU E 120 -20.21 22.02 24.10
CA LEU E 120 -19.75 23.31 24.52
C LEU E 120 -18.87 23.79 23.39
N LEU E 121 -18.39 22.78 22.66
CA LEU E 121 -17.59 22.96 21.47
C LEU E 121 -18.51 23.61 20.46
N GLU E 122 -19.70 23.04 20.30
CA GLU E 122 -20.70 23.62 19.43
C GLU E 122 -21.21 24.96 19.98
N ASP E 123 -21.17 25.11 21.30
CA ASP E 123 -21.56 26.37 21.94
C ASP E 123 -20.43 27.39 22.01
N GLY E 124 -19.22 26.96 21.66
CA GLY E 124 -18.05 27.84 21.66
C GLY E 124 -17.40 28.01 23.02
N LEU E 125 -17.68 27.10 23.96
CA LEU E 125 -17.11 27.14 25.30
C LEU E 125 -15.86 26.29 25.46
N LEU E 126 -15.81 25.19 24.70
CA LEU E 126 -14.70 24.24 24.71
C LEU E 126 -14.08 24.11 23.31
N GLU E 127 -12.76 24.13 23.25
CA GLU E 127 -12.02 24.00 22.00
C GLU E 127 -11.19 22.74 22.02
N ILE E 128 -11.31 21.91 20.99
CA ILE E 128 -10.52 20.68 20.96
C ILE E 128 -9.26 20.74 20.11
N GLY E 129 -8.14 20.31 20.69
CA GLY E 129 -6.93 20.13 19.90
C GLY E 129 -7.10 18.93 19.00
N ALA E 130 -7.00 17.73 19.57
CA ALA E 130 -7.27 16.47 18.87
C ALA E 130 -7.44 15.34 19.87
N ILE E 131 -7.94 14.20 19.41
CA ILE E 131 -8.13 13.04 20.28
C ILE E 131 -6.96 12.06 20.17
N HIS E 132 -6.17 11.93 21.24
CA HIS E 132 -4.93 11.15 21.21
C HIS E 132 -5.16 9.73 21.70
N THR E 133 -4.08 8.95 21.81
CA THR E 133 -4.21 7.59 22.34
C THR E 133 -3.21 7.35 23.48
N TYR E 134 -3.36 8.18 24.50
CA TYR E 134 -2.63 8.04 25.76
C TYR E 134 -1.19 8.25 25.49
N ILE E 135 -0.51 7.14 25.21
CA ILE E 135 0.92 7.13 24.98
C ILE E 135 1.32 8.25 24.00
N GLU E 136 0.44 8.58 23.06
CA GLU E 136 0.65 9.71 22.17
C GLU E 136 0.57 11.03 22.97
N LEU E 137 -0.41 11.11 23.86
CA LEU E 137 -0.62 12.32 24.64
C LEU E 137 0.51 12.52 25.65
N TYR E 138 1.08 11.43 26.17
CA TYR E 138 2.23 11.53 27.08
C TYR E 138 3.44 12.11 26.33
N ALA E 139 3.73 11.50 25.18
CA ALA E 139 4.83 11.89 24.34
C ALA E 139 4.82 13.39 24.07
N ARG E 140 3.64 13.95 23.79
CA ARG E 140 3.47 15.41 23.63
C ARG E 140 3.97 16.23 24.83
N LEU E 141 3.87 15.66 26.04
CA LEU E 141 4.18 16.41 27.26
C LEU E 141 5.63 16.87 27.37
N VAL E 142 6.51 16.41 26.47
CA VAL E 142 7.90 16.84 26.48
C VAL E 142 8.30 17.46 25.13
N VAL E 143 7.30 17.75 24.29
CA VAL E 143 7.50 18.43 23.00
C VAL E 143 6.51 19.63 22.82
N ASP E 144 5.38 19.38 22.16
CA ASP E 144 4.28 20.33 21.94
C ASP E 144 3.64 20.93 23.21
N LEU E 145 3.24 20.03 24.11
CA LEU E 145 2.45 20.41 25.27
C LEU E 145 3.24 20.23 26.55
N ILE E 146 4.38 20.91 26.68
CA ILE E 146 5.09 20.88 27.93
C ILE E 146 4.10 21.50 28.91
N PRO E 147 3.71 20.75 29.95
CA PRO E 147 2.69 21.23 30.89
C PRO E 147 3.24 22.15 31.97
N ASN E 148 2.36 23.00 32.52
CA ASN E 148 2.71 23.92 33.62
C ASN E 148 2.34 23.35 34.97
N VAL E 149 1.17 22.76 35.06
CA VAL E 149 0.71 22.21 36.32
C VAL E 149 0.26 20.77 36.14
N ALA E 150 0.53 19.94 37.14
CA ALA E 150 0.01 18.58 37.18
C ALA E 150 -0.79 18.39 38.47
N LEU E 151 -2.05 17.98 38.32
CA LEU E 151 -2.95 17.73 39.46
C LEU E 151 -3.29 16.26 39.54
N VAL E 152 -2.52 15.49 40.28
CA VAL E 152 -2.69 14.02 40.30
C VAL E 152 -3.18 13.45 41.65
N ALA E 153 -3.14 12.11 41.78
CA ALA E 153 -3.64 11.45 42.98
C ALA E 153 -2.85 10.19 43.37
N GLY E 154 -2.65 9.97 44.67
CA GLY E 154 -2.01 8.76 45.16
C GLY E 154 -2.76 8.32 46.42
N PHE E 155 -2.31 7.25 47.09
CA PHE E 155 -2.94 6.80 48.34
C PHE E 155 -2.34 7.41 49.58
N VAL E 156 -1.07 7.12 49.83
CA VAL E 156 -0.40 7.61 51.02
C VAL E 156 0.77 8.53 50.64
N ALA E 157 1.08 9.51 51.49
CA ALA E 157 2.22 10.39 51.24
C ALA E 157 2.82 10.91 52.55
N ASP E 158 4.14 10.95 52.66
CA ASP E 158 4.74 11.50 53.87
C ASP E 158 4.93 13.03 53.74
N ARG E 159 5.34 13.66 54.84
CA ARG E 159 5.41 15.11 54.91
C ARG E 159 6.40 15.70 53.90
N GLU E 160 7.30 14.87 53.39
CA GLU E 160 8.37 15.29 52.45
C GLU E 160 7.90 15.37 51.00
N GLY E 161 6.97 14.50 50.62
CA GLY E 161 6.44 14.53 49.28
C GLY E 161 6.38 13.18 48.59
N ASN E 162 7.00 12.15 49.15
CA ASN E 162 6.94 10.82 48.54
C ASN E 162 5.51 10.30 48.50
N VAL E 163 5.08 9.81 47.35
CA VAL E 163 3.73 9.34 47.19
C VAL E 163 3.74 7.85 46.85
N TYR E 164 2.79 7.13 47.44
CA TYR E 164 2.58 5.73 47.15
C TYR E 164 1.32 5.66 46.32
N THR E 165 1.47 5.43 45.02
CA THR E 165 0.29 5.37 44.17
C THR E 165 -0.27 3.95 44.13
N GLY E 166 0.57 2.98 44.49
CA GLY E 166 0.20 1.56 44.56
C GLY E 166 -0.32 0.89 43.30
N PRO E 167 -1.37 0.06 43.43
CA PRO E 167 -2.04 -0.59 42.29
C PRO E 167 -2.64 0.41 41.34
N SER E 168 -2.82 1.63 41.84
CA SER E 168 -3.42 2.71 41.06
C SER E 168 -2.37 3.68 40.55
N THR E 169 -1.18 3.18 40.20
CA THR E 169 -0.13 4.06 39.67
C THR E 169 -0.56 4.66 38.33
N GLU E 170 -1.06 3.79 37.43
CA GLU E 170 -1.62 4.21 36.14
C GLU E 170 -0.81 5.26 35.36
N ASP E 171 -1.38 6.44 35.12
CA ASP E 171 -0.71 7.43 34.26
C ASP E 171 0.18 8.40 35.03
N THR E 172 0.13 8.37 36.35
CA THR E 172 0.85 9.35 37.16
C THR E 172 2.34 9.54 36.77
N PRO E 173 3.12 8.44 36.74
CA PRO E 173 4.54 8.67 36.47
C PRO E 173 4.82 9.33 35.10
N ALA E 174 3.87 9.29 34.17
CA ALA E 174 4.08 9.96 32.90
C ALA E 174 3.46 11.36 32.91
N LEU E 175 2.47 11.61 33.76
CA LEU E 175 1.90 12.94 33.84
C LEU E 175 2.84 13.80 34.67
N VAL E 176 3.49 13.18 35.65
CA VAL E 176 4.31 13.94 36.61
C VAL E 176 5.72 14.30 36.14
N GLU E 177 6.43 13.33 35.56
CA GLU E 177 7.83 13.54 35.16
C GLU E 177 8.02 14.74 34.21
N PRO E 178 7.28 14.80 33.07
CA PRO E 178 7.46 16.01 32.25
C PRO E 178 7.02 17.31 32.93
N THR E 179 6.18 17.23 33.96
CA THR E 179 5.84 18.43 34.71
C THR E 179 6.96 18.80 35.69
N ALA E 180 7.37 17.83 36.51
CA ALA E 180 8.40 18.04 37.53
C ALA E 180 9.72 18.57 37.01
N PHE E 181 10.19 18.00 35.91
CA PHE E 181 11.49 18.36 35.37
C PHE E 181 11.48 19.48 34.33
N SER E 182 10.39 20.26 34.30
CA SER E 182 10.29 21.39 33.39
C SER E 182 9.84 22.65 34.14
N ASP E 183 10.20 22.73 35.42
CA ASP E 183 9.88 23.86 36.27
C ASP E 183 8.37 24.04 36.40
N GLY E 184 7.63 22.97 36.22
CA GLY E 184 6.20 23.01 36.39
C GLY E 184 5.87 22.79 37.84
N ILE E 185 4.58 22.62 38.13
CA ILE E 185 4.18 22.46 39.51
C ILE E 185 3.32 21.21 39.65
N VAL E 186 3.74 20.35 40.58
CA VAL E 186 3.04 19.09 40.82
C VAL E 186 2.31 19.05 42.17
N ILE E 187 0.99 18.91 42.12
CA ILE E 187 0.18 18.78 43.31
C ILE E 187 -0.42 17.38 43.30
N VAL E 188 -0.19 16.63 44.37
CA VAL E 188 -0.77 15.29 44.46
C VAL E 188 -1.67 15.19 45.70
N GLN E 189 -2.93 14.86 45.48
CA GLN E 189 -3.85 14.65 46.58
C GLN E 189 -3.61 13.23 47.07
N VAL E 190 -3.57 13.04 48.38
CA VAL E 190 -3.47 11.68 48.88
C VAL E 190 -4.62 11.39 49.85
N ASN E 191 -4.85 10.11 50.10
CA ASN E 191 -5.90 9.74 51.02
C ASN E 191 -5.47 9.97 52.47
N ARG E 192 -4.17 9.92 52.72
CA ARG E 192 -3.65 10.06 54.08
C ARG E 192 -2.18 10.47 54.06
N ILE E 193 -1.84 11.43 54.92
CA ILE E 193 -0.43 11.74 55.16
C ILE E 193 0.08 11.05 56.42
N VAL E 194 1.20 10.33 56.30
CA VAL E 194 1.84 9.69 57.45
C VAL E 194 2.99 10.57 57.92
N ASP E 195 3.13 10.70 59.24
CA ASP E 195 4.23 11.50 59.78
C ASP E 195 5.52 10.67 59.81
N ASP E 196 5.38 9.38 60.06
CA ASP E 196 6.53 8.48 59.89
C ASP E 196 6.63 7.94 58.47
N PRO E 197 7.67 8.37 57.74
CA PRO E 197 7.78 7.96 56.33
C PRO E 197 7.87 6.44 56.05
N ARG E 198 8.22 5.62 57.03
CA ARG E 198 8.31 4.19 56.76
C ARG E 198 6.91 3.57 56.98
N ASP E 199 5.89 4.41 56.95
CA ASP E 199 4.51 3.92 56.92
C ASP E 199 4.00 4.05 55.49
N LEU E 200 4.94 4.35 54.60
CA LEU E 200 4.73 4.40 53.16
C LEU E 200 5.14 3.04 52.60
N PRO E 201 4.18 2.19 52.24
CA PRO E 201 4.47 0.82 51.79
C PRO E 201 5.51 0.73 50.65
N ARG E 202 5.65 1.81 49.89
CA ARG E 202 6.57 1.86 48.75
C ARG E 202 6.58 3.28 48.24
N VAL E 203 7.68 3.68 47.61
CA VAL E 203 7.74 5.01 47.02
C VAL E 203 7.53 4.89 45.52
N ASP E 204 6.40 5.41 45.04
CA ASP E 204 6.13 5.36 43.62
C ASP E 204 6.56 6.64 42.96
N ILE E 205 6.25 7.76 43.59
CA ILE E 205 6.73 9.05 43.10
C ILE E 205 7.61 9.67 44.19
N PRO E 206 8.86 10.00 43.85
CA PRO E 206 9.82 10.61 44.77
C PRO E 206 9.40 12.00 45.25
N ALA E 207 9.86 12.39 46.43
CA ALA E 207 9.49 13.66 47.02
C ALA E 207 10.03 14.82 46.19
N SER E 208 11.05 14.53 45.39
CA SER E 208 11.72 15.51 44.55
C SER E 208 11.02 15.83 43.22
N TRP E 209 9.85 15.23 43.00
CA TRP E 209 9.06 15.50 41.80
C TRP E 209 7.86 16.30 42.24
N VAL E 210 7.38 15.94 43.41
CA VAL E 210 6.26 16.58 44.06
C VAL E 210 6.60 17.92 44.70
N ASP E 211 5.73 18.89 44.45
CA ASP E 211 5.80 20.20 45.08
C ASP E 211 4.87 20.32 46.28
N PHE E 212 3.67 19.76 46.18
CA PHE E 212 2.73 19.79 47.31
C PHE E 212 1.86 18.54 47.40
N VAL E 213 1.51 18.18 48.63
CA VAL E 213 0.53 17.14 48.88
C VAL E 213 -0.63 17.76 49.67
N VAL E 214 -1.84 17.24 49.43
CA VAL E 214 -3.07 17.68 50.09
C VAL E 214 -3.76 16.44 50.59
N GLU E 215 -4.05 16.34 51.88
CA GLU E 215 -4.89 15.23 52.33
C GLU E 215 -6.31 15.49 51.83
N ALA E 216 -6.80 14.64 50.91
CA ALA E 216 -8.14 14.82 50.31
C ALA E 216 -9.29 14.84 51.33
N ASP E 217 -10.47 15.32 50.90
CA ASP E 217 -11.63 15.27 51.80
C ASP E 217 -12.20 13.86 51.89
N GLN E 218 -11.77 12.97 51.01
CA GLN E 218 -12.22 11.59 50.96
C GLN E 218 -11.41 10.80 49.94
N PRO E 219 -11.32 9.46 50.10
CA PRO E 219 -10.54 8.60 49.21
C PRO E 219 -10.78 8.92 47.75
N PHE E 220 -9.70 9.00 46.96
CA PHE E 220 -9.80 9.42 45.56
C PHE E 220 -10.68 8.44 44.80
N TYR E 221 -11.51 8.97 43.92
CA TYR E 221 -12.49 8.18 43.19
C TYR E 221 -11.80 7.16 42.27
N ILE E 222 -12.20 5.90 42.39
CA ILE E 222 -11.69 4.87 41.53
C ILE E 222 -12.82 4.35 40.67
N GLU E 223 -12.61 4.33 39.37
CA GLU E 223 -13.60 3.82 38.42
C GLU E 223 -13.23 2.39 38.03
N PRO E 224 -14.21 1.46 37.99
CA PRO E 224 -13.96 0.11 37.48
C PRO E 224 -14.20 0.01 35.97
N LEU E 225 -13.55 0.88 35.18
CA LEU E 225 -13.82 1.01 33.76
C LEU E 225 -13.90 -0.30 32.98
N PHE E 226 -13.02 -1.23 33.33
CA PHE E 226 -12.88 -2.44 32.53
C PHE E 226 -13.65 -3.64 33.05
N THR E 227 -14.15 -3.58 34.29
CA THR E 227 -14.95 -4.69 34.83
C THR E 227 -16.23 -4.86 34.04
N ARG E 228 -16.53 -6.10 33.69
CA ARG E 228 -17.71 -6.47 32.91
C ARG E 228 -18.53 -7.54 33.65
N ASP E 229 -19.79 -7.26 33.97
CA ASP E 229 -20.64 -8.23 34.69
C ASP E 229 -20.92 -9.44 33.80
N PRO E 230 -20.35 -10.61 34.11
CA PRO E 230 -20.58 -11.72 33.17
C PRO E 230 -22.04 -12.11 32.95
N ARG E 231 -22.94 -11.56 33.73
CA ARG E 231 -24.37 -11.78 33.58
C ARG E 231 -24.89 -11.25 32.24
N HIS E 232 -24.44 -10.05 31.89
CA HIS E 232 -24.84 -9.38 30.66
C HIS E 232 -24.23 -9.98 29.37
N ILE E 233 -23.51 -11.09 29.45
CA ILE E 233 -22.93 -11.69 28.25
C ILE E 233 -23.89 -12.65 27.58
N LYS E 234 -24.28 -12.35 26.34
CA LYS E 234 -25.29 -13.13 25.62
C LYS E 234 -24.64 -14.23 24.83
N PRO E 235 -25.41 -15.23 24.36
CA PRO E 235 -24.81 -16.27 23.54
C PRO E 235 -24.28 -15.80 22.18
N VAL E 236 -24.69 -14.62 21.73
CA VAL E 236 -24.15 -14.09 20.47
C VAL E 236 -22.68 -13.67 20.67
N HIS E 237 -22.38 -13.13 21.85
CA HIS E 237 -21.01 -12.79 22.21
C HIS E 237 -20.20 -14.09 22.26
N VAL E 238 -20.75 -15.10 22.93
CA VAL E 238 -20.06 -16.37 23.09
C VAL E 238 -19.78 -17.00 21.72
N LEU E 239 -20.59 -16.66 20.71
CA LEU E 239 -20.36 -17.22 19.39
C LEU E 239 -19.14 -16.58 18.74
N MET E 240 -18.98 -15.27 18.91
CA MET E 240 -17.83 -14.58 18.37
C MET E 240 -16.57 -14.93 19.17
N ALA E 241 -16.74 -15.06 20.49
CA ALA E 241 -15.66 -15.42 21.39
C ALA E 241 -15.02 -16.74 20.95
N MET E 242 -15.84 -17.68 20.48
CA MET E 242 -15.36 -18.96 20.01
C MET E 242 -14.56 -18.81 18.70
N MET E 243 -15.08 -18.00 17.80
CA MET E 243 -14.40 -17.82 16.53
C MET E 243 -13.08 -17.09 16.74
N ALA E 244 -13.03 -16.20 17.73
CA ALA E 244 -11.78 -15.52 18.05
C ALA E 244 -10.71 -16.55 18.42
N ILE E 245 -11.05 -17.44 19.34
CA ILE E 245 -10.10 -18.44 19.82
C ILE E 245 -9.75 -19.50 18.77
N ARG E 246 -10.69 -19.93 17.95
CA ARG E 246 -10.29 -20.99 17.01
C ARG E 246 -9.93 -20.45 15.62
N GLY E 247 -10.69 -19.48 15.13
CA GLY E 247 -10.40 -18.85 13.85
C GLY E 247 -9.21 -17.90 13.84
N ILE E 248 -8.79 -17.42 15.00
CA ILE E 248 -7.68 -16.47 15.10
C ILE E 248 -6.53 -16.89 16.06
N TYR E 249 -6.82 -16.96 17.37
CA TYR E 249 -5.81 -17.29 18.37
C TYR E 249 -5.12 -18.64 18.11
N GLN E 250 -5.88 -19.66 17.76
CA GLN E 250 -5.28 -20.95 17.45
C GLN E 250 -4.70 -20.96 16.04
N ARG E 251 -5.39 -20.33 15.10
CA ARG E 251 -4.97 -20.42 13.71
C ARG E 251 -3.68 -19.62 13.47
N HIS E 252 -3.34 -18.75 14.42
CA HIS E 252 -2.12 -17.95 14.28
C HIS E 252 -1.10 -18.14 15.40
N ASN E 253 -1.46 -19.00 16.35
CA ASN E 253 -0.57 -19.35 17.44
C ASN E 253 -0.18 -18.11 18.27
N VAL E 254 -1.21 -17.36 18.67
CA VAL E 254 -1.03 -16.16 19.45
C VAL E 254 -0.62 -16.48 20.87
N GLN E 255 0.55 -15.98 21.27
CA GLN E 255 1.10 -16.28 22.58
C GLN E 255 0.83 -15.13 23.54
N SER E 256 0.71 -13.92 22.99
CA SER E 256 0.49 -12.74 23.82
C SER E 256 -0.50 -11.79 23.17
N LEU E 257 -1.18 -11.00 23.99
CA LEU E 257 -2.27 -10.21 23.46
C LEU E 257 -2.76 -9.11 24.36
N ASN E 258 -3.63 -8.29 23.79
CA ASN E 258 -4.36 -7.27 24.54
C ASN E 258 -5.79 -7.42 24.13
N HIS E 259 -6.68 -7.28 25.12
CA HIS E 259 -8.12 -7.30 24.91
C HIS E 259 -8.63 -5.86 25.08
N GLY E 260 -9.34 -5.39 24.08
CA GLY E 260 -9.95 -4.08 24.15
C GLY E 260 -11.12 -4.19 25.10
N ILE E 261 -11.50 -3.07 25.70
CA ILE E 261 -12.63 -3.03 26.61
C ILE E 261 -13.86 -3.63 25.92
N GLY E 262 -14.83 -4.07 26.71
CA GLY E 262 -16.07 -4.53 26.11
C GLY E 262 -16.51 -5.91 26.55
N PHE E 263 -17.78 -6.22 26.33
CA PHE E 263 -18.30 -7.54 26.68
C PHE E 263 -17.77 -8.62 25.73
N ASN E 264 -17.54 -8.23 24.48
CA ASN E 264 -17.08 -9.16 23.45
C ASN E 264 -15.81 -9.84 23.88
N THR E 265 -14.87 -9.09 24.42
CA THR E 265 -13.58 -9.70 24.81
C THR E 265 -13.66 -10.34 26.20
N ALA E 266 -14.60 -9.87 27.02
CA ALA E 266 -14.86 -10.49 28.31
C ALA E 266 -15.32 -11.93 28.09
N ALA E 267 -16.10 -12.12 27.04
CA ALA E 267 -16.60 -13.42 26.61
C ALA E 267 -15.46 -14.35 26.23
N ILE E 268 -14.46 -13.81 25.53
CA ILE E 268 -13.31 -14.63 25.16
C ILE E 268 -12.60 -15.15 26.41
N GLU E 269 -12.22 -14.22 27.28
CA GLU E 269 -11.56 -14.52 28.56
C GLU E 269 -12.34 -15.61 29.31
N LEU E 270 -13.67 -15.52 29.30
CA LEU E 270 -14.46 -16.46 30.10
C LEU E 270 -14.67 -17.85 29.48
N ILE E 271 -14.44 -18.04 28.19
CA ILE E 271 -14.60 -19.39 27.66
C ILE E 271 -13.25 -20.04 27.33
N LEU E 272 -12.17 -19.36 27.70
CA LEU E 272 -10.85 -19.93 27.51
C LEU E 272 -10.71 -21.24 28.32
N PRO E 273 -11.01 -21.21 29.64
CA PRO E 273 -10.91 -22.43 30.42
C PRO E 273 -11.97 -23.50 30.15
N THR E 274 -12.81 -23.34 29.13
CA THR E 274 -13.78 -24.36 28.80
C THR E 274 -13.69 -24.70 27.32
N TYR E 275 -14.07 -23.74 26.47
CA TYR E 275 -13.96 -23.95 25.04
C TYR E 275 -12.49 -23.99 24.61
N GLY E 276 -11.66 -23.11 25.20
CA GLY E 276 -10.24 -23.14 24.90
C GLY E 276 -9.65 -24.47 25.37
N GLU E 277 -10.13 -24.94 26.52
CA GLU E 277 -9.67 -26.21 27.07
C GLU E 277 -10.07 -27.39 26.18
N SER E 278 -11.28 -27.36 25.62
CA SER E 278 -11.76 -28.48 24.80
C SER E 278 -11.02 -28.59 23.48
N LEU E 279 -10.07 -27.70 23.27
CA LEU E 279 -9.23 -27.76 22.09
C LEU E 279 -7.81 -28.03 22.57
N GLY E 280 -7.70 -28.32 23.85
CA GLY E 280 -6.43 -28.59 24.49
C GLY E 280 -5.42 -27.50 24.27
N LEU E 281 -5.86 -26.26 24.39
CA LEU E 281 -4.98 -25.13 24.12
C LEU E 281 -4.37 -24.54 25.39
N LYS E 282 -4.74 -25.07 26.57
CA LYS E 282 -4.21 -24.54 27.82
C LYS E 282 -2.71 -24.51 27.69
N GLY E 283 -2.09 -23.35 27.91
CA GLY E 283 -0.65 -23.22 27.77
C GLY E 283 -0.10 -23.12 26.36
N LYS E 284 -0.91 -23.45 25.36
CA LYS E 284 -0.47 -23.34 23.97
C LYS E 284 -0.69 -21.94 23.38
N ILE E 285 -1.61 -21.17 23.98
CA ILE E 285 -1.89 -19.79 23.51
C ILE E 285 -2.20 -18.88 24.69
N CYS E 286 -2.20 -17.58 24.42
CA CYS E 286 -2.52 -16.54 25.39
C CYS E 286 -1.79 -16.63 26.71
N ARG E 287 -0.48 -16.82 26.64
CA ARG E 287 0.35 -16.97 27.83
C ARG E 287 0.72 -15.63 28.48
N HIS E 288 1.00 -14.60 27.67
CA HIS E 288 1.40 -13.28 28.19
C HIS E 288 0.38 -12.17 27.88
N TRP E 289 0.06 -11.34 28.86
CA TRP E 289 -0.96 -10.31 28.64
C TRP E 289 -0.47 -8.90 28.97
N THR E 290 -0.89 -7.95 28.15
CA THR E 290 -0.87 -6.54 28.51
C THR E 290 -2.32 -6.17 28.74
N LEU E 291 -2.79 -6.35 29.96
CA LEU E 291 -4.20 -6.23 30.17
C LEU E 291 -4.47 -5.61 31.54
N ASN E 292 -5.61 -4.95 31.69
CA ASN E 292 -6.00 -4.52 33.02
C ASN E 292 -6.29 -5.80 33.78
N PRO E 293 -6.30 -5.76 35.11
CA PRO E 293 -6.67 -6.97 35.82
C PRO E 293 -8.19 -7.20 35.79
N HIS E 294 -8.68 -7.57 34.61
CA HIS E 294 -10.07 -7.87 34.35
C HIS E 294 -10.57 -8.94 35.30
N PRO E 295 -11.65 -8.66 36.03
CA PRO E 295 -12.12 -9.76 36.89
C PRO E 295 -12.57 -10.97 36.10
N THR E 296 -12.94 -10.75 34.85
CA THR E 296 -13.41 -11.85 34.01
C THR E 296 -12.24 -12.70 33.53
N LEU E 297 -11.02 -12.30 33.91
CA LEU E 297 -9.86 -13.06 33.50
C LEU E 297 -9.53 -14.13 34.53
N ILE E 298 -10.12 -14.02 35.71
CA ILE E 298 -9.79 -14.90 36.85
C ILE E 298 -9.87 -16.40 36.55
N PRO E 299 -11.00 -16.90 36.03
CA PRO E 299 -10.96 -18.33 35.71
C PRO E 299 -9.84 -18.77 34.75
N ALA E 300 -9.45 -17.93 33.80
CA ALA E 300 -8.31 -18.29 32.95
C ALA E 300 -7.00 -18.30 33.75
N ILE E 301 -6.87 -17.44 34.76
CA ILE E 301 -5.67 -17.44 35.62
C ILE E 301 -5.57 -18.72 36.45
N GLU E 302 -6.67 -19.04 37.15
CA GLU E 302 -6.81 -20.20 38.02
C GLU E 302 -6.70 -21.53 37.27
N SER E 303 -7.32 -21.57 36.10
CA SER E 303 -7.26 -22.74 35.25
C SER E 303 -5.81 -22.97 34.77
N GLY E 304 -4.93 -22.00 35.04
CA GLY E 304 -3.53 -22.10 34.69
C GLY E 304 -3.25 -21.78 33.24
N TRP E 305 -3.85 -20.72 32.72
CA TRP E 305 -3.63 -20.27 31.34
C TRP E 305 -2.61 -19.14 31.33
N VAL E 306 -2.83 -18.20 32.25
CA VAL E 306 -2.09 -16.95 32.30
C VAL E 306 -0.72 -16.95 33.01
N GLU E 307 0.35 -16.69 32.26
CA GLU E 307 1.70 -16.67 32.83
C GLU E 307 2.11 -15.32 33.39
N SER E 308 1.89 -14.27 32.61
CA SER E 308 2.22 -12.93 33.06
C SER E 308 1.11 -11.95 32.72
N VAL E 309 0.93 -10.94 33.57
CA VAL E 309 0.00 -9.85 33.28
C VAL E 309 0.65 -8.55 33.72
N HIS E 310 0.90 -7.66 32.77
CA HIS E 310 1.35 -6.31 33.11
C HIS E 310 0.22 -5.33 32.88
N CYS E 311 -0.06 -4.53 33.88
CA CYS E 311 -1.31 -3.77 33.90
C CYS E 311 -1.15 -2.29 33.65
N PHE E 312 -2.07 -1.75 32.85
CA PHE E 312 -2.20 -0.33 32.62
C PHE E 312 -2.64 0.35 33.90
N GLY E 313 -3.69 -0.21 34.52
CA GLY E 313 -4.18 0.30 35.79
C GLY E 313 -4.72 -0.82 36.65
N THR E 314 -5.64 -0.52 37.54
CA THR E 314 -6.22 -1.57 38.35
C THR E 314 -7.72 -1.48 38.37
N GLU E 315 -8.37 -2.64 38.28
CA GLU E 315 -9.80 -2.68 38.40
C GLU E 315 -10.16 -2.73 39.85
N LEU E 316 -10.91 -1.73 40.34
CA LEU E 316 -11.32 -1.69 41.75
C LEU E 316 -11.83 -3.00 42.29
N GLY E 317 -11.23 -3.41 43.40
CA GLY E 317 -11.63 -4.62 44.08
C GLY E 317 -10.72 -5.79 43.77
N MET E 318 -9.85 -5.63 42.79
CA MET E 318 -8.98 -6.72 42.37
C MET E 318 -7.60 -6.69 43.06
N GLU E 319 -7.32 -5.58 43.74
CA GLU E 319 -6.06 -5.39 44.43
C GLU E 319 -5.66 -6.59 45.30
N GLY E 320 -6.55 -7.01 46.18
CA GLY E 320 -6.22 -8.06 47.13
C GLY E 320 -5.95 -9.40 46.49
N TYR E 321 -6.63 -9.65 45.38
CA TYR E 321 -6.45 -10.87 44.60
C TYR E 321 -5.09 -10.84 43.91
N ILE E 322 -4.72 -9.66 43.41
CA ILE E 322 -3.46 -9.46 42.69
C ILE E 322 -2.26 -9.72 43.59
N ALA E 323 -2.30 -9.26 44.84
CA ALA E 323 -1.22 -9.49 45.79
C ALA E 323 -1.01 -10.99 46.07
N GLN E 324 -2.07 -11.75 45.97
CA GLN E 324 -2.03 -13.19 46.24
C GLN E 324 -1.56 -13.97 45.01
N ARG E 325 -1.23 -13.24 43.94
CA ARG E 325 -0.77 -13.83 42.69
C ARG E 325 0.52 -13.20 42.14
N PRO E 326 1.56 -13.05 42.98
CA PRO E 326 2.79 -12.37 42.57
C PRO E 326 3.49 -12.99 41.35
N ASP E 327 3.24 -14.27 41.07
CA ASP E 327 3.87 -15.00 39.96
C ASP E 327 3.35 -14.52 38.64
N VAL E 328 2.15 -13.97 38.67
CA VAL E 328 1.46 -13.51 37.47
C VAL E 328 1.58 -12.01 37.26
N PHE E 329 1.14 -11.24 38.26
CA PHE E 329 1.15 -9.79 38.15
C PHE E 329 2.47 -9.17 38.60
N PHE E 330 2.64 -7.91 38.28
CA PHE E 330 3.83 -7.21 38.70
C PHE E 330 3.63 -6.55 40.06
N THR E 331 4.23 -7.16 41.08
CA THR E 331 4.08 -6.69 42.44
C THR E 331 5.37 -6.09 43.01
N GLY E 332 5.19 -5.10 43.88
CA GLY E 332 6.27 -4.44 44.58
C GLY E 332 6.74 -5.34 45.70
N ARG E 333 7.73 -4.88 46.46
CA ARG E 333 8.24 -5.68 47.57
C ARG E 333 7.30 -5.53 48.74
N ASP E 334 6.40 -4.54 48.63
CA ASP E 334 5.37 -4.33 49.62
C ASP E 334 4.21 -5.30 49.42
N GLY E 335 4.14 -5.91 48.24
CA GLY E 335 3.12 -6.90 47.96
C GLY E 335 2.02 -6.49 46.99
N SER E 336 1.86 -5.19 46.77
CA SER E 336 0.78 -4.67 45.91
C SER E 336 1.18 -4.50 44.45
N LEU E 337 0.16 -4.35 43.62
CA LEU E 337 0.36 -4.17 42.20
C LEU E 337 1.10 -2.87 41.92
N ARG E 338 1.83 -2.85 40.80
CA ARG E 338 2.42 -1.64 40.27
C ARG E 338 2.03 -1.55 38.80
N SER E 339 0.95 -0.83 38.57
CA SER E 339 0.50 -0.57 37.21
C SER E 339 1.38 0.54 36.62
N ASN E 340 1.39 0.64 35.30
CA ASN E 340 2.11 1.71 34.61
C ASN E 340 1.53 1.85 33.20
N ARG E 341 0.55 2.75 33.03
CA ARG E 341 -0.12 2.86 31.75
C ARG E 341 0.85 3.23 30.60
N MET E 342 1.90 4.00 30.91
CA MET E 342 2.86 4.27 29.85
C MET E 342 3.61 2.99 29.47
N PHE E 343 4.09 2.26 30.47
CA PHE E 343 4.96 1.14 30.20
C PHE E 343 4.13 0.01 29.60
N CYS E 344 2.93 -0.20 30.15
CA CYS E 344 2.03 -1.23 29.64
C CYS E 344 1.61 -0.93 28.21
N GLN E 345 1.11 0.28 27.93
CA GLN E 345 0.77 0.66 26.55
C GLN E 345 1.91 0.37 25.57
N LEU E 346 3.11 0.70 26.01
CA LEU E 346 4.29 0.53 25.20
C LEU E 346 4.41 -0.91 24.79
N ALA E 347 4.26 -1.77 25.80
CA ALA E 347 4.29 -3.21 25.61
C ALA E 347 3.17 -3.63 24.67
N GLY E 348 2.00 -3.03 24.87
CA GLY E 348 0.84 -3.31 24.05
C GLY E 348 1.03 -3.01 22.59
N GLN E 349 1.92 -2.08 22.26
CA GLN E 349 2.27 -1.81 20.86
C GLN E 349 3.40 -2.74 20.40
N TYR E 350 4.55 -2.65 21.05
CA TYR E 350 5.75 -3.34 20.57
C TYR E 350 5.93 -4.84 20.91
N ALA E 351 5.44 -5.32 22.04
CA ALA E 351 5.87 -6.64 22.50
C ALA E 351 4.81 -7.73 22.39
N VAL E 352 3.58 -7.34 22.07
CA VAL E 352 2.45 -8.27 22.07
C VAL E 352 1.99 -8.66 20.65
N ASP E 353 1.70 -9.94 20.46
CA ASP E 353 1.29 -10.52 19.18
C ASP E 353 0.01 -9.89 18.60
N LEU E 354 -0.98 -9.65 19.46
CA LEU E 354 -2.32 -9.33 18.97
C LEU E 354 -3.08 -8.26 19.75
N PHE E 355 -3.97 -7.53 19.05
CA PHE E 355 -4.96 -6.68 19.70
C PHE E 355 -6.31 -7.05 19.18
N ILE E 356 -7.32 -7.04 20.06
CA ILE E 356 -8.69 -7.35 19.66
C ILE E 356 -9.62 -6.45 20.45
N GLY E 357 -10.48 -5.72 19.73
CA GLY E 357 -11.37 -4.78 20.38
C GLY E 357 -12.64 -4.58 19.59
N ALA E 358 -13.62 -3.92 20.24
CA ALA E 358 -14.93 -3.68 19.65
C ALA E 358 -14.99 -2.27 19.06
N THR E 359 -16.17 -1.81 18.67
CA THR E 359 -16.30 -0.51 18.05
C THR E 359 -17.74 -0.16 17.77
N LEU E 360 -18.01 1.11 17.46
CA LEU E 360 -19.36 1.59 17.21
C LEU E 360 -19.73 1.68 15.73
N GLN E 361 -18.73 1.88 14.88
CA GLN E 361 -18.93 1.99 13.44
C GLN E 361 -17.75 1.48 12.64
N VAL E 362 -18.06 1.00 11.43
CA VAL E 362 -17.08 0.56 10.43
C VAL E 362 -17.60 0.89 9.01
N ASP E 363 -16.81 1.50 8.13
CA ASP E 363 -17.31 1.68 6.76
C ASP E 363 -16.83 0.56 5.82
N GLY E 364 -17.24 0.64 4.57
CA GLY E 364 -16.91 -0.37 3.59
C GLY E 364 -15.43 -0.63 3.38
N ASP E 365 -14.56 0.23 3.90
CA ASP E 365 -13.12 0.05 3.74
C ASP E 365 -12.46 -0.52 5.01
N GLY E 366 -13.25 -0.62 6.07
CA GLY E 366 -12.77 -1.16 7.33
C GLY E 366 -12.37 -0.13 8.35
N HIS E 367 -12.55 1.13 8.01
CA HIS E 367 -12.26 2.20 8.96
C HIS E 367 -13.17 2.12 10.17
N SER E 368 -12.61 2.17 11.37
CA SER E 368 -13.37 2.00 12.60
C SER E 368 -13.36 3.26 13.44
N SER E 369 -14.47 3.57 14.12
CA SER E 369 -14.50 4.76 14.99
C SER E 369 -15.55 4.66 16.07
N THR E 370 -15.39 5.48 17.11
CA THR E 370 -16.35 5.58 18.20
C THR E 370 -17.13 6.89 18.14
N VAL E 371 -16.67 7.77 17.25
CA VAL E 371 -17.28 9.08 17.05
C VAL E 371 -18.53 9.05 16.17
N THR E 372 -19.65 9.48 16.75
CA THR E 372 -20.98 9.41 16.10
C THR E 372 -21.77 10.69 16.39
N ARG E 373 -22.46 11.21 15.36
CA ARG E 373 -23.30 12.43 15.43
C ARG E 373 -23.29 13.25 16.72
N GLY E 374 -22.56 14.36 16.74
CA GLY E 374 -22.55 15.23 17.91
C GLY E 374 -22.03 14.63 19.21
N ARG E 375 -21.55 13.38 19.13
CA ARG E 375 -20.93 12.75 20.29
C ARG E 375 -19.45 12.47 20.03
N LEU E 376 -18.58 13.22 20.71
CA LEU E 376 -17.15 13.04 20.56
C LEU E 376 -16.61 12.03 21.56
N ALA E 377 -16.76 10.75 21.21
CA ALA E 377 -16.19 9.66 22.01
C ALA E 377 -14.67 9.71 21.87
N GLY E 378 -13.96 8.98 22.73
CA GLY E 378 -12.51 9.02 22.69
C GLY E 378 -11.94 7.81 21.99
N PHE E 379 -10.62 7.79 21.88
CA PHE E 379 -9.96 6.66 21.26
C PHE E 379 -9.40 5.69 22.29
N GLY E 380 -9.11 6.19 23.47
CA GLY E 380 -8.50 5.37 24.49
C GLY E 380 -7.22 4.74 23.99
N GLY E 381 -6.98 3.49 24.36
CA GLY E 381 -5.72 2.87 23.98
C GLY E 381 -5.79 2.20 22.61
N ALA E 382 -6.97 2.22 22.00
CA ALA E 382 -7.18 1.48 20.76
C ALA E 382 -6.24 1.87 19.61
N PRO E 383 -6.03 3.19 19.36
CA PRO E 383 -5.14 3.48 18.22
C PRO E 383 -3.68 3.03 18.41
N ASN E 384 -3.22 2.98 19.65
CA ASN E 384 -1.87 2.55 19.92
C ASN E 384 -1.69 1.07 19.69
N MET E 385 -2.72 0.30 20.01
CA MET E 385 -2.65 -1.14 19.84
C MET E 385 -3.37 -1.65 18.60
N GLY E 386 -4.20 -0.79 17.99
CA GLY E 386 -4.91 -1.12 16.78
C GLY E 386 -4.18 -0.61 15.55
N HIS E 387 -2.92 -0.98 15.44
CA HIS E 387 -2.11 -0.60 14.29
C HIS E 387 -0.91 -1.52 14.22
N ASP E 388 -0.41 -1.70 13.01
CA ASP E 388 0.78 -2.51 12.75
C ASP E 388 2.00 -1.67 13.09
N PRO E 389 2.66 -1.92 14.24
CA PRO E 389 3.82 -1.11 14.66
C PRO E 389 4.98 -1.23 13.67
N ARG E 390 5.03 -0.26 12.74
CA ARG E 390 6.01 -0.18 11.66
C ARG E 390 7.46 -0.13 12.17
N GLY E 391 7.65 0.15 13.46
CA GLY E 391 8.99 0.26 14.01
C GLY E 391 9.58 -1.00 14.62
N ARG E 392 8.76 -2.04 14.74
CA ARG E 392 9.15 -3.31 15.33
C ARG E 392 9.99 -4.19 14.41
N ARG E 393 10.95 -4.91 14.99
CA ARG E 393 11.87 -5.74 14.23
C ARG E 393 11.99 -7.15 14.80
N HIS E 394 11.65 -7.32 16.08
CA HIS E 394 11.78 -8.61 16.78
C HIS E 394 10.74 -9.61 16.32
N SER E 395 11.19 -10.79 15.91
CA SER E 395 10.29 -11.81 15.40
C SER E 395 9.47 -12.57 16.45
N THR E 396 8.29 -13.02 16.03
CA THR E 396 7.36 -13.84 16.81
C THR E 396 6.65 -14.76 15.83
N PRO E 397 6.35 -15.99 16.26
CA PRO E 397 5.50 -16.89 15.45
C PRO E 397 4.26 -16.20 14.84
N ALA E 398 3.36 -15.70 15.69
CA ALA E 398 2.14 -15.03 15.21
C ALA E 398 2.43 -13.85 14.30
N TRP E 399 3.38 -13.00 14.70
CA TRP E 399 3.77 -11.83 13.92
C TRP E 399 4.15 -12.23 12.50
N LEU E 400 4.93 -13.31 12.38
CA LEU E 400 5.37 -13.83 11.09
C LEU E 400 4.32 -14.55 10.26
N ASP E 401 3.26 -15.08 10.87
CA ASP E 401 2.24 -15.84 10.13
C ASP E 401 1.53 -14.98 9.08
N MET E 402 1.56 -13.68 9.30
CA MET E 402 0.87 -12.73 8.43
C MET E 402 1.51 -12.52 7.06
N ARG E 403 2.76 -12.95 6.92
CA ARG E 403 3.52 -12.69 5.69
C ARG E 403 2.96 -13.51 4.53
N GLY E 404 2.68 -12.84 3.42
CA GLY E 404 2.20 -13.50 2.23
C GLY E 404 3.21 -14.52 1.74
N GLU E 405 4.46 -14.09 1.58
CA GLU E 405 5.52 -15.00 1.17
C GLU E 405 6.61 -15.18 2.23
N PRO E 406 6.50 -16.25 3.04
CA PRO E 406 7.38 -16.57 4.19
C PRO E 406 8.90 -16.74 3.90
N GLU E 407 9.34 -16.80 2.65
CA GLU E 407 10.78 -16.78 2.43
C GLU E 407 11.19 -15.65 1.52
N ALA E 408 10.33 -14.65 1.42
CA ALA E 408 10.75 -13.32 1.07
C ALA E 408 11.37 -12.67 2.33
N LEU E 409 12.69 -12.48 2.33
CA LEU E 409 13.39 -11.98 3.52
C LEU E 409 13.13 -10.50 3.79
N LEU E 410 12.56 -9.82 2.79
CA LEU E 410 12.30 -8.40 2.92
C LEU E 410 10.84 -8.16 3.35
N GLU E 411 9.95 -9.11 3.10
CA GLU E 411 8.59 -8.91 3.53
C GLU E 411 8.57 -9.02 5.04
N ARG E 412 8.09 -7.97 5.71
CA ARG E 412 8.05 -7.96 7.16
C ARG E 412 6.75 -8.50 7.66
N GLY E 413 6.70 -8.73 8.97
CA GLY E 413 5.49 -9.25 9.57
C GLY E 413 4.51 -8.16 9.90
N ARG E 414 3.41 -8.55 10.56
CA ARG E 414 2.34 -7.66 10.95
C ARG E 414 1.82 -8.11 12.32
N LYS E 415 1.49 -7.15 13.17
CA LYS E 415 0.78 -7.41 14.40
C LYS E 415 -0.67 -7.74 14.04
N LEU E 416 -1.23 -8.77 14.67
CA LEU E 416 -2.64 -9.10 14.44
C LEU E 416 -3.50 -8.02 15.02
N VAL E 417 -4.35 -7.42 14.18
CA VAL E 417 -5.27 -6.41 14.69
C VAL E 417 -6.71 -6.82 14.37
N VAL E 418 -7.44 -7.25 15.41
CA VAL E 418 -8.81 -7.75 15.25
C VAL E 418 -9.84 -6.74 15.73
N GLN E 419 -10.89 -6.56 14.92
CA GLN E 419 -11.96 -5.64 15.20
C GLN E 419 -13.16 -6.61 15.44
N MET E 420 -13.59 -6.75 16.68
CA MET E 420 -14.56 -7.79 17.07
C MET E 420 -15.88 -7.13 17.37
N VAL E 421 -16.80 -7.21 16.43
CA VAL E 421 -18.04 -6.47 16.53
C VAL E 421 -19.18 -7.20 15.85
N GLU E 422 -20.36 -7.05 16.43
CA GLU E 422 -21.60 -7.58 15.89
C GLU E 422 -22.06 -6.73 14.70
N THR E 423 -22.73 -7.34 13.73
CA THR E 423 -23.11 -6.62 12.52
C THR E 423 -23.98 -5.43 12.81
N PHE E 424 -24.66 -5.44 13.95
CA PHE E 424 -25.51 -4.30 14.35
C PHE E 424 -25.22 -3.86 15.76
N GLN E 425 -25.05 -2.55 15.97
CA GLN E 425 -25.12 -2.09 17.34
C GLN E 425 -26.51 -2.42 17.74
N ASP E 426 -26.73 -2.40 19.04
CA ASP E 426 -27.98 -2.96 19.47
C ASP E 426 -29.10 -2.00 19.03
N GLY E 427 -28.97 -0.70 19.33
CA GLY E 427 -29.99 0.28 19.01
C GLY E 427 -30.64 0.28 17.64
N GLY E 428 -30.71 -0.88 16.98
CA GLY E 428 -31.31 -1.06 15.67
C GLY E 428 -30.51 -0.34 14.57
N LYS E 429 -29.39 0.26 14.98
CA LYS E 429 -28.40 0.90 14.10
C LYS E 429 -27.54 -0.20 13.47
N PRO E 430 -27.13 -0.06 12.20
CA PRO E 430 -26.11 -1.03 11.74
C PRO E 430 -24.68 -0.62 12.16
N THR E 431 -23.80 -1.60 12.38
CA THR E 431 -22.41 -1.30 12.73
C THR E 431 -21.60 -0.87 11.51
N PHE E 432 -21.71 -1.65 10.45
CA PHE E 432 -21.06 -1.38 9.17
C PHE E 432 -21.93 -0.47 8.31
N VAL E 433 -21.54 0.80 8.22
CA VAL E 433 -22.32 1.80 7.49
C VAL E 433 -21.61 2.27 6.23
N GLU E 434 -22.32 2.95 5.33
CA GLU E 434 -21.70 3.40 4.08
C GLU E 434 -20.67 4.52 4.30
N ARG E 435 -20.97 5.45 5.19
CA ARG E 435 -20.06 6.54 5.55
C ARG E 435 -19.93 6.60 7.07
N LEU E 436 -18.71 6.77 7.58
CA LEU E 436 -18.54 6.98 9.01
C LEU E 436 -19.16 8.33 9.47
N ASP E 437 -19.77 8.38 10.65
CA ASP E 437 -20.31 9.64 11.17
C ASP E 437 -19.20 10.67 11.31
N ALA E 438 -18.04 10.18 11.73
CA ALA E 438 -16.87 11.00 11.99
C ALA E 438 -16.55 11.99 10.88
N LEU E 439 -16.85 11.62 9.63
CA LEU E 439 -16.62 12.54 8.53
C LEU E 439 -17.39 13.81 8.78
N GLU E 440 -18.69 13.66 9.09
CA GLU E 440 -19.55 14.83 9.33
C GLU E 440 -19.21 15.53 10.65
N VAL E 441 -18.85 14.75 11.65
CA VAL E 441 -18.42 15.35 12.90
C VAL E 441 -17.16 16.20 12.66
N ALA E 442 -16.34 15.77 11.69
CA ALA E 442 -15.12 16.47 11.37
C ALA E 442 -15.43 17.79 10.69
N ARG E 443 -16.36 17.80 9.75
CA ARG E 443 -16.72 19.02 9.02
C ARG E 443 -17.25 20.07 9.99
N GLN E 444 -18.04 19.64 10.95
CA GLN E 444 -18.64 20.57 11.88
C GLN E 444 -17.83 20.79 13.14
N THR E 445 -16.52 20.61 13.07
CA THR E 445 -15.69 20.84 14.24
C THR E 445 -14.37 21.43 13.77
N GLY E 446 -14.29 21.61 12.45
CA GLY E 446 -13.10 22.14 11.83
C GLY E 446 -11.91 21.23 12.05
N MET E 447 -12.19 19.95 12.29
CA MET E 447 -11.17 18.91 12.42
C MET E 447 -10.53 18.72 11.05
N PRO E 448 -9.19 18.72 10.99
CA PRO E 448 -8.54 18.61 9.67
C PRO E 448 -8.74 17.26 9.01
N LEU E 449 -8.92 16.21 9.79
CA LEU E 449 -9.15 14.87 9.25
C LEU E 449 -10.14 14.14 10.15
N ALA E 450 -10.97 13.30 9.55
CA ALA E 450 -12.01 12.60 10.30
C ALA E 450 -11.40 11.79 11.44
N PRO E 451 -11.97 11.92 12.65
CA PRO E 451 -11.55 11.13 13.81
C PRO E 451 -11.84 9.64 13.62
N VAL E 452 -10.85 8.94 13.07
CA VAL E 452 -10.91 7.50 12.91
C VAL E 452 -10.12 6.83 14.02
N MET E 453 -10.69 5.81 14.63
CA MET E 453 -10.04 5.12 15.72
C MET E 453 -8.97 4.14 15.27
N ILE E 454 -9.35 3.29 14.33
CA ILE E 454 -8.47 2.32 13.72
C ILE E 454 -8.71 2.40 12.22
N TYR E 455 -7.64 2.51 11.42
CA TYR E 455 -7.79 2.65 9.96
C TYR E 455 -7.88 1.28 9.32
N GLY E 456 -8.74 1.19 8.30
CA GLY E 456 -8.98 -0.03 7.55
C GLY E 456 -7.76 -0.79 7.07
N ASP E 457 -6.69 -0.10 6.70
CA ASP E 457 -5.51 -0.77 6.19
C ASP E 457 -4.71 -1.43 7.33
N ASP E 458 -5.05 -1.05 8.56
CA ASP E 458 -4.40 -1.57 9.76
C ASP E 458 -5.04 -2.82 10.36
N VAL E 459 -6.29 -3.07 10.02
CA VAL E 459 -7.01 -4.24 10.50
C VAL E 459 -6.65 -5.50 9.70
N THR E 460 -6.40 -6.58 10.43
CA THR E 460 -6.05 -7.87 9.82
C THR E 460 -7.21 -8.86 9.88
N HIS E 461 -7.99 -8.81 10.96
CA HIS E 461 -9.16 -9.67 11.10
C HIS E 461 -10.39 -8.83 11.43
N VAL E 462 -11.49 -9.01 10.72
CA VAL E 462 -12.76 -8.42 11.14
C VAL E 462 -13.63 -9.56 11.62
N LEU E 463 -14.00 -9.53 12.90
CA LEU E 463 -14.74 -10.63 13.53
C LEU E 463 -16.16 -10.23 13.92
N THR E 464 -17.09 -11.05 13.41
CA THR E 464 -18.51 -10.81 13.46
C THR E 464 -19.27 -12.10 13.85
N GLU E 465 -20.50 -12.00 14.35
CA GLU E 465 -21.33 -13.19 14.58
C GLU E 465 -21.62 -13.91 13.27
N GLU E 466 -21.18 -13.32 12.15
CA GLU E 466 -21.36 -13.85 10.81
C GLU E 466 -20.22 -14.77 10.42
N GLY E 467 -19.00 -14.38 10.82
CA GLY E 467 -17.77 -15.06 10.45
C GLY E 467 -16.52 -14.18 10.59
N ILE E 468 -15.39 -14.71 10.14
CA ILE E 468 -14.15 -13.95 10.17
C ILE E 468 -13.75 -13.54 8.75
N ALA E 469 -13.37 -12.28 8.56
CA ALA E 469 -12.84 -11.88 7.27
C ALA E 469 -11.35 -11.64 7.45
N TYR E 470 -10.54 -12.48 6.82
CA TYR E 470 -9.10 -12.40 6.98
C TYR E 470 -8.44 -11.32 6.13
N LEU E 471 -8.72 -10.06 6.45
CA LEU E 471 -8.26 -8.91 5.67
C LEU E 471 -6.75 -8.90 5.39
N TYR E 472 -5.93 -9.46 6.28
CA TYR E 472 -4.47 -9.46 6.05
C TYR E 472 -4.06 -10.13 4.72
N LYS E 473 -4.96 -10.91 4.11
CA LYS E 473 -4.73 -11.63 2.86
C LYS E 473 -5.28 -10.86 1.65
N ALA E 474 -5.92 -9.71 1.92
CA ALA E 474 -6.54 -8.90 0.87
C ALA E 474 -5.51 -8.38 -0.13
N ARG E 475 -5.72 -8.68 -1.41
CA ARG E 475 -4.77 -8.29 -2.45
C ARG E 475 -4.92 -6.83 -2.92
N SER E 476 -6.16 -6.33 -2.96
CA SER E 476 -6.40 -4.93 -3.32
C SER E 476 -7.43 -4.34 -2.37
N LEU E 477 -7.64 -3.02 -2.40
CA LEU E 477 -8.66 -2.41 -1.56
C LEU E 477 -10.02 -2.98 -1.91
N GLU E 478 -10.26 -3.18 -3.19
CA GLU E 478 -11.51 -3.71 -3.70
C GLU E 478 -11.80 -5.13 -3.15
N GLU E 479 -10.79 -5.99 -3.08
CA GLU E 479 -10.95 -7.33 -2.46
C GLU E 479 -11.18 -7.20 -0.96
N ARG E 480 -10.48 -6.28 -0.31
CA ARG E 480 -10.75 -5.99 1.09
C ARG E 480 -12.21 -5.59 1.32
N GLN E 481 -12.73 -4.69 0.49
CA GLN E 481 -14.11 -4.25 0.62
C GLN E 481 -15.06 -5.42 0.45
N ALA E 482 -14.70 -6.34 -0.45
CA ALA E 482 -15.51 -7.52 -0.73
C ALA E 482 -15.64 -8.42 0.50
N MET E 483 -14.52 -8.59 1.20
CA MET E 483 -14.41 -9.46 2.37
C MET E 483 -15.19 -8.93 3.54
N ILE E 484 -15.14 -7.61 3.73
CA ILE E 484 -15.84 -7.00 4.83
C ILE E 484 -17.33 -7.23 4.65
N ALA E 485 -17.82 -6.99 3.43
CA ALA E 485 -19.25 -7.12 3.18
C ALA E 485 -19.74 -8.53 3.43
N ALA E 486 -18.89 -9.52 3.19
CA ALA E 486 -19.27 -10.92 3.40
C ALA E 486 -19.58 -11.22 4.87
N VAL E 487 -18.79 -10.65 5.75
CA VAL E 487 -19.02 -10.85 7.17
C VAL E 487 -19.92 -9.76 7.79
N ALA E 488 -20.46 -8.89 6.95
CA ALA E 488 -21.18 -7.70 7.41
C ALA E 488 -22.68 -7.86 7.61
N GLY E 489 -23.21 -9.08 7.43
CA GLY E 489 -24.60 -9.35 7.73
C GLY E 489 -25.56 -8.60 6.81
N ILE E 490 -26.72 -8.20 7.33
CA ILE E 490 -27.68 -7.47 6.49
C ILE E 490 -27.63 -5.95 6.74
N SER E 491 -26.46 -5.46 7.14
CA SER E 491 -26.20 -4.04 7.26
C SER E 491 -26.07 -3.47 5.85
N PRO E 492 -26.21 -2.15 5.69
CA PRO E 492 -26.09 -1.60 4.35
C PRO E 492 -24.79 -1.98 3.61
N ILE E 493 -23.72 -2.24 4.34
CA ILE E 493 -22.45 -2.67 3.75
C ILE E 493 -22.55 -4.12 3.31
N GLY E 494 -23.15 -4.93 4.17
CA GLY E 494 -23.29 -6.34 3.93
C GLY E 494 -24.28 -6.69 2.86
N LEU E 495 -25.20 -5.78 2.59
CA LEU E 495 -26.18 -5.98 1.53
C LEU E 495 -25.52 -5.70 0.18
N ARG E 496 -24.29 -5.19 0.20
CA ARG E 496 -23.50 -5.06 -1.03
C ARG E 496 -22.97 -6.42 -1.46
N HIS E 497 -22.76 -7.30 -0.50
CA HIS E 497 -22.26 -8.64 -0.77
C HIS E 497 -23.26 -9.55 -1.48
N ASP E 498 -22.81 -10.21 -2.54
CA ASP E 498 -23.64 -11.16 -3.29
C ASP E 498 -23.39 -12.58 -2.81
N PRO E 499 -24.39 -13.22 -2.19
CA PRO E 499 -24.22 -14.55 -1.59
C PRO E 499 -23.62 -15.66 -2.49
N ARG E 500 -23.89 -15.69 -3.79
CA ARG E 500 -23.35 -16.76 -4.59
C ARG E 500 -21.81 -16.68 -4.70
N GLU E 501 -21.27 -15.57 -4.20
CA GLU E 501 -19.84 -15.37 -4.08
C GLU E 501 -19.21 -15.91 -2.78
N THR E 502 -20.03 -16.34 -1.83
CA THR E 502 -19.52 -16.76 -0.53
C THR E 502 -18.72 -18.05 -0.59
N GLN E 503 -19.22 -19.04 -1.32
CA GLN E 503 -18.56 -20.31 -1.28
C GLN E 503 -17.11 -20.11 -1.71
N ARG E 504 -16.88 -19.44 -2.84
CA ARG E 504 -15.51 -19.17 -3.29
C ARG E 504 -14.65 -18.51 -2.21
N MET E 505 -15.20 -17.52 -1.51
CA MET E 505 -14.42 -16.76 -0.52
C MET E 505 -14.06 -17.63 0.69
N ARG E 506 -14.92 -18.60 0.98
CA ARG E 506 -14.71 -19.50 2.11
C ARG E 506 -13.59 -20.47 1.79
N ARG E 507 -13.69 -21.04 0.59
CA ARG E 507 -12.75 -22.00 0.06
C ARG E 507 -11.34 -21.43 -0.02
N GLU E 508 -11.27 -20.19 -0.47
CA GLU E 508 -10.00 -19.51 -0.64
C GLU E 508 -9.44 -18.99 0.69
N GLY E 509 -10.22 -19.13 1.76
CA GLY E 509 -9.75 -18.81 3.10
C GLY E 509 -9.71 -17.31 3.32
N LEU E 510 -10.52 -16.62 2.54
CA LEU E 510 -10.63 -15.18 2.65
C LEU E 510 -11.52 -14.88 3.84
N ILE E 511 -12.56 -15.69 3.99
CA ILE E 511 -13.44 -15.58 5.15
C ILE E 511 -13.55 -16.95 5.76
N ALA E 512 -13.97 -17.00 7.00
CA ALA E 512 -14.24 -18.27 7.65
C ALA E 512 -15.59 -18.14 8.34
N LEU E 513 -16.51 -19.04 8.03
CA LEU E 513 -17.77 -19.07 8.75
C LEU E 513 -17.63 -19.94 9.99
N PRO E 514 -18.53 -19.78 10.98
CA PRO E 514 -18.36 -20.67 12.13
C PRO E 514 -18.40 -22.15 11.72
N GLU E 515 -19.20 -22.53 10.73
CA GLU E 515 -19.11 -23.89 10.19
C GLU E 515 -17.71 -24.24 9.69
N ASP E 516 -16.98 -23.28 9.14
CA ASP E 516 -15.63 -23.53 8.57
C ASP E 516 -14.58 -23.81 9.63
N LEU E 517 -14.88 -23.37 10.85
CA LEU E 517 -13.95 -23.48 11.96
C LEU E 517 -14.29 -24.71 12.79
N GLY E 518 -15.33 -25.42 12.39
CA GLY E 518 -15.78 -26.58 13.13
C GLY E 518 -16.62 -26.15 14.32
N ILE E 519 -17.33 -25.03 14.15
CA ILE E 519 -18.17 -24.45 15.19
C ILE E 519 -19.64 -24.40 14.79
N ARG E 520 -20.49 -25.24 15.40
CA ARG E 520 -21.91 -25.15 15.10
C ARG E 520 -22.46 -23.94 15.84
N ARG E 521 -23.11 -23.06 15.10
CA ARG E 521 -23.66 -21.83 15.66
C ARG E 521 -24.59 -22.04 16.87
N THR E 522 -25.42 -23.06 16.81
CA THR E 522 -26.41 -23.28 17.87
C THR E 522 -25.78 -23.85 19.15
N ASP E 523 -24.46 -24.06 19.11
CA ASP E 523 -23.66 -24.54 20.26
C ASP E 523 -23.24 -23.39 21.15
N ALA E 524 -23.59 -22.17 20.75
CA ALA E 524 -23.21 -20.99 21.51
C ALA E 524 -24.21 -20.71 22.63
N SER E 525 -23.81 -20.96 23.88
CA SER E 525 -24.68 -20.62 24.99
C SER E 525 -23.83 -20.11 26.12
N ARG E 526 -24.49 -19.62 27.16
CA ARG E 526 -23.80 -19.14 28.34
C ARG E 526 -23.15 -20.30 29.12
N GLU E 527 -23.48 -21.54 28.73
CA GLU E 527 -22.98 -22.71 29.45
C GLU E 527 -21.47 -22.81 29.31
N LEU E 528 -20.94 -22.14 28.30
CA LEU E 528 -19.51 -22.07 28.02
C LEU E 528 -18.77 -21.10 28.96
N LEU E 529 -19.52 -20.17 29.54
CA LEU E 529 -18.95 -19.21 30.49
C LEU E 529 -18.33 -19.92 31.70
N ALA E 530 -17.06 -19.62 31.98
CA ALA E 530 -16.41 -20.22 33.12
C ALA E 530 -17.09 -19.73 34.38
N ALA E 531 -17.43 -18.44 34.38
CA ALA E 531 -18.20 -17.83 35.45
C ALA E 531 -19.46 -17.19 34.86
N LYS E 532 -20.61 -17.43 35.50
CA LYS E 532 -21.89 -16.95 35.00
C LYS E 532 -22.30 -15.64 35.65
N SER E 533 -21.59 -15.24 36.70
CA SER E 533 -21.92 -14.02 37.44
C SER E 533 -20.73 -13.40 38.17
N ILE E 534 -20.95 -12.22 38.74
CA ILE E 534 -19.93 -11.54 39.55
C ILE E 534 -19.61 -12.40 40.78
N ALA E 535 -20.63 -13.07 41.31
CA ALA E 535 -20.49 -13.94 42.46
C ALA E 535 -19.63 -15.16 42.14
N GLU E 536 -19.85 -15.78 40.98
CA GLU E 536 -19.04 -16.93 40.58
C GLU E 536 -17.58 -16.48 40.29
N LEU E 537 -17.41 -15.22 39.89
CA LEU E 537 -16.07 -14.69 39.67
C LEU E 537 -15.32 -14.65 41.01
N VAL E 538 -16.05 -14.27 42.06
CA VAL E 538 -15.52 -14.17 43.41
C VAL E 538 -15.07 -15.53 43.99
N GLU E 539 -15.71 -16.62 43.59
CA GLU E 539 -15.32 -17.91 44.17
C GLU E 539 -14.40 -18.68 43.25
N TRP E 540 -14.20 -18.20 42.03
CA TRP E 540 -13.00 -18.58 41.35
C TRP E 540 -11.82 -17.92 42.06
N SER E 541 -12.02 -16.68 42.49
CA SER E 541 -10.96 -15.92 43.14
C SER E 541 -10.80 -16.37 44.58
N GLY E 542 -11.63 -17.33 44.98
CA GLY E 542 -11.55 -17.86 46.34
C GLY E 542 -11.75 -16.82 47.42
N GLY E 543 -12.75 -15.96 47.25
CA GLY E 543 -13.11 -14.96 48.25
C GLY E 543 -12.30 -13.68 48.19
N LEU E 544 -11.24 -13.71 47.36
CA LEU E 544 -10.28 -12.63 47.23
C LEU E 544 -10.73 -11.41 46.44
N TYR E 545 -11.53 -11.60 45.39
CA TYR E 545 -12.07 -10.48 44.63
C TYR E 545 -13.21 -9.85 45.42
N GLN E 546 -13.06 -8.57 45.71
CA GLN E 546 -14.08 -7.83 46.44
C GLN E 546 -14.76 -6.82 45.52
N PRO E 547 -15.73 -7.29 44.72
CA PRO E 547 -16.42 -6.42 43.76
C PRO E 547 -16.97 -5.17 44.41
N PRO E 548 -16.85 -4.02 43.71
CA PRO E 548 -17.35 -2.72 44.15
C PRO E 548 -18.87 -2.69 44.22
N ALA E 549 -19.41 -1.87 45.12
CA ALA E 549 -20.85 -1.74 45.37
C ALA E 549 -21.72 -1.94 44.13
N ARG E 550 -21.33 -1.27 43.06
CA ARG E 550 -21.95 -1.41 41.76
C ARG E 550 -22.30 -2.85 41.37
N PHE E 551 -21.33 -3.75 41.48
CA PHE E 551 -21.52 -5.16 41.05
C PHE E 551 -21.90 -6.14 42.15
N ARG E 552 -22.24 -5.65 43.34
CA ARG E 552 -22.57 -6.58 44.44
C ARG E 552 -24.03 -7.03 44.38
N SER E 553 -24.25 -8.30 44.72
CA SER E 553 -25.59 -8.83 44.87
C SER E 553 -25.69 -9.57 46.21
N TRP E 554 -25.31 -8.85 47.29
CA TRP E 554 -25.26 -9.38 48.65
C TRP E 554 -24.91 -8.26 49.64
N MET F 1 -44.28 -0.22 18.13
CA MET F 1 -44.43 -1.63 17.84
C MET F 1 -45.27 -1.84 16.58
N GLU F 2 -44.94 -2.86 15.80
CA GLU F 2 -45.71 -3.20 14.61
C GLU F 2 -45.72 -4.69 14.33
N THR F 3 -46.73 -5.14 13.58
CA THR F 3 -46.91 -6.54 13.24
C THR F 3 -46.68 -6.79 11.76
N LEU F 4 -45.73 -7.67 11.44
CA LEU F 4 -45.37 -7.93 10.06
C LEU F 4 -45.72 -9.38 9.76
N SER F 5 -46.14 -9.65 8.54
CA SER F 5 -46.53 -11.00 8.20
C SER F 5 -45.71 -11.43 6.99
N PHE F 6 -45.27 -12.69 6.99
CA PHE F 6 -44.41 -13.17 5.90
C PHE F 6 -44.90 -14.50 5.38
N GLU F 7 -44.28 -14.96 4.30
CA GLU F 7 -44.64 -16.24 3.70
C GLU F 7 -43.53 -16.70 2.72
N PHE F 8 -43.17 -17.98 2.79
CA PHE F 8 -42.10 -18.53 1.96
C PHE F 8 -42.40 -19.95 1.51
N PRO F 9 -41.93 -20.30 0.30
CA PRO F 9 -42.05 -21.70 -0.15
C PRO F 9 -41.28 -22.66 0.78
N ALA F 10 -41.95 -23.71 1.22
CA ALA F 10 -41.36 -24.72 2.09
C ALA F 10 -41.67 -26.15 1.62
N GLY F 11 -41.30 -27.12 2.44
CA GLY F 11 -41.42 -28.53 2.09
C GLY F 11 -42.62 -29.20 2.70
N GLN F 12 -42.38 -30.31 3.39
CA GLN F 12 -43.44 -31.01 4.10
C GLN F 12 -43.54 -30.45 5.53
N PRO F 13 -44.73 -30.55 6.16
CA PRO F 13 -44.86 -30.00 7.51
C PRO F 13 -43.80 -30.53 8.47
N GLY F 14 -43.32 -29.68 9.37
CA GLY F 14 -42.29 -30.06 10.32
C GLY F 14 -42.94 -31.09 11.19
N ARG F 15 -42.16 -31.79 12.03
CA ARG F 15 -42.79 -32.92 12.72
C ARG F 15 -43.06 -32.65 14.21
N GLY F 16 -42.31 -31.76 14.85
CA GLY F 16 -42.69 -31.42 16.22
C GLY F 16 -42.82 -29.91 16.47
N ARG F 17 -42.75 -29.50 17.73
CA ARG F 17 -42.85 -28.09 18.08
C ARG F 17 -41.61 -27.60 18.81
N ALA F 18 -41.48 -26.28 18.98
CA ALA F 18 -40.31 -25.71 19.64
C ALA F 18 -40.53 -24.26 20.11
N LEU F 19 -39.90 -23.91 21.22
CA LEU F 19 -39.87 -22.56 21.76
C LEU F 19 -38.42 -22.17 22.11
N VAL F 20 -38.01 -20.96 21.75
CA VAL F 20 -36.64 -20.49 21.94
C VAL F 20 -36.66 -19.05 22.39
N GLY F 21 -35.81 -18.68 23.34
CA GLY F 21 -35.72 -17.29 23.80
C GLY F 21 -36.90 -16.73 24.60
N CYS F 22 -36.80 -15.47 24.99
CA CYS F 22 -37.85 -14.79 25.74
C CYS F 22 -37.94 -13.32 25.33
N VAL F 23 -39.10 -12.71 25.55
CA VAL F 23 -39.33 -11.31 25.16
C VAL F 23 -38.79 -10.30 26.16
N GLY F 24 -37.49 -10.35 26.39
CA GLY F 24 -36.82 -9.36 27.22
C GLY F 24 -36.15 -8.38 26.29
N SER F 25 -35.86 -7.17 26.75
CA SER F 25 -35.17 -6.20 25.89
C SER F 25 -33.89 -6.84 25.34
N GLY F 26 -33.74 -6.81 24.02
CA GLY F 26 -32.54 -7.34 23.41
C GLY F 26 -32.61 -8.79 22.98
N ASP F 27 -33.65 -9.49 23.41
CA ASP F 27 -33.83 -10.88 23.01
C ASP F 27 -35.18 -11.00 22.34
N LEU F 28 -35.51 -12.20 21.86
CA LEU F 28 -36.78 -12.48 21.20
C LEU F 28 -37.28 -13.89 21.51
N GLU F 29 -38.56 -14.10 21.30
CA GLU F 29 -39.17 -15.37 21.59
C GLU F 29 -39.63 -15.94 20.28
N VAL F 30 -39.32 -17.20 20.00
CA VAL F 30 -39.70 -17.83 18.74
C VAL F 30 -40.53 -19.11 18.98
N LEU F 31 -41.71 -19.17 18.35
CA LEU F 31 -42.59 -20.35 18.43
C LEU F 31 -42.52 -21.10 17.11
N LEU F 32 -42.26 -22.42 17.14
CA LEU F 32 -42.26 -23.18 15.89
C LEU F 32 -43.22 -24.35 15.96
N GLU F 33 -44.24 -24.35 15.10
CA GLU F 33 -45.22 -25.43 15.07
C GLU F 33 -45.24 -25.97 13.66
N PRO F 34 -45.69 -27.23 13.49
CA PRO F 34 -45.89 -27.66 12.11
C PRO F 34 -47.05 -26.88 11.48
N GLY F 35 -46.95 -26.64 10.17
CA GLY F 35 -47.92 -25.88 9.43
C GLY F 35 -48.33 -26.57 8.14
N GLN F 36 -49.01 -25.82 7.26
CA GLN F 36 -49.55 -26.38 6.02
C GLN F 36 -48.47 -26.57 4.94
N PRO F 37 -48.39 -27.79 4.39
CA PRO F 37 -47.37 -28.19 3.41
C PRO F 37 -47.24 -27.25 2.21
N GLY F 38 -45.99 -26.87 1.93
CA GLY F 38 -45.65 -25.97 0.86
C GLY F 38 -45.43 -24.54 1.34
N LYS F 39 -46.00 -24.20 2.49
CA LYS F 39 -45.97 -22.82 2.96
C LYS F 39 -45.23 -22.72 4.30
N LEU F 40 -44.39 -21.70 4.44
CA LEU F 40 -43.84 -21.35 5.74
C LEU F 40 -44.41 -19.99 6.04
N SER F 41 -45.30 -19.93 7.02
CA SER F 41 -45.97 -18.67 7.38
C SER F 41 -45.34 -18.08 8.64
N ILE F 42 -44.66 -16.96 8.51
CA ILE F 42 -44.10 -16.27 9.66
C ILE F 42 -44.92 -15.02 10.03
N GLN F 43 -45.05 -14.78 11.33
CA GLN F 43 -45.72 -13.62 11.92
C GLN F 43 -44.75 -12.99 12.92
N VAL F 44 -44.42 -11.73 12.72
CA VAL F 44 -43.46 -11.07 13.58
C VAL F 44 -44.14 -9.91 14.28
N GLN F 45 -43.99 -9.83 15.60
CA GLN F 45 -44.41 -8.65 16.33
C GLN F 45 -43.14 -8.02 16.91
N THR F 46 -42.78 -6.84 16.43
CA THR F 46 -41.53 -6.23 16.84
C THR F 46 -41.71 -4.84 17.42
N SER F 47 -40.82 -4.45 18.32
CA SER F 47 -40.87 -3.14 18.97
C SER F 47 -40.10 -2.11 18.15
N VAL F 48 -39.34 -2.58 17.18
CA VAL F 48 -38.63 -1.69 16.28
C VAL F 48 -39.50 -1.37 15.06
N ASN F 49 -39.74 -0.07 14.83
CA ASN F 49 -40.59 0.30 13.70
C ASN F 49 -39.80 0.44 12.41
N GLY F 50 -40.48 0.21 11.28
CA GLY F 50 -39.85 0.28 9.97
C GLY F 50 -38.70 -0.68 9.81
N SER F 51 -38.79 -1.83 10.45
CA SER F 51 -37.80 -2.88 10.34
C SER F 51 -38.18 -3.90 9.25
N ALA F 52 -39.41 -3.85 8.77
CA ALA F 52 -39.91 -4.77 7.73
C ALA F 52 -38.90 -5.23 6.69
N SER F 53 -38.22 -4.28 6.06
CA SER F 53 -37.22 -4.60 5.03
C SER F 53 -36.05 -5.41 5.60
N ARG F 54 -35.65 -5.06 6.81
CA ARG F 54 -34.61 -5.75 7.55
C ARG F 54 -35.02 -7.21 7.83
N TRP F 55 -36.24 -7.40 8.33
CA TRP F 55 -36.73 -8.77 8.57
C TRP F 55 -36.79 -9.54 7.25
N GLN F 56 -37.16 -8.84 6.19
CA GLN F 56 -37.25 -9.46 4.87
C GLN F 56 -35.89 -10.05 4.43
N HIS F 57 -34.82 -9.25 4.50
CA HIS F 57 -33.50 -9.72 4.09
C HIS F 57 -33.01 -10.87 4.96
N LEU F 58 -33.21 -10.71 6.28
CA LEU F 58 -32.83 -11.74 7.24
C LEU F 58 -33.39 -13.10 6.88
N PHE F 59 -34.68 -13.11 6.54
CA PHE F 59 -35.39 -14.35 6.22
C PHE F 59 -34.95 -14.94 4.90
N GLU F 60 -34.83 -14.10 3.87
CA GLU F 60 -34.36 -14.56 2.56
C GLU F 60 -33.00 -15.22 2.64
N ARG F 61 -32.11 -14.67 3.46
CA ARG F 61 -30.77 -15.22 3.60
C ARG F 61 -30.87 -16.56 4.30
N LEU F 62 -31.64 -16.56 5.38
CA LEU F 62 -31.85 -17.74 6.20
C LEU F 62 -32.29 -18.94 5.37
N PHE F 63 -33.22 -18.70 4.45
CA PHE F 63 -33.81 -19.75 3.61
C PHE F 63 -33.24 -19.88 2.19
N ASP F 64 -32.17 -19.14 1.89
CA ASP F 64 -31.57 -19.16 0.54
C ASP F 64 -31.02 -20.56 0.20
N GLY F 65 -31.58 -21.17 -0.83
CA GLY F 65 -31.08 -22.47 -1.28
C GLY F 65 -31.25 -23.65 -0.34
N GLN F 66 -31.98 -23.44 0.74
CA GLN F 66 -32.29 -24.52 1.67
C GLN F 66 -33.75 -24.31 1.91
N THR F 67 -34.56 -25.25 1.44
CA THR F 67 -36.00 -25.19 1.66
C THR F 67 -36.34 -25.72 3.03
N PRO F 68 -37.02 -24.88 3.84
CA PRO F 68 -37.36 -25.16 5.23
C PRO F 68 -38.55 -26.09 5.34
N PRO F 69 -38.76 -26.68 6.52
CA PRO F 69 -39.99 -27.45 6.71
C PRO F 69 -41.19 -26.51 6.72
N ALA F 70 -42.35 -27.01 6.31
CA ALA F 70 -43.56 -26.19 6.37
C ALA F 70 -43.90 -25.94 7.82
N LEU F 71 -43.67 -24.71 8.27
CA LEU F 71 -43.97 -24.37 9.66
C LEU F 71 -44.79 -23.10 9.76
N LEU F 72 -45.36 -22.90 10.96
CA LEU F 72 -45.90 -21.63 11.35
C LEU F 72 -45.00 -21.15 12.49
N ILE F 73 -44.41 -19.97 12.25
CA ILE F 73 -43.46 -19.35 13.14
C ILE F 73 -44.02 -18.06 13.70
N ASP F 74 -44.15 -17.98 15.02
CA ASP F 74 -44.63 -16.75 15.65
C ASP F 74 -43.48 -16.13 16.44
N ILE F 75 -43.05 -14.94 16.03
CA ILE F 75 -41.92 -14.29 16.70
C ILE F 75 -42.41 -13.11 17.52
N HIS F 76 -41.87 -12.91 18.71
CA HIS F 76 -42.20 -11.73 19.52
C HIS F 76 -40.90 -11.02 19.86
N ASP F 77 -40.61 -9.93 19.16
CA ASP F 77 -39.30 -9.30 19.29
C ASP F 77 -39.29 -8.02 20.09
N PHE F 78 -38.38 -7.93 21.05
CA PHE F 78 -38.26 -6.72 21.83
C PHE F 78 -36.90 -6.09 21.47
N GLY F 79 -36.76 -5.82 20.17
CA GLY F 79 -35.60 -5.08 19.69
C GLY F 79 -34.29 -5.84 19.69
N ALA F 80 -34.31 -7.09 19.23
CA ALA F 80 -33.09 -7.86 19.14
C ALA F 80 -32.30 -7.49 17.88
N THR F 81 -30.98 -7.51 17.98
CA THR F 81 -30.12 -7.28 16.83
C THR F 81 -30.29 -8.44 15.89
N PRO F 82 -30.18 -8.17 14.58
CA PRO F 82 -30.31 -9.22 13.55
C PRO F 82 -29.40 -10.40 13.84
N GLY F 83 -28.31 -10.13 14.55
CA GLY F 83 -27.39 -11.20 14.92
C GLY F 83 -28.06 -12.16 15.87
N VAL F 84 -28.53 -11.63 17.01
CA VAL F 84 -29.28 -12.36 18.04
C VAL F 84 -30.45 -13.07 17.41
N VAL F 85 -31.18 -12.34 16.58
CA VAL F 85 -32.34 -12.88 15.89
C VAL F 85 -31.99 -14.10 15.07
N ARG F 86 -31.02 -13.95 14.15
CA ARG F 86 -30.68 -15.04 13.26
C ARG F 86 -30.31 -16.26 14.08
N LEU F 87 -29.57 -16.02 15.14
CA LEU F 87 -29.10 -17.08 15.99
C LEU F 87 -30.24 -17.86 16.62
N ARG F 88 -31.26 -17.16 17.15
CA ARG F 88 -32.39 -17.86 17.76
C ARG F 88 -33.26 -18.57 16.73
N LEU F 89 -33.40 -18.00 15.54
CA LEU F 89 -34.06 -18.72 14.47
C LEU F 89 -33.36 -20.05 14.18
N GLU F 90 -32.03 -20.10 14.25
CA GLU F 90 -31.36 -21.38 13.98
C GLU F 90 -31.50 -22.34 15.15
N GLN F 91 -31.46 -21.80 16.37
CA GLN F 91 -31.67 -22.62 17.57
C GLN F 91 -33.01 -23.30 17.42
N GLY F 92 -34.00 -22.50 17.04
CA GLY F 92 -35.36 -22.98 16.87
C GLY F 92 -35.44 -24.04 15.78
N PHE F 93 -34.83 -23.77 14.64
CA PHE F 93 -34.87 -24.69 13.51
C PHE F 93 -34.13 -25.99 13.77
N GLU F 94 -33.10 -25.91 14.60
CA GLU F 94 -32.35 -27.09 14.98
C GLU F 94 -33.18 -27.96 15.92
N GLU F 95 -33.88 -27.33 16.86
CA GLU F 95 -34.67 -28.05 17.84
C GLU F 95 -35.90 -28.74 17.20
N ILE F 96 -36.40 -28.18 16.10
CA ILE F 96 -37.57 -28.74 15.41
C ILE F 96 -37.25 -30.07 14.70
N GLY F 97 -35.97 -30.28 14.39
CA GLY F 97 -35.48 -31.51 13.79
C GLY F 97 -34.88 -32.43 14.85
N ASP G 3 17.00 -62.66 -22.00
CA ASP G 3 15.98 -63.71 -22.08
C ASP G 3 15.32 -63.96 -20.72
N VAL G 4 16.01 -64.75 -19.89
CA VAL G 4 15.61 -64.95 -18.50
C VAL G 4 15.94 -63.69 -17.72
N ALA G 5 17.05 -63.04 -18.07
CA ALA G 5 17.42 -61.80 -17.44
C ALA G 5 16.34 -60.74 -17.70
N ARG G 6 15.72 -60.79 -18.88
CA ARG G 6 14.63 -59.87 -19.19
C ARG G 6 13.43 -60.15 -18.31
N LEU G 7 13.03 -61.42 -18.25
CA LEU G 7 11.88 -61.87 -17.47
C LEU G 7 12.06 -61.53 -16.00
N LEU G 8 13.29 -61.65 -15.49
CA LEU G 8 13.59 -61.27 -14.13
C LEU G 8 13.65 -59.76 -13.96
N ALA G 9 13.58 -59.04 -15.06
CA ALA G 9 13.72 -57.58 -15.02
C ALA G 9 12.44 -56.85 -15.42
N LEU G 10 11.33 -57.57 -15.51
CA LEU G 10 10.06 -56.94 -15.79
C LEU G 10 9.83 -55.86 -14.72
N ARG G 11 9.17 -54.77 -15.13
CA ARG G 11 8.88 -53.67 -14.24
C ARG G 11 7.42 -53.27 -14.43
N SER G 12 6.55 -54.16 -13.98
CA SER G 12 5.10 -54.01 -14.10
C SER G 12 4.57 -52.72 -13.46
N PHE G 13 3.63 -52.09 -14.16
CA PHE G 13 2.95 -50.90 -13.67
C PHE G 13 1.80 -51.27 -12.72
N THR G 14 0.91 -52.14 -13.18
CA THR G 14 -0.18 -52.65 -12.35
C THR G 14 0.27 -53.27 -11.01
N GLU G 15 1.53 -53.71 -10.91
CA GLU G 15 1.99 -54.29 -9.65
C GLU G 15 2.31 -53.24 -8.61
N LEU G 16 1.96 -51.99 -8.89
CA LEU G 16 2.23 -50.91 -7.96
C LEU G 16 0.94 -50.42 -7.35
N GLY G 17 1.02 -49.91 -6.13
CA GLY G 17 -0.15 -49.29 -5.51
C GLY G 17 -0.25 -47.84 -5.95
N ALA G 18 -1.40 -47.21 -5.71
CA ALA G 18 -1.66 -45.82 -6.10
C ALA G 18 -0.50 -44.84 -5.80
N ARG G 19 -0.04 -44.79 -4.56
CA ARG G 19 1.01 -43.84 -4.22
C ARG G 19 2.34 -44.15 -4.96
N GLN G 20 2.56 -45.42 -5.29
CA GLN G 20 3.76 -45.80 -6.02
C GLN G 20 3.64 -45.33 -7.47
N ARG G 21 2.48 -45.56 -8.07
CA ARG G 21 2.21 -45.12 -9.43
C ARG G 21 2.41 -43.62 -9.57
N ALA G 22 1.81 -42.88 -8.66
CA ALA G 22 1.89 -41.43 -8.65
C ALA G 22 3.35 -41.00 -8.66
N ARG G 23 4.10 -41.42 -7.65
CA ARG G 23 5.49 -41.04 -7.50
C ARG G 23 6.31 -41.47 -8.72
N ALA G 24 5.96 -42.62 -9.29
CA ALA G 24 6.69 -43.17 -10.43
C ALA G 24 6.55 -42.37 -11.74
N LEU G 25 5.36 -41.79 -11.97
CA LEU G 25 5.05 -41.05 -13.19
C LEU G 25 5.47 -39.58 -13.13
N LEU G 26 5.11 -38.88 -12.05
CA LEU G 26 5.56 -37.51 -11.83
C LEU G 26 7.09 -37.44 -11.84
N ASP G 27 7.64 -36.42 -12.49
CA ASP G 27 9.08 -36.23 -12.60
C ASP G 27 9.80 -36.54 -11.30
N ALA G 28 10.96 -37.17 -11.42
CA ALA G 28 11.74 -37.54 -10.26
C ALA G 28 12.00 -36.35 -9.32
N GLY G 29 11.54 -36.49 -8.08
CA GLY G 29 11.81 -35.51 -7.05
C GLY G 29 10.77 -34.41 -6.90
N SER G 30 9.77 -34.42 -7.78
CA SER G 30 8.74 -33.37 -7.73
C SER G 30 7.52 -33.76 -6.88
N PHE G 31 7.31 -35.07 -6.69
CA PHE G 31 6.19 -35.61 -5.91
C PHE G 31 5.99 -34.90 -4.58
N ARG G 32 4.80 -34.37 -4.40
CA ARG G 32 4.42 -33.70 -3.15
C ARG G 32 2.95 -34.01 -2.89
N GLU G 33 2.69 -34.94 -1.97
CA GLU G 33 1.31 -35.34 -1.73
C GLU G 33 0.55 -34.27 -0.96
N LEU G 34 -0.67 -33.99 -1.42
CA LEU G 34 -1.64 -33.12 -0.75
C LEU G 34 -2.64 -34.00 0.02
N LEU G 35 -3.16 -33.50 1.14
CA LEU G 35 -4.04 -34.30 2.00
C LEU G 35 -3.52 -35.72 2.17
N ASP G 36 -2.30 -35.85 2.68
CA ASP G 36 -1.67 -37.15 2.88
C ASP G 36 -2.33 -37.88 4.04
N PRO G 37 -2.03 -39.16 4.22
CA PRO G 37 -2.68 -39.91 5.31
C PRO G 37 -2.48 -39.37 6.73
N PHE G 38 -1.51 -38.48 6.95
CA PHE G 38 -1.27 -37.97 8.29
C PHE G 38 -2.14 -36.75 8.59
N ALA G 39 -2.74 -36.23 7.53
CA ALA G 39 -3.73 -35.16 7.63
C ALA G 39 -4.95 -35.72 8.30
N GLY G 40 -5.15 -37.03 8.09
CA GLY G 40 -6.23 -37.75 8.72
C GLY G 40 -7.59 -37.28 8.23
N VAL G 41 -7.71 -37.06 6.93
CA VAL G 41 -8.98 -36.66 6.34
C VAL G 41 -9.59 -37.90 5.69
N GLN G 42 -10.32 -38.66 6.51
CA GLN G 42 -10.95 -39.90 6.06
C GLN G 42 -12.47 -39.80 5.98
N SER G 43 -13.09 -40.86 5.49
CA SER G 43 -14.54 -40.94 5.32
C SER G 43 -15.27 -40.85 6.64
N PRO G 44 -16.15 -39.87 6.76
CA PRO G 44 -16.91 -39.73 8.00
C PRO G 44 -18.11 -40.68 8.05
N TRP G 45 -18.24 -41.50 7.03
CA TRP G 45 -19.43 -42.32 6.94
C TRP G 45 -19.15 -43.80 7.13
N LEU G 46 -17.89 -44.18 7.27
CA LEU G 46 -17.59 -45.59 7.31
C LEU G 46 -17.60 -46.22 8.71
N GLU G 47 -16.96 -45.58 9.69
CA GLU G 47 -16.93 -46.14 11.06
C GLU G 47 -18.30 -46.45 11.59
N ARG G 48 -19.25 -45.54 11.37
CA ARG G 48 -20.59 -45.72 11.90
C ARG G 48 -21.28 -46.97 11.32
N GLN G 49 -20.87 -47.40 10.13
CA GLN G 49 -21.45 -48.58 9.49
C GLN G 49 -20.62 -49.81 9.84
N GLY G 50 -19.63 -49.61 10.72
CA GLY G 50 -18.73 -50.68 11.11
C GLY G 50 -17.70 -51.05 10.06
N ILE G 51 -17.36 -50.09 9.21
CA ILE G 51 -16.33 -50.27 8.19
C ILE G 51 -15.06 -49.52 8.55
N VAL G 52 -13.93 -50.19 8.56
CA VAL G 52 -12.67 -49.51 8.91
C VAL G 52 -12.21 -48.59 7.79
N PRO G 53 -11.94 -47.33 8.12
CA PRO G 53 -11.57 -46.34 7.12
C PRO G 53 -10.07 -46.29 6.84
N GLN G 54 -9.71 -45.83 5.65
CA GLN G 54 -8.30 -45.64 5.29
C GLN G 54 -8.01 -44.15 5.39
N ALA G 55 -6.84 -43.81 5.89
CA ALA G 55 -6.48 -42.43 6.24
C ALA G 55 -6.60 -41.39 5.10
N ASP G 56 -6.43 -41.84 3.87
CA ASP G 56 -6.48 -40.93 2.73
C ASP G 56 -7.69 -41.21 1.85
N ASP G 57 -8.64 -41.93 2.42
CA ASP G 57 -9.90 -42.37 1.82
C ASP G 57 -9.80 -43.08 0.45
N GLY G 58 -8.62 -43.58 0.11
CA GLY G 58 -8.47 -44.37 -1.09
C GLY G 58 -8.04 -43.56 -2.29
N VAL G 59 -7.55 -42.34 -2.07
CA VAL G 59 -7.10 -41.51 -3.18
C VAL G 59 -5.80 -40.82 -2.82
N VAL G 60 -4.85 -40.90 -3.74
CA VAL G 60 -3.59 -40.19 -3.61
C VAL G 60 -3.60 -38.99 -4.52
N VAL G 61 -3.58 -37.79 -3.92
CA VAL G 61 -3.48 -36.56 -4.70
C VAL G 61 -2.15 -35.85 -4.44
N ALA G 62 -1.37 -35.71 -5.49
CA ALA G 62 -0.07 -35.12 -5.31
C ALA G 62 0.28 -34.19 -6.46
N ARG G 63 0.91 -33.09 -6.10
CA ARG G 63 1.40 -32.12 -7.06
C ARG G 63 2.71 -32.60 -7.64
N GLY G 64 3.27 -31.81 -8.55
CA GLY G 64 4.55 -32.14 -9.13
C GLY G 64 4.66 -31.76 -10.59
N LEU G 65 5.64 -32.35 -11.26
CA LEU G 65 5.96 -31.97 -12.63
C LEU G 65 5.77 -33.12 -13.62
N LEU G 66 5.46 -32.76 -14.85
CA LEU G 66 5.37 -33.71 -15.94
C LEU G 66 6.05 -33.04 -17.14
N ASP G 67 7.35 -33.33 -17.29
CA ASP G 67 8.28 -32.64 -18.20
C ASP G 67 8.53 -31.22 -17.70
N GLY G 68 8.69 -31.08 -16.39
CA GLY G 68 8.95 -29.77 -15.81
C GLY G 68 7.76 -28.83 -15.97
N GLN G 69 6.62 -29.37 -16.43
CA GLN G 69 5.40 -28.60 -16.51
C GLN G 69 4.59 -28.85 -15.22
N PRO G 70 4.03 -27.80 -14.61
CA PRO G 70 3.30 -28.01 -13.36
C PRO G 70 2.13 -28.98 -13.58
N ALA G 71 1.91 -29.87 -12.61
CA ALA G 71 0.92 -30.92 -12.76
C ALA G 71 0.26 -31.26 -11.43
N VAL G 72 -0.86 -31.96 -11.55
CA VAL G 72 -1.55 -32.56 -10.42
C VAL G 72 -1.91 -33.98 -10.82
N LEU G 73 -1.72 -34.91 -9.89
CA LEU G 73 -2.03 -36.29 -10.17
C LEU G 73 -2.90 -36.83 -9.03
N ALA G 74 -4.03 -37.44 -9.41
CA ALA G 74 -4.87 -38.12 -8.45
C ALA G 74 -4.92 -39.59 -8.84
N ALA G 75 -4.38 -40.44 -7.97
CA ALA G 75 -4.42 -41.87 -8.23
C ALA G 75 -5.34 -42.53 -7.22
N ILE G 76 -6.28 -43.32 -7.72
CA ILE G 76 -7.20 -44.03 -6.85
C ILE G 76 -6.51 -45.33 -6.42
N GLU G 77 -6.71 -45.75 -5.18
CA GLU G 77 -6.17 -47.02 -4.68
C GLU G 77 -7.21 -48.12 -4.80
N GLY G 78 -6.96 -49.09 -5.66
CA GLY G 78 -7.93 -50.14 -5.91
C GLY G 78 -8.22 -51.06 -4.73
N ALA G 79 -7.21 -51.31 -3.89
CA ALA G 79 -7.37 -52.23 -2.76
C ALA G 79 -8.48 -51.80 -1.79
N PHE G 80 -8.55 -50.49 -1.51
CA PHE G 80 -9.53 -49.94 -0.58
C PHE G 80 -10.90 -49.75 -1.21
N GLN G 81 -11.84 -50.58 -0.75
CA GLN G 81 -13.22 -50.55 -1.19
C GLN G 81 -13.34 -50.57 -2.70
N GLY G 82 -12.50 -51.38 -3.35
CA GLY G 82 -12.54 -51.49 -4.81
C GLY G 82 -12.21 -50.22 -5.59
N GLY G 83 -11.72 -49.20 -4.90
CA GLY G 83 -11.43 -47.95 -5.57
C GLY G 83 -12.67 -47.10 -5.63
N SER G 84 -13.70 -47.47 -4.88
CA SER G 84 -14.94 -46.71 -4.83
C SER G 84 -14.74 -45.32 -4.31
N LEU G 85 -15.35 -44.35 -4.97
CA LEU G 85 -15.23 -42.98 -4.53
C LEU G 85 -16.33 -42.67 -3.54
N GLY G 86 -15.92 -42.04 -2.44
CA GLY G 86 -16.86 -41.66 -1.40
C GLY G 86 -16.87 -40.15 -1.30
N GLU G 87 -17.45 -39.58 -0.25
CA GLU G 87 -17.55 -38.12 -0.16
C GLU G 87 -16.18 -37.42 -0.20
N VAL G 88 -15.28 -37.87 0.67
CA VAL G 88 -13.93 -37.31 0.79
C VAL G 88 -13.02 -37.77 -0.34
N SER G 89 -13.14 -39.04 -0.65
CA SER G 89 -12.41 -39.66 -1.74
C SER G 89 -12.66 -38.87 -3.00
N GLY G 90 -13.94 -38.67 -3.31
CA GLY G 90 -14.37 -37.97 -4.49
C GLY G 90 -13.96 -36.51 -4.51
N ALA G 91 -14.10 -35.81 -3.38
CA ALA G 91 -13.81 -34.39 -3.34
C ALA G 91 -12.32 -34.10 -3.48
N LYS G 92 -11.47 -35.06 -3.11
CA LYS G 92 -10.03 -34.88 -3.30
C LYS G 92 -9.77 -34.75 -4.80
N ILE G 93 -10.40 -35.59 -5.61
CA ILE G 93 -10.21 -35.58 -7.05
C ILE G 93 -10.86 -34.38 -7.69
N ALA G 94 -12.13 -34.15 -7.40
CA ALA G 94 -12.87 -33.03 -7.95
C ALA G 94 -12.14 -31.75 -7.63
N GLY G 95 -11.92 -31.53 -6.32
CA GLY G 95 -11.29 -30.32 -5.84
C GLY G 95 -9.94 -29.99 -6.48
N ALA G 96 -9.22 -31.03 -6.89
CA ALA G 96 -7.90 -30.87 -7.51
C ALA G 96 -8.05 -30.48 -8.98
N LEU G 97 -8.99 -31.10 -9.68
CA LEU G 97 -9.28 -30.68 -11.04
C LEU G 97 -9.84 -29.25 -11.07
N GLU G 98 -10.58 -28.90 -10.02
CA GLU G 98 -11.16 -27.56 -9.92
C GLU G 98 -10.04 -26.53 -9.71
N LEU G 99 -9.02 -26.90 -8.94
CA LEU G 99 -7.87 -26.01 -8.72
C LEU G 99 -6.90 -26.01 -9.90
N ALA G 100 -6.87 -27.08 -10.68
CA ALA G 100 -6.00 -27.14 -11.84
C ALA G 100 -6.47 -26.11 -12.84
N ALA G 101 -7.78 -26.05 -13.06
CA ALA G 101 -8.40 -25.07 -13.95
C ALA G 101 -8.16 -23.62 -13.50
N GLU G 102 -8.36 -23.32 -12.22
CA GLU G 102 -8.08 -21.97 -11.75
C GLU G 102 -6.61 -21.64 -11.80
N ASP G 103 -5.77 -22.62 -12.11
CA ASP G 103 -4.34 -22.31 -12.25
C ASP G 103 -4.14 -21.85 -13.68
N ASN G 104 -4.91 -22.42 -14.59
CA ASN G 104 -4.85 -22.03 -15.99
C ASN G 104 -5.41 -20.61 -16.27
N ARG G 105 -6.38 -20.17 -15.50
CA ARG G 105 -6.97 -18.84 -15.66
C ARG G 105 -6.08 -17.75 -15.10
N ASN G 106 -5.09 -18.19 -14.34
CA ASN G 106 -4.09 -17.35 -13.69
C ASN G 106 -2.70 -17.55 -14.24
N GLY G 107 -2.60 -17.98 -15.49
CA GLY G 107 -1.35 -18.04 -16.22
C GLY G 107 -0.60 -19.37 -16.18
N VAL G 108 -0.72 -20.09 -15.05
CA VAL G 108 -0.04 -21.37 -14.83
C VAL G 108 -0.67 -22.57 -15.57
N PRO G 109 0.05 -23.16 -16.55
CA PRO G 109 -0.50 -24.21 -17.44
C PRO G 109 -0.55 -25.64 -16.83
N THR G 110 -1.32 -25.80 -15.75
CA THR G 110 -1.41 -27.06 -14.97
C THR G 110 -2.07 -28.23 -15.72
N ARG G 111 -1.44 -29.40 -15.67
CA ARG G 111 -1.98 -30.62 -16.27
C ARG G 111 -2.61 -31.52 -15.23
N ALA G 112 -3.65 -32.24 -15.60
CA ALA G 112 -4.30 -33.16 -14.66
C ALA G 112 -4.21 -34.61 -15.09
N LEU G 113 -3.49 -35.41 -14.32
CA LEU G 113 -3.33 -36.83 -14.64
C LEU G 113 -4.16 -37.73 -13.71
N LEU G 114 -5.11 -38.45 -14.29
CA LEU G 114 -5.94 -39.36 -13.49
C LEU G 114 -5.56 -40.85 -13.70
N LEU G 115 -5.22 -41.54 -12.61
CA LEU G 115 -5.02 -42.98 -12.64
C LEU G 115 -6.31 -43.61 -12.12
N LEU G 116 -7.13 -44.15 -13.00
CA LEU G 116 -8.41 -44.69 -12.59
C LEU G 116 -8.36 -46.20 -12.29
N GLU G 117 -8.61 -46.49 -11.02
CA GLU G 117 -8.71 -47.85 -10.56
C GLU G 117 -9.92 -47.82 -9.63
N THR G 118 -11.12 -47.89 -10.21
CA THR G 118 -12.31 -47.61 -9.44
C THR G 118 -13.54 -48.48 -9.80
N GLY G 119 -14.44 -48.63 -8.83
CA GLY G 119 -15.67 -49.39 -9.06
C GLY G 119 -16.84 -48.43 -9.13
N GLY G 120 -16.53 -47.14 -9.28
CA GLY G 120 -17.54 -46.11 -9.42
C GLY G 120 -17.88 -45.53 -8.07
N VAL G 121 -19.15 -45.18 -7.89
CA VAL G 121 -19.61 -44.69 -6.60
C VAL G 121 -19.50 -45.73 -5.47
N ARG G 122 -18.97 -45.30 -4.33
CA ARG G 122 -18.97 -46.12 -3.13
C ARG G 122 -20.38 -46.26 -2.56
N LEU G 123 -20.98 -47.42 -2.74
CA LEU G 123 -22.37 -47.65 -2.34
C LEU G 123 -22.68 -47.37 -0.83
N GLN G 124 -21.64 -47.28 -0.01
CA GLN G 124 -21.78 -47.05 1.43
C GLN G 124 -21.83 -45.57 1.71
N GLU G 125 -21.68 -44.80 0.66
CA GLU G 125 -21.69 -43.35 0.71
C GLU G 125 -22.44 -42.87 -0.50
N ALA G 126 -23.22 -43.81 -1.06
CA ALA G 126 -23.94 -43.68 -2.34
C ALA G 126 -24.15 -42.27 -2.91
N ASN G 127 -25.07 -41.52 -2.34
CA ASN G 127 -25.45 -40.25 -2.96
C ASN G 127 -24.41 -39.15 -2.88
N LEU G 128 -23.54 -39.27 -1.90
CA LEU G 128 -22.51 -38.27 -1.69
C LEU G 128 -21.32 -38.47 -2.60
N GLY G 129 -21.10 -39.73 -2.99
CA GLY G 129 -20.03 -40.03 -3.92
C GLY G 129 -20.49 -39.79 -5.36
N LEU G 130 -21.76 -40.07 -5.61
CA LEU G 130 -22.36 -39.81 -6.90
C LEU G 130 -22.44 -38.31 -7.15
N ALA G 131 -22.66 -37.53 -6.09
CA ALA G 131 -22.72 -36.09 -6.28
C ALA G 131 -21.32 -35.63 -6.62
N ALA G 132 -20.34 -36.27 -5.98
CA ALA G 132 -18.93 -35.93 -6.14
C ALA G 132 -18.47 -36.21 -7.56
N ILE G 133 -18.87 -37.35 -8.09
CA ILE G 133 -18.45 -37.71 -9.43
C ILE G 133 -18.95 -36.64 -10.42
N ALA G 134 -20.15 -36.12 -10.19
CA ALA G 134 -20.69 -35.07 -11.05
C ALA G 134 -19.82 -33.84 -10.98
N GLU G 135 -19.15 -33.63 -9.86
CA GLU G 135 -18.35 -32.43 -9.73
C GLU G 135 -16.99 -32.69 -10.32
N ILE G 136 -16.60 -33.96 -10.30
CA ILE G 136 -15.36 -34.44 -10.90
C ILE G 136 -15.52 -34.29 -12.40
N GLN G 137 -16.65 -34.79 -12.87
CA GLN G 137 -17.06 -34.68 -14.26
C GLN G 137 -17.07 -33.24 -14.72
N ALA G 138 -17.76 -32.38 -14.00
CA ALA G 138 -17.81 -30.96 -14.34
C ALA G 138 -16.44 -30.29 -14.42
N ALA G 139 -15.54 -30.63 -13.48
CA ALA G 139 -14.26 -29.96 -13.42
C ALA G 139 -13.32 -30.45 -14.51
N ILE G 140 -13.60 -31.65 -15.02
CA ILE G 140 -12.85 -32.21 -16.15
C ILE G 140 -13.12 -31.39 -17.43
N VAL G 141 -14.39 -31.10 -17.69
CA VAL G 141 -14.77 -30.24 -18.82
C VAL G 141 -14.17 -28.82 -18.67
N ASP G 142 -14.48 -28.18 -17.54
CA ASP G 142 -13.97 -26.84 -17.24
C ASP G 142 -12.45 -26.78 -17.47
N LEU G 143 -11.73 -27.82 -17.04
CA LEU G 143 -10.29 -27.85 -17.24
C LEU G 143 -9.86 -28.06 -18.68
N GLN G 144 -10.57 -28.91 -19.42
CA GLN G 144 -10.20 -29.24 -20.81
C GLN G 144 -10.59 -28.12 -21.78
N ARG G 145 -10.58 -26.90 -21.27
CA ARG G 145 -10.70 -25.70 -22.07
C ARG G 145 -9.31 -25.07 -22.08
N TYR G 146 -8.37 -25.71 -21.39
CA TYR G 146 -7.04 -25.16 -21.27
C TYR G 146 -5.98 -26.24 -21.50
N GLN G 147 -6.22 -27.42 -20.92
CA GLN G 147 -5.25 -28.51 -20.94
C GLN G 147 -5.99 -29.84 -21.04
N PRO G 148 -5.35 -30.86 -21.63
CA PRO G 148 -6.04 -32.14 -21.75
C PRO G 148 -5.94 -32.92 -20.44
N VAL G 149 -6.93 -33.77 -20.19
CA VAL G 149 -6.84 -34.63 -19.04
C VAL G 149 -6.46 -35.99 -19.58
N VAL G 150 -5.37 -36.52 -19.07
CA VAL G 150 -4.98 -37.88 -19.41
C VAL G 150 -5.46 -38.84 -18.31
N ALA G 151 -6.30 -39.79 -18.72
CA ALA G 151 -6.81 -40.85 -17.86
C ALA G 151 -6.10 -42.16 -18.14
N VAL G 152 -5.45 -42.75 -17.14
CA VAL G 152 -4.78 -44.03 -17.33
C VAL G 152 -5.51 -45.15 -16.61
N ILE G 153 -6.00 -46.12 -17.37
CA ILE G 153 -6.64 -47.25 -16.74
C ILE G 153 -5.76 -48.48 -16.92
N ALA G 154 -5.11 -48.94 -15.86
CA ALA G 154 -4.17 -50.04 -16.01
C ALA G 154 -4.72 -51.36 -15.45
N GLY G 155 -5.74 -51.29 -14.61
CA GLY G 155 -6.22 -52.45 -13.90
C GLY G 155 -5.44 -52.66 -12.61
N PRO G 156 -5.73 -53.76 -11.87
CA PRO G 156 -6.65 -54.88 -12.15
C PRO G 156 -8.14 -54.54 -12.15
N VAL G 157 -8.61 -53.89 -11.09
CA VAL G 157 -10.02 -53.52 -10.93
C VAL G 157 -10.61 -52.89 -12.19
N GLY G 158 -9.89 -51.95 -12.79
CA GLY G 158 -10.37 -51.26 -13.95
C GLY G 158 -11.07 -49.95 -13.66
N CYS G 159 -12.09 -49.64 -14.46
CA CYS G 159 -12.79 -48.38 -14.31
C CYS G 159 -14.25 -48.50 -14.66
N PHE G 160 -15.10 -48.42 -13.64
CA PHE G 160 -16.52 -48.65 -13.86
C PHE G 160 -17.36 -47.54 -13.30
N GLY G 161 -18.67 -47.64 -13.56
CA GLY G 161 -19.64 -46.74 -12.96
C GLY G 161 -19.46 -45.32 -13.41
N GLY G 162 -19.76 -44.38 -12.50
CA GLY G 162 -19.66 -42.96 -12.80
C GLY G 162 -18.30 -42.50 -13.28
N MET G 163 -17.24 -43.17 -12.85
CA MET G 163 -15.90 -42.73 -13.25
C MET G 163 -15.53 -43.18 -14.67
N SER G 164 -16.29 -44.13 -15.20
CA SER G 164 -16.08 -44.55 -16.55
C SER G 164 -16.64 -43.47 -17.46
N ILE G 165 -17.60 -42.73 -16.93
CA ILE G 165 -18.17 -41.63 -17.68
C ILE G 165 -17.17 -40.47 -17.63
N ALA G 166 -16.44 -40.34 -16.53
CA ALA G 166 -15.40 -39.30 -16.50
C ALA G 166 -14.23 -39.76 -17.37
N ALA G 167 -14.08 -41.08 -17.56
CA ALA G 167 -13.04 -41.56 -18.44
C ALA G 167 -13.41 -41.13 -19.85
N GLY G 168 -14.68 -41.34 -20.22
CA GLY G 168 -15.20 -40.91 -21.51
C GLY G 168 -14.90 -39.44 -21.81
N LEU G 169 -15.23 -38.57 -20.85
CA LEU G 169 -14.98 -37.14 -20.95
C LEU G 169 -13.52 -36.72 -21.21
N CYS G 170 -12.56 -37.54 -20.80
CA CYS G 170 -11.16 -37.13 -20.91
C CYS G 170 -10.67 -37.07 -22.35
N SER G 171 -9.75 -36.14 -22.59
CA SER G 171 -9.15 -35.93 -23.90
C SER G 171 -8.52 -37.21 -24.39
N TYR G 172 -7.64 -37.79 -23.57
CA TYR G 172 -6.96 -39.03 -23.95
C TYR G 172 -7.14 -40.09 -22.90
N VAL G 173 -7.40 -41.32 -23.35
CA VAL G 173 -7.63 -42.46 -22.48
C VAL G 173 -6.66 -43.63 -22.81
N LEU G 174 -5.56 -43.70 -22.07
CA LEU G 174 -4.56 -44.74 -22.21
C LEU G 174 -4.91 -45.96 -21.37
N VAL G 175 -4.89 -47.14 -22.00
CA VAL G 175 -5.27 -48.38 -21.31
C VAL G 175 -4.25 -49.51 -21.44
N THR G 176 -4.23 -50.41 -20.45
CA THR G 176 -3.43 -51.62 -20.56
C THR G 176 -4.36 -52.73 -20.97
N ARG G 177 -3.82 -53.93 -21.15
CA ARG G 177 -4.65 -55.00 -21.68
C ARG G 177 -5.58 -55.54 -20.58
N GLU G 178 -5.04 -55.58 -19.36
CA GLU G 178 -5.75 -56.09 -18.18
C GLU G 178 -6.88 -55.19 -17.74
N ALA G 179 -6.80 -53.91 -18.07
CA ALA G 179 -7.82 -52.97 -17.63
C ALA G 179 -9.14 -53.19 -18.37
N ARG G 180 -10.25 -52.94 -17.66
CA ARG G 180 -11.57 -52.97 -18.27
C ARG G 180 -12.11 -51.57 -18.19
N LEU G 181 -13.08 -51.25 -19.04
CA LEU G 181 -13.73 -49.93 -19.01
C LEU G 181 -15.19 -50.05 -19.43
N GLY G 182 -16.06 -50.11 -18.44
CA GLY G 182 -17.48 -50.23 -18.70
C GLY G 182 -18.28 -49.30 -17.83
N LEU G 183 -19.58 -49.21 -18.07
CA LEU G 183 -20.42 -48.38 -17.22
C LEU G 183 -20.74 -49.23 -16.01
N ASN G 184 -21.43 -50.34 -16.26
CA ASN G 184 -21.84 -51.29 -15.21
C ASN G 184 -20.96 -52.54 -15.10
N GLY G 185 -20.60 -52.87 -13.87
CA GLY G 185 -19.79 -54.04 -13.62
C GLY G 185 -20.55 -55.29 -14.00
N PRO G 186 -19.82 -56.36 -14.37
CA PRO G 186 -20.40 -57.62 -14.86
C PRO G 186 -21.48 -58.18 -13.94
N GLN G 187 -21.25 -58.18 -12.63
CA GLN G 187 -22.28 -58.69 -11.72
C GLN G 187 -23.58 -57.87 -11.78
N VAL G 188 -23.47 -56.53 -11.71
CA VAL G 188 -24.65 -55.66 -11.73
C VAL G 188 -25.56 -55.91 -12.95
N ILE G 189 -24.94 -56.16 -14.10
CA ILE G 189 -25.70 -56.44 -15.31
C ILE G 189 -26.33 -57.80 -15.23
N GLU G 190 -25.56 -58.82 -14.81
CA GLU G 190 -26.12 -60.16 -14.64
C GLU G 190 -27.35 -60.07 -13.76
N GLN G 191 -27.21 -59.30 -12.68
CA GLN G 191 -28.26 -59.13 -11.67
C GLN G 191 -29.52 -58.52 -12.27
N GLU G 192 -29.38 -57.37 -12.94
CA GLU G 192 -30.54 -56.67 -13.48
C GLU G 192 -31.11 -57.32 -14.77
N ALA G 193 -30.23 -57.82 -15.64
CA ALA G 193 -30.64 -58.27 -16.97
C ALA G 193 -30.69 -59.78 -17.17
N GLY G 194 -30.14 -60.55 -16.24
CA GLY G 194 -30.14 -62.00 -16.37
C GLY G 194 -28.82 -62.64 -16.80
N ILE G 195 -28.55 -63.82 -16.26
CA ILE G 195 -27.31 -64.54 -16.54
C ILE G 195 -27.08 -64.81 -18.04
N ALA G 196 -28.16 -64.81 -18.81
CA ALA G 196 -28.08 -64.99 -20.26
C ALA G 196 -27.57 -63.73 -20.96
N GLU G 197 -28.07 -62.57 -20.56
CA GLU G 197 -27.69 -61.31 -21.18
C GLU G 197 -26.23 -60.94 -20.85
N TYR G 198 -25.69 -61.46 -19.75
CA TYR G 198 -24.31 -61.15 -19.35
C TYR G 198 -23.85 -62.11 -18.26
N ASP G 199 -22.66 -62.70 -18.39
CA ASP G 199 -22.20 -63.70 -17.42
C ASP G 199 -21.03 -63.18 -16.58
N SER G 200 -21.29 -62.90 -15.31
CA SER G 200 -20.29 -62.29 -14.43
C SER G 200 -19.08 -63.19 -14.11
N ARG G 201 -19.19 -64.49 -14.43
CA ARG G 201 -18.12 -65.46 -14.18
C ARG G 201 -17.28 -65.81 -15.43
N ASP G 202 -17.75 -65.36 -16.59
CA ASP G 202 -17.09 -65.62 -17.87
C ASP G 202 -16.02 -64.54 -18.13
N ARG G 203 -14.88 -64.61 -17.44
CA ARG G 203 -13.86 -63.55 -17.53
C ARG G 203 -13.38 -63.20 -18.94
N PRO G 204 -13.09 -64.22 -19.78
CA PRO G 204 -12.69 -63.89 -21.15
C PRO G 204 -13.73 -63.12 -21.96
N PHE G 205 -15.00 -63.40 -21.69
CA PHE G 205 -16.10 -62.70 -22.33
C PHE G 205 -16.14 -61.24 -21.87
N ILE G 206 -15.95 -61.04 -20.57
CA ILE G 206 -15.98 -59.73 -19.93
C ILE G 206 -14.87 -58.84 -20.46
N TRP G 207 -13.69 -59.41 -20.72
CA TRP G 207 -12.60 -58.63 -21.29
C TRP G 207 -12.77 -58.46 -22.79
N SER G 208 -13.46 -59.41 -23.42
CA SER G 208 -13.59 -59.35 -24.87
C SER G 208 -14.40 -58.15 -25.28
N LEU G 209 -15.33 -57.73 -24.41
CA LEU G 209 -16.20 -56.60 -24.75
C LEU G 209 -15.74 -55.28 -24.12
N THR G 210 -15.20 -55.36 -22.91
CA THR G 210 -14.87 -54.14 -22.19
C THR G 210 -13.37 -54.04 -21.89
N GLY G 211 -12.60 -54.99 -22.39
CA GLY G 211 -11.16 -55.00 -22.13
C GLY G 211 -10.43 -53.82 -22.71
N GLY G 212 -9.21 -53.59 -22.25
CA GLY G 212 -8.43 -52.48 -22.77
C GLY G 212 -8.14 -52.64 -24.25
N GLU G 213 -8.01 -53.88 -24.71
CA GLU G 213 -7.70 -54.11 -26.11
C GLU G 213 -8.88 -53.76 -26.99
N GLN G 214 -10.03 -54.38 -26.70
CA GLN G 214 -11.26 -54.16 -27.47
C GLN G 214 -11.59 -52.68 -27.51
N ARG G 215 -11.58 -52.03 -26.35
CA ARG G 215 -11.88 -50.60 -26.29
C ARG G 215 -10.89 -49.81 -27.11
N PHE G 216 -9.65 -50.28 -27.24
CA PHE G 216 -8.69 -49.57 -28.10
C PHE G 216 -8.93 -49.84 -29.58
N ALA G 217 -9.33 -51.06 -29.90
CA ALA G 217 -9.60 -51.44 -31.28
C ALA G 217 -10.96 -50.93 -31.76
N SER G 218 -11.68 -50.24 -30.87
CA SER G 218 -13.00 -49.73 -31.24
C SER G 218 -13.04 -48.22 -31.13
N GLY G 219 -11.87 -47.62 -30.89
CA GLY G 219 -11.73 -46.18 -30.91
C GLY G 219 -12.17 -45.49 -29.62
N LEU G 220 -12.74 -46.27 -28.70
CA LEU G 220 -13.17 -45.76 -27.41
C LEU G 220 -11.98 -45.61 -26.46
N ALA G 221 -10.78 -45.86 -26.96
CA ALA G 221 -9.56 -45.71 -26.20
C ALA G 221 -8.45 -45.17 -27.11
N ASP G 222 -7.51 -44.39 -26.55
CA ASP G 222 -6.54 -43.70 -27.40
C ASP G 222 -5.14 -44.32 -27.46
N ALA G 223 -4.81 -45.16 -26.50
CA ALA G 223 -3.48 -45.76 -26.48
C ALA G 223 -3.62 -47.17 -25.91
N TYR G 224 -2.90 -48.13 -26.46
CA TYR G 224 -2.95 -49.49 -25.95
C TYR G 224 -1.62 -49.91 -25.36
N LEU G 225 -1.24 -49.28 -24.24
CA LEU G 225 0.03 -49.53 -23.53
C LEU G 225 0.34 -50.90 -22.92
N ALA G 226 1.60 -51.29 -23.05
CA ALA G 226 2.10 -52.43 -22.32
C ALA G 226 2.15 -52.09 -20.83
N ASP G 227 2.22 -53.12 -19.99
CA ASP G 227 2.22 -52.94 -18.55
C ASP G 227 3.63 -52.78 -18.05
N ASP G 228 4.24 -51.68 -18.45
CA ASP G 228 5.59 -51.36 -17.99
C ASP G 228 5.60 -49.93 -17.44
N LEU G 229 6.24 -49.75 -16.28
CA LEU G 229 6.37 -48.43 -15.65
C LEU G 229 6.81 -47.38 -16.67
N ASP G 230 8.00 -47.59 -17.22
CA ASP G 230 8.63 -46.69 -18.18
C ASP G 230 7.78 -46.40 -19.40
N GLU G 231 7.19 -47.43 -20.00
CA GLU G 231 6.38 -47.26 -21.20
C GLU G 231 5.12 -46.42 -20.94
N VAL G 232 4.57 -46.52 -19.73
CA VAL G 232 3.40 -45.74 -19.34
C VAL G 232 3.79 -44.27 -19.16
N ARG G 233 4.86 -44.00 -18.41
CA ARG G 233 5.29 -42.61 -18.22
C ARG G 233 5.54 -41.94 -19.56
N THR G 234 6.23 -42.67 -20.43
CA THR G 234 6.51 -42.26 -21.81
C THR G 234 5.24 -41.83 -22.57
N SER G 235 4.21 -42.67 -22.55
CA SER G 235 3.01 -42.34 -23.27
C SER G 235 2.23 -41.19 -22.64
N VAL G 236 2.20 -41.17 -21.32
CA VAL G 236 1.51 -40.09 -20.62
C VAL G 236 2.12 -38.77 -21.01
N LEU G 237 3.42 -38.59 -20.74
CA LEU G 237 4.17 -37.36 -21.10
C LEU G 237 3.97 -36.92 -22.56
N ALA G 238 3.83 -37.92 -23.43
CA ALA G 238 3.65 -37.66 -24.85
C ALA G 238 2.27 -37.06 -25.14
N TYR G 239 1.24 -37.56 -24.48
CA TYR G 239 -0.10 -37.10 -24.78
C TYR G 239 -0.35 -35.71 -24.19
N PHE G 240 0.23 -35.46 -23.01
CA PHE G 240 0.17 -34.12 -22.43
C PHE G 240 0.87 -33.14 -23.37
N ALA G 241 1.88 -33.66 -24.09
CA ALA G 241 2.65 -32.86 -25.03
C ALA G 241 1.87 -32.56 -26.30
N LYS G 242 0.84 -33.36 -26.61
CA LYS G 242 0.05 -33.10 -27.80
C LYS G 242 -1.02 -32.01 -27.59
N GLY G 243 -1.29 -31.63 -26.34
CA GLY G 243 -2.26 -30.59 -26.09
C GLY G 243 -3.67 -31.13 -26.30
N LEU G 244 -4.65 -30.23 -26.42
CA LEU G 244 -6.05 -30.66 -26.56
C LEU G 244 -6.39 -31.27 -27.91
N PRO G 245 -7.07 -32.42 -27.91
CA PRO G 245 -7.36 -33.07 -29.20
C PRO G 245 -8.37 -32.30 -30.05
N ALA G 246 -8.07 -32.22 -31.34
CA ALA G 246 -8.86 -31.53 -32.34
C ALA G 246 -10.37 -31.73 -32.17
N ARG G 247 -10.83 -32.96 -32.35
CA ARG G 247 -12.24 -33.27 -32.12
C ARG G 247 -12.40 -34.59 -31.37
N PRO G 248 -12.61 -34.48 -30.05
CA PRO G 248 -12.69 -35.58 -29.07
C PRO G 248 -13.94 -36.42 -29.18
N ARG G 249 -13.89 -37.65 -28.67
CA ARG G 249 -15.05 -38.56 -28.74
C ARG G 249 -16.38 -37.97 -28.24
N CYS G 250 -16.32 -37.06 -27.27
CA CYS G 250 -17.52 -36.49 -26.67
C CYS G 250 -18.34 -35.64 -27.62
N ARG G 251 -17.65 -34.97 -28.53
CA ARG G 251 -18.35 -34.04 -29.39
C ARG G 251 -18.59 -34.68 -30.74
N ARG G 252 -18.70 -36.00 -30.74
CA ARG G 252 -18.96 -36.74 -31.96
C ARG G 252 -20.34 -37.33 -31.94
N ALA G 253 -21.22 -36.71 -31.16
CA ALA G 253 -22.58 -37.21 -30.95
C ALA G 253 -23.30 -37.63 -32.24
N GLU G 254 -23.05 -36.94 -33.35
CA GLU G 254 -23.79 -37.22 -34.58
C GLU G 254 -23.22 -38.46 -35.31
N ASP G 255 -21.90 -38.64 -35.28
CA ASP G 255 -21.25 -39.84 -35.81
C ASP G 255 -21.69 -41.12 -35.09
N TYR G 256 -21.65 -41.11 -33.76
CA TYR G 256 -22.01 -42.31 -33.00
C TYR G 256 -23.48 -42.59 -33.14
N LEU G 257 -24.29 -41.54 -33.17
CA LEU G 257 -25.72 -41.73 -33.36
C LEU G 257 -26.06 -42.37 -34.71
N ARG G 258 -25.36 -41.98 -35.77
CA ARG G 258 -25.58 -42.56 -37.11
C ARG G 258 -25.10 -44.02 -37.12
N ARG G 259 -23.89 -44.28 -36.64
CA ARG G 259 -23.37 -45.65 -36.61
C ARG G 259 -24.28 -46.58 -35.81
N LEU G 260 -24.80 -46.12 -34.69
CA LEU G 260 -25.73 -46.94 -33.94
C LEU G 260 -26.99 -47.16 -34.79
N GLY G 261 -27.40 -46.11 -35.50
CA GLY G 261 -28.59 -46.16 -36.34
C GLY G 261 -28.69 -47.18 -37.45
N ASP G 262 -27.61 -47.41 -38.19
CA ASP G 262 -27.65 -48.46 -39.19
C ASP G 262 -27.53 -49.86 -38.50
N LEU G 263 -26.70 -49.99 -37.45
CA LEU G 263 -26.54 -51.25 -36.73
C LEU G 263 -27.85 -51.97 -36.43
N ASP G 264 -27.86 -53.28 -36.69
CA ASP G 264 -29.00 -54.13 -36.43
C ASP G 264 -28.96 -54.69 -35.01
N THR G 265 -29.62 -53.99 -34.09
CA THR G 265 -29.69 -54.36 -32.67
C THR G 265 -30.51 -55.60 -32.35
N ALA G 266 -31.19 -56.15 -33.34
CA ALA G 266 -32.09 -57.27 -33.11
C ALA G 266 -31.35 -58.47 -32.53
N GLU G 267 -30.04 -58.54 -32.74
CA GLU G 267 -29.25 -59.62 -32.15
C GLU G 267 -27.92 -59.16 -31.53
N GLN G 268 -27.46 -60.00 -30.60
CA GLN G 268 -26.34 -59.67 -29.72
C GLN G 268 -25.00 -59.47 -30.43
N PRO G 269 -24.53 -58.21 -30.48
CA PRO G 269 -23.22 -57.94 -31.07
C PRO G 269 -22.08 -58.66 -30.31
N ASP G 270 -20.98 -58.89 -31.00
CA ASP G 270 -19.82 -59.54 -30.40
C ASP G 270 -18.65 -58.58 -30.51
N ALA G 271 -17.56 -58.91 -29.83
CA ALA G 271 -16.35 -58.09 -29.84
C ALA G 271 -16.00 -57.53 -31.24
N ALA G 272 -15.91 -58.43 -32.22
CA ALA G 272 -15.53 -58.06 -33.58
C ALA G 272 -16.55 -57.13 -34.26
N GLY G 273 -17.84 -57.46 -34.11
CA GLY G 273 -18.92 -56.62 -34.62
C GLY G 273 -18.81 -55.15 -34.22
N VAL G 274 -18.30 -54.91 -33.02
CA VAL G 274 -18.16 -53.54 -32.55
C VAL G 274 -16.96 -52.85 -33.20
N ARG G 275 -15.91 -53.61 -33.53
CA ARG G 275 -14.75 -53.01 -34.20
C ARG G 275 -15.12 -52.63 -35.61
N ARG G 276 -16.05 -53.38 -36.18
CA ARG G 276 -16.58 -53.16 -37.52
C ARG G 276 -17.41 -51.88 -37.61
N LEU G 277 -18.29 -51.72 -36.62
CA LEU G 277 -19.22 -50.60 -36.60
C LEU G 277 -18.52 -49.25 -36.43
N TYR G 278 -17.23 -49.25 -36.08
CA TYR G 278 -16.49 -47.99 -35.87
C TYR G 278 -15.28 -47.90 -36.86
N ALA H 22 -47.19 -42.46 -19.60
CA ALA H 22 -46.19 -43.54 -19.68
C ALA H 22 -45.10 -43.42 -18.60
N SER H 23 -44.84 -42.19 -18.15
CA SER H 23 -43.90 -41.89 -17.06
C SER H 23 -44.09 -40.44 -16.64
N ARG H 24 -43.75 -40.13 -15.39
CA ARG H 24 -43.87 -38.77 -14.86
C ARG H 24 -43.13 -37.73 -15.67
N GLY H 25 -42.02 -38.15 -16.26
CA GLY H 25 -41.24 -37.28 -17.12
C GLY H 25 -42.07 -36.79 -18.28
N LEU H 26 -42.75 -37.72 -18.94
CA LEU H 26 -43.54 -37.37 -20.12
C LEU H 26 -44.70 -36.46 -19.71
N ALA H 27 -45.41 -36.85 -18.66
CA ALA H 27 -46.51 -36.04 -18.13
C ALA H 27 -46.06 -34.62 -17.81
N TRP H 28 -44.92 -34.51 -17.15
CA TRP H 28 -44.43 -33.19 -16.75
C TRP H 28 -43.81 -32.41 -17.89
N PHE H 29 -43.40 -33.12 -18.93
CA PHE H 29 -42.86 -32.49 -20.13
C PHE H 29 -44.03 -31.94 -20.91
N GLN H 30 -45.03 -32.78 -21.10
CA GLN H 30 -46.20 -32.36 -21.86
C GLN H 30 -46.90 -31.21 -21.15
N ALA H 31 -46.81 -31.16 -19.81
CA ALA H 31 -47.53 -30.13 -19.07
C ALA H 31 -46.76 -28.82 -18.97
N LEU H 32 -45.44 -28.88 -19.13
CA LEU H 32 -44.60 -27.69 -19.01
C LEU H 32 -44.17 -27.15 -20.38
N ALA H 33 -44.20 -28.01 -21.39
CA ALA H 33 -43.69 -27.66 -22.71
C ALA H 33 -44.80 -27.55 -23.76
N GLY H 34 -45.97 -28.10 -23.45
CA GLY H 34 -47.10 -28.08 -24.36
C GLY H 34 -47.06 -29.15 -25.45
N SER H 35 -45.93 -29.22 -26.17
CA SER H 35 -45.65 -30.22 -27.21
C SER H 35 -45.77 -31.66 -26.68
N LEU H 36 -46.70 -32.45 -27.24
CA LEU H 36 -46.81 -33.81 -26.75
C LEU H 36 -46.03 -34.78 -27.64
N ALA H 37 -45.77 -34.36 -28.89
CA ALA H 37 -45.05 -35.19 -29.85
C ALA H 37 -43.53 -35.05 -29.80
N PRO H 38 -42.82 -36.16 -30.11
CA PRO H 38 -41.35 -36.11 -30.09
C PRO H 38 -40.85 -35.51 -31.39
N ARG H 39 -39.78 -34.72 -31.33
CA ARG H 39 -39.19 -34.22 -32.56
C ARG H 39 -38.76 -35.39 -33.43
N PRO H 40 -38.82 -35.20 -34.75
CA PRO H 40 -38.20 -36.17 -35.65
C PRO H 40 -36.70 -35.90 -35.66
N GLY H 41 -35.91 -36.95 -35.57
CA GLY H 41 -34.48 -36.78 -35.49
C GLY H 41 -34.00 -37.08 -34.09
N ASP H 42 -34.89 -36.90 -33.11
CA ASP H 42 -34.60 -37.31 -31.75
C ASP H 42 -35.11 -38.74 -31.62
N PRO H 43 -34.44 -39.58 -30.81
CA PRO H 43 -34.91 -40.93 -30.50
C PRO H 43 -36.30 -40.86 -29.89
N ALA H 44 -37.12 -41.90 -29.98
CA ALA H 44 -38.46 -41.85 -29.39
C ALA H 44 -38.38 -41.67 -27.87
N SER H 45 -37.18 -41.91 -27.35
CA SER H 45 -36.88 -41.80 -25.92
C SER H 45 -36.59 -40.36 -25.48
N LEU H 46 -36.29 -39.47 -26.42
CA LEU H 46 -36.16 -38.06 -26.08
C LEU H 46 -37.44 -37.28 -26.36
N ARG H 47 -37.50 -36.10 -25.76
CA ARG H 47 -38.55 -35.14 -25.94
C ARG H 47 -37.89 -33.79 -25.79
N VAL H 48 -37.58 -33.15 -26.91
CA VAL H 48 -37.06 -31.79 -26.81
C VAL H 48 -38.12 -30.83 -27.32
N ALA H 49 -38.11 -29.60 -26.79
CA ALA H 49 -39.08 -28.57 -27.16
C ALA H 49 -38.63 -27.21 -26.62
N ASP H 50 -38.46 -26.24 -27.51
CA ASP H 50 -38.14 -24.87 -27.11
C ASP H 50 -39.42 -24.15 -26.72
N ALA H 51 -39.31 -23.11 -25.91
CA ALA H 51 -40.47 -22.36 -25.41
C ALA H 51 -40.01 -21.14 -24.64
N GLU H 52 -40.93 -20.48 -23.94
CA GLU H 52 -40.58 -19.33 -23.12
C GLU H 52 -41.08 -19.45 -21.68
N LEU H 53 -40.32 -18.83 -20.79
CA LEU H 53 -40.59 -18.82 -19.35
C LEU H 53 -40.27 -17.43 -18.82
N ASP H 54 -41.31 -16.60 -18.69
CA ASP H 54 -41.18 -15.18 -18.34
C ASP H 54 -40.35 -14.49 -19.42
N GLY H 55 -40.73 -14.73 -20.68
CA GLY H 55 -40.04 -14.10 -21.80
C GLY H 55 -38.58 -14.49 -21.94
N TYR H 56 -38.18 -15.60 -21.32
CA TYR H 56 -36.82 -16.11 -21.45
C TYR H 56 -36.80 -17.41 -22.24
N PRO H 57 -35.92 -17.50 -23.25
CA PRO H 57 -35.80 -18.70 -24.08
C PRO H 57 -35.44 -19.94 -23.27
N VAL H 58 -36.28 -20.96 -23.38
CA VAL H 58 -36.14 -22.14 -22.57
C VAL H 58 -36.27 -23.40 -23.38
N ARG H 59 -35.30 -24.30 -23.31
CA ARG H 59 -35.45 -25.61 -23.93
C ARG H 59 -35.69 -26.72 -22.90
N PHE H 60 -36.84 -27.40 -23.03
CA PHE H 60 -37.15 -28.53 -22.15
C PHE H 60 -36.60 -29.86 -22.69
N LEU H 61 -35.86 -30.58 -21.86
CA LEU H 61 -35.37 -31.88 -22.23
C LEU H 61 -35.84 -32.90 -21.24
N ALA H 62 -36.25 -34.05 -21.73
CA ALA H 62 -36.71 -35.11 -20.85
C ALA H 62 -36.50 -36.48 -21.47
N VAL H 63 -36.06 -37.45 -20.66
CA VAL H 63 -35.96 -38.83 -21.10
C VAL H 63 -37.22 -39.56 -20.66
N VAL H 64 -37.89 -40.21 -21.62
CA VAL H 64 -39.15 -40.89 -21.38
C VAL H 64 -39.05 -42.32 -21.90
N PRO H 65 -40.06 -43.18 -21.59
CA PRO H 65 -39.96 -44.55 -22.12
C PRO H 65 -40.17 -44.64 -23.63
N ASP H 66 -39.69 -45.73 -24.22
CA ASP H 66 -39.86 -46.00 -25.64
C ASP H 66 -39.84 -47.49 -25.83
N PRO H 67 -40.96 -48.16 -25.52
CA PRO H 67 -41.05 -49.62 -25.61
C PRO H 67 -40.74 -50.16 -26.99
N ASP H 68 -40.54 -49.29 -27.98
CA ASP H 68 -40.05 -49.70 -29.28
C ASP H 68 -38.62 -49.17 -29.48
N ASN H 69 -37.78 -49.31 -28.46
CA ASN H 69 -36.42 -48.79 -28.56
C ASN H 69 -35.57 -49.85 -29.24
N PRO H 70 -34.74 -49.43 -30.20
CA PRO H 70 -33.82 -50.35 -30.89
C PRO H 70 -33.10 -51.29 -29.92
N PHE H 71 -32.65 -50.78 -28.78
CA PHE H 71 -32.00 -51.59 -27.76
C PHE H 71 -33.04 -52.00 -26.71
N PRO H 72 -33.21 -53.31 -26.47
CA PRO H 72 -34.25 -53.80 -25.57
C PRO H 72 -34.02 -53.36 -24.12
N ARG H 73 -32.77 -53.42 -23.68
CA ARG H 73 -32.42 -53.07 -22.30
C ARG H 73 -32.55 -51.56 -22.01
N ALA H 74 -33.31 -50.88 -22.86
CA ALA H 74 -33.55 -49.45 -22.76
C ALA H 74 -34.96 -49.13 -23.23
N ARG H 75 -35.91 -49.98 -22.84
CA ARG H 75 -37.30 -49.79 -23.24
C ARG H 75 -38.26 -49.46 -22.10
N GLN H 76 -37.76 -48.89 -21.02
CA GLN H 76 -38.62 -48.52 -19.90
C GLN H 76 -38.18 -47.21 -19.32
N GLY H 77 -37.54 -46.40 -20.16
CA GLY H 77 -37.20 -45.06 -19.78
C GLY H 77 -35.74 -44.89 -19.47
N GLU H 78 -35.00 -45.99 -19.42
CA GLU H 78 -33.57 -45.97 -19.16
C GLU H 78 -32.83 -44.95 -20.03
N VAL H 79 -31.67 -44.51 -19.56
CA VAL H 79 -30.79 -43.69 -20.37
C VAL H 79 -29.77 -44.63 -20.94
N GLY H 80 -30.02 -45.11 -22.15
CA GLY H 80 -29.15 -46.04 -22.83
C GLY H 80 -28.31 -45.37 -23.90
N LEU H 81 -27.82 -46.17 -24.84
CA LEU H 81 -26.95 -45.67 -25.91
C LEU H 81 -27.53 -44.51 -26.69
N LEU H 82 -28.75 -44.67 -27.18
CA LEU H 82 -29.38 -43.61 -27.99
C LEU H 82 -29.67 -42.34 -27.20
N GLU H 83 -30.32 -42.53 -26.05
CA GLU H 83 -30.68 -41.47 -25.12
C GLU H 83 -29.45 -40.65 -24.76
N GLY H 84 -28.32 -41.34 -24.70
CA GLY H 84 -27.07 -40.71 -24.34
C GLY H 84 -26.63 -39.69 -25.36
N TRP H 85 -26.20 -40.15 -26.52
CA TRP H 85 -25.78 -39.27 -27.59
C TRP H 85 -26.90 -38.30 -28.01
N GLY H 86 -28.14 -38.80 -28.03
CA GLY H 86 -29.29 -38.00 -28.43
C GLY H 86 -29.42 -36.73 -27.62
N LEU H 87 -29.13 -36.85 -26.33
CA LEU H 87 -29.12 -35.70 -25.44
C LEU H 87 -27.99 -34.77 -25.81
N ALA H 88 -26.82 -35.36 -26.11
CA ALA H 88 -25.63 -34.61 -26.48
C ALA H 88 -25.87 -33.86 -27.77
N ALA H 89 -26.74 -34.42 -28.61
CA ALA H 89 -27.13 -33.76 -29.85
C ALA H 89 -27.94 -32.53 -29.49
N ALA H 90 -29.14 -32.78 -28.94
CA ALA H 90 -30.07 -31.73 -28.52
C ALA H 90 -29.43 -30.59 -27.70
N VAL H 91 -28.54 -30.93 -26.77
CA VAL H 91 -27.90 -29.89 -25.99
C VAL H 91 -26.90 -29.11 -26.82
N ASP H 92 -26.09 -29.81 -27.64
CA ASP H 92 -25.06 -29.17 -28.49
C ASP H 92 -25.68 -28.30 -29.61
N GLU H 93 -26.85 -28.73 -30.07
CA GLU H 93 -27.64 -27.97 -31.03
C GLU H 93 -27.88 -26.55 -30.50
N ALA H 94 -28.56 -26.49 -29.37
CA ALA H 94 -28.83 -25.23 -28.70
C ALA H 94 -27.57 -24.50 -28.22
N LEU H 95 -26.45 -25.21 -28.09
CA LEU H 95 -25.22 -24.55 -27.61
C LEU H 95 -24.71 -23.57 -28.64
N GLU H 96 -24.70 -23.99 -29.90
CA GLU H 96 -24.12 -23.18 -30.96
C GLU H 96 -25.14 -22.25 -31.59
N ALA H 97 -26.42 -22.62 -31.48
CA ALA H 97 -27.52 -21.73 -31.83
C ALA H 97 -27.38 -20.35 -31.14
N ASP H 98 -27.40 -20.35 -29.80
CA ASP H 98 -27.24 -19.12 -29.02
C ASP H 98 -25.78 -18.77 -28.78
N ARG H 99 -24.86 -19.39 -29.52
CA ARG H 99 -23.44 -19.06 -29.40
C ARG H 99 -23.21 -17.57 -29.69
N GLU H 100 -24.18 -16.98 -30.39
CA GLU H 100 -24.17 -15.59 -30.86
C GLU H 100 -25.25 -14.76 -30.17
N ALA H 101 -26.43 -15.38 -30.00
CA ALA H 101 -27.62 -14.77 -29.39
C ALA H 101 -27.31 -13.92 -28.15
N PRO H 102 -28.15 -12.89 -27.90
CA PRO H 102 -27.97 -11.96 -26.77
C PRO H 102 -28.13 -12.61 -25.41
N ARG H 103 -29.03 -13.61 -25.31
CA ARG H 103 -29.32 -14.33 -24.07
C ARG H 103 -29.28 -15.83 -24.32
N LYS H 104 -28.29 -16.52 -23.76
CA LYS H 104 -28.17 -17.98 -23.90
C LYS H 104 -29.42 -18.63 -23.32
N ARG H 105 -30.05 -19.54 -24.06
CA ARG H 105 -31.30 -20.14 -23.57
C ARG H 105 -31.06 -21.12 -22.42
N ALA H 106 -31.91 -21.04 -21.42
CA ALA H 106 -31.81 -21.95 -20.29
C ALA H 106 -32.25 -23.34 -20.71
N LEU H 107 -31.61 -24.36 -20.12
CA LEU H 107 -31.96 -25.76 -20.37
C LEU H 107 -32.62 -26.41 -19.13
N LEU H 108 -33.86 -26.84 -19.28
CA LEU H 108 -34.54 -27.44 -18.16
C LEU H 108 -34.57 -28.92 -18.38
N ALA H 109 -33.93 -29.63 -17.46
CA ALA H 109 -33.92 -31.08 -17.50
C ALA H 109 -35.05 -31.66 -16.63
N ILE H 110 -36.07 -32.23 -17.25
CA ILE H 110 -37.08 -32.93 -16.49
C ILE H 110 -36.49 -34.32 -16.18
N VAL H 111 -36.01 -34.52 -14.96
CA VAL H 111 -35.40 -35.81 -14.68
C VAL H 111 -36.41 -36.81 -14.14
N ASP H 112 -36.48 -37.97 -14.79
CA ASP H 112 -37.28 -39.12 -14.36
C ASP H 112 -36.80 -40.35 -15.13
N VAL H 113 -35.66 -40.88 -14.69
CA VAL H 113 -34.98 -42.00 -15.34
C VAL H 113 -34.63 -43.12 -14.36
N PRO H 114 -35.30 -44.28 -14.51
CA PRO H 114 -35.13 -45.41 -13.59
C PRO H 114 -33.69 -45.87 -13.42
N SER H 115 -32.88 -45.77 -14.47
CA SER H 115 -31.49 -46.18 -14.41
C SER H 115 -30.79 -45.92 -15.73
N GLN H 116 -29.50 -46.17 -15.73
CA GLN H 116 -28.71 -46.40 -16.93
C GLN H 116 -29.31 -47.62 -17.63
N ALA H 117 -29.11 -47.78 -18.92
CA ALA H 117 -29.41 -49.06 -19.53
C ALA H 117 -28.48 -50.14 -18.98
N TYR H 118 -29.03 -51.28 -18.58
CA TYR H 118 -28.21 -52.41 -18.13
C TYR H 118 -28.18 -53.51 -19.20
N GLY H 119 -27.07 -53.67 -19.92
CA GLY H 119 -27.00 -54.75 -20.91
C GLY H 119 -25.71 -54.96 -21.72
N ARG H 120 -25.56 -56.15 -22.32
CA ARG H 120 -24.38 -56.49 -23.13
C ARG H 120 -24.25 -55.64 -24.38
N ARG H 121 -25.38 -55.50 -25.06
CA ARG H 121 -25.53 -54.65 -26.22
C ARG H 121 -24.99 -53.27 -25.91
N GLU H 122 -25.39 -52.76 -24.74
CA GLU H 122 -25.06 -51.43 -24.27
C GLU H 122 -23.57 -51.30 -23.87
N GLU H 123 -23.08 -52.23 -23.07
CA GLU H 123 -21.68 -52.24 -22.63
C GLU H 123 -20.68 -52.50 -23.76
N ALA H 124 -21.08 -53.31 -24.73
CA ALA H 124 -20.17 -53.66 -25.82
C ALA H 124 -19.90 -52.46 -26.73
N LEU H 125 -20.90 -51.58 -26.86
CA LEU H 125 -20.90 -50.45 -27.79
C LEU H 125 -20.46 -49.12 -27.17
N GLY H 126 -20.07 -49.15 -25.90
CA GLY H 126 -19.56 -47.98 -25.22
C GLY H 126 -20.59 -47.05 -24.59
N ILE H 127 -21.51 -47.63 -23.80
CA ILE H 127 -22.54 -46.81 -23.15
C ILE H 127 -21.96 -45.79 -22.18
N HIS H 128 -20.81 -46.10 -21.60
CA HIS H 128 -20.18 -45.16 -20.69
C HIS H 128 -19.81 -43.92 -21.48
N GLN H 129 -19.44 -44.12 -22.75
CA GLN H 129 -19.00 -43.01 -23.60
C GLN H 129 -20.21 -42.19 -24.07
N ALA H 130 -21.31 -42.89 -24.39
CA ALA H 130 -22.55 -42.25 -24.84
C ALA H 130 -22.99 -41.25 -23.82
N LEU H 131 -23.01 -41.69 -22.56
CA LEU H 131 -23.43 -40.84 -21.46
C LEU H 131 -22.41 -39.73 -21.16
N ALA H 132 -21.15 -39.90 -21.54
CA ALA H 132 -20.16 -38.83 -21.35
C ALA H 132 -20.40 -37.70 -22.34
N GLY H 133 -21.01 -38.05 -23.47
CA GLY H 133 -21.32 -37.06 -24.48
C GLY H 133 -22.41 -36.14 -23.99
N ALA H 134 -23.35 -36.73 -23.27
CA ALA H 134 -24.45 -36.01 -22.64
C ALA H 134 -23.89 -35.05 -21.59
N VAL H 135 -23.05 -35.60 -20.71
CA VAL H 135 -22.41 -34.80 -19.67
C VAL H 135 -21.59 -33.64 -20.23
N ASP H 136 -20.77 -33.91 -21.24
CA ASP H 136 -19.92 -32.88 -21.85
C ASP H 136 -20.79 -31.74 -22.35
N ALA H 137 -21.80 -32.11 -23.12
CA ALA H 137 -22.75 -31.15 -23.67
C ALA H 137 -23.30 -30.23 -22.59
N TYR H 138 -24.10 -30.80 -21.68
CA TYR H 138 -24.68 -30.05 -20.56
C TYR H 138 -23.64 -29.17 -19.89
N ALA H 139 -22.50 -29.77 -19.54
CA ALA H 139 -21.44 -29.05 -18.86
C ALA H 139 -20.92 -27.85 -19.67
N ARG H 140 -20.60 -28.07 -20.95
CA ARG H 140 -20.09 -26.98 -21.80
C ARG H 140 -21.12 -25.87 -21.93
N ALA H 141 -22.38 -26.29 -22.04
CA ALA H 141 -23.48 -25.36 -22.12
C ALA H 141 -23.52 -24.50 -20.86
N ARG H 142 -23.51 -25.14 -19.70
CA ARG H 142 -23.55 -24.42 -18.43
C ARG H 142 -22.40 -23.41 -18.30
N LEU H 143 -21.22 -23.84 -18.72
CA LEU H 143 -20.01 -23.05 -18.65
C LEU H 143 -20.06 -21.82 -19.54
N ALA H 144 -20.87 -21.92 -20.59
CA ALA H 144 -20.97 -20.86 -21.59
C ALA H 144 -21.90 -19.72 -21.18
N GLY H 145 -22.82 -19.97 -20.25
CA GLY H 145 -23.77 -18.95 -19.85
C GLY H 145 -25.20 -19.46 -19.81
N HIS H 146 -25.41 -20.66 -20.35
CA HIS H 146 -26.72 -21.28 -20.27
C HIS H 146 -27.06 -21.61 -18.82
N PRO H 147 -28.28 -21.25 -18.37
CA PRO H 147 -28.72 -21.68 -17.05
C PRO H 147 -29.34 -23.07 -17.11
N LEU H 148 -28.72 -24.08 -16.53
CA LEU H 148 -29.38 -25.39 -16.46
C LEU H 148 -30.13 -25.51 -15.17
N ILE H 149 -31.30 -26.13 -15.22
CA ILE H 149 -32.08 -26.38 -14.02
C ILE H 149 -32.60 -27.78 -14.17
N GLY H 150 -32.38 -28.59 -13.16
CA GLY H 150 -32.83 -29.97 -13.23
C GLY H 150 -34.08 -30.09 -12.39
N LEU H 151 -35.16 -30.53 -13.00
CA LEU H 151 -36.39 -30.71 -12.26
C LEU H 151 -36.53 -32.19 -12.00
N LEU H 152 -36.37 -32.60 -10.74
CA LEU H 152 -36.51 -34.00 -10.36
C LEU H 152 -37.98 -34.32 -10.10
N VAL H 153 -38.66 -34.91 -11.07
CA VAL H 153 -40.10 -35.19 -10.94
C VAL H 153 -40.35 -36.68 -10.68
N GLY H 154 -39.30 -37.50 -10.78
CA GLY H 154 -39.44 -38.92 -10.49
C GLY H 154 -38.16 -39.56 -9.98
N LYS H 155 -37.70 -40.59 -10.67
CA LYS H 155 -36.48 -41.28 -10.28
C LYS H 155 -35.26 -40.60 -10.92
N ALA H 156 -34.15 -40.61 -10.20
CA ALA H 156 -32.93 -40.04 -10.74
C ALA H 156 -31.77 -40.87 -10.26
N MET H 157 -31.40 -41.87 -11.05
CA MET H 157 -30.40 -42.85 -10.65
C MET H 157 -29.06 -42.83 -11.38
N SER H 158 -28.02 -43.23 -10.65
CA SER H 158 -26.68 -43.45 -11.17
C SER H 158 -26.31 -42.65 -12.40
N GLY H 159 -25.80 -43.33 -13.42
CA GLY H 159 -25.29 -42.70 -14.64
C GLY H 159 -26.34 -41.93 -15.38
N ALA H 160 -27.58 -42.45 -15.32
CA ALA H 160 -28.73 -41.84 -15.99
C ALA H 160 -28.86 -40.40 -15.57
N PHE H 161 -28.77 -40.18 -14.27
CA PHE H 161 -28.85 -38.86 -13.68
C PHE H 161 -27.57 -38.01 -13.93
N LEU H 162 -26.40 -38.67 -13.99
CA LEU H 162 -25.14 -37.99 -14.28
C LEU H 162 -25.21 -37.37 -15.66
N ALA H 163 -25.90 -38.06 -16.56
CA ALA H 163 -25.95 -37.62 -17.94
C ALA H 163 -26.99 -36.53 -18.05
N HIS H 164 -28.18 -36.87 -17.57
CA HIS H 164 -29.35 -36.00 -17.64
C HIS H 164 -29.70 -35.37 -16.28
N GLY H 165 -29.03 -34.28 -15.92
CA GLY H 165 -29.34 -33.63 -14.66
C GLY H 165 -28.22 -33.11 -13.77
N TYR H 166 -27.18 -33.89 -13.45
CA TYR H 166 -26.25 -33.44 -12.38
C TYR H 166 -25.26 -32.40 -12.86
N GLN H 167 -25.52 -31.83 -14.02
CA GLN H 167 -24.71 -30.73 -14.44
C GLN H 167 -25.45 -29.42 -14.21
N ALA H 168 -26.61 -29.50 -13.56
CA ALA H 168 -27.47 -28.34 -13.41
C ALA H 168 -26.85 -27.26 -12.54
N ASN H 169 -27.16 -26.01 -12.85
CA ASN H 169 -26.81 -24.91 -11.97
C ASN H 169 -27.65 -24.97 -10.70
N ARG H 170 -28.87 -25.46 -10.83
CA ARG H 170 -29.76 -25.56 -9.69
C ARG H 170 -30.63 -26.80 -9.81
N LEU H 171 -30.74 -27.53 -8.72
CA LEU H 171 -31.58 -28.69 -8.66
C LEU H 171 -32.85 -28.37 -7.89
N ILE H 172 -33.98 -28.84 -8.41
CA ILE H 172 -35.28 -28.69 -7.79
C ILE H 172 -35.96 -30.05 -7.75
N ALA H 173 -36.44 -30.47 -6.59
CA ALA H 173 -37.07 -31.76 -6.56
C ALA H 173 -38.54 -31.62 -6.17
N LEU H 174 -39.41 -32.48 -6.70
CA LEU H 174 -40.79 -32.49 -6.25
C LEU H 174 -40.81 -33.29 -4.96
N HIS H 175 -41.47 -32.77 -3.94
CA HIS H 175 -41.49 -33.50 -2.69
C HIS H 175 -42.58 -34.54 -2.79
N ASP H 176 -42.14 -35.80 -2.94
CA ASP H 176 -43.04 -36.93 -3.13
C ASP H 176 -42.22 -38.22 -3.09
N PRO H 177 -42.74 -39.25 -2.42
CA PRO H 177 -42.11 -40.58 -2.30
C PRO H 177 -41.67 -41.23 -3.63
N GLY H 178 -42.21 -40.77 -4.75
CA GLY H 178 -41.83 -41.27 -6.05
C GLY H 178 -40.51 -40.66 -6.52
N VAL H 179 -40.12 -39.53 -5.90
CA VAL H 179 -38.85 -38.87 -6.17
C VAL H 179 -37.70 -39.44 -5.34
N MET H 180 -36.77 -40.14 -5.99
CA MET H 180 -35.67 -40.82 -5.30
C MET H 180 -34.32 -40.61 -6.00
N VAL H 181 -33.26 -40.45 -5.20
CA VAL H 181 -31.91 -40.30 -5.74
C VAL H 181 -30.91 -41.29 -5.09
N HIS H 182 -30.10 -41.96 -5.92
CA HIS H 182 -29.17 -43.02 -5.47
C HIS H 182 -28.31 -43.48 -6.66
N ALA H 183 -27.46 -44.50 -6.48
CA ALA H 183 -26.56 -44.96 -7.55
C ALA H 183 -26.75 -46.42 -7.98
N MET H 184 -27.67 -47.13 -7.31
CA MET H 184 -27.93 -48.53 -7.62
C MET H 184 -29.15 -49.05 -6.87
N GLY H 185 -29.85 -50.01 -7.48
CA GLY H 185 -31.00 -50.63 -6.86
C GLY H 185 -30.53 -51.41 -5.66
N LYS H 186 -31.36 -51.54 -4.64
CA LYS H 186 -30.88 -52.18 -3.41
C LYS H 186 -30.56 -53.67 -3.63
N ALA H 187 -31.13 -54.28 -4.67
CA ALA H 187 -30.83 -55.68 -5.03
C ALA H 187 -29.36 -55.87 -5.42
N ALA H 188 -28.94 -55.14 -6.46
CA ALA H 188 -27.56 -55.18 -6.95
C ALA H 188 -26.58 -54.59 -5.92
N ALA H 189 -27.00 -53.50 -5.27
CA ALA H 189 -26.20 -52.84 -4.23
C ALA H 189 -25.90 -53.83 -3.09
N ALA H 190 -26.93 -54.53 -2.65
CA ALA H 190 -26.76 -55.56 -1.61
C ALA H 190 -25.79 -56.61 -2.09
N ARG H 191 -25.79 -56.87 -3.39
CA ARG H 191 -24.95 -57.91 -3.94
C ARG H 191 -23.48 -57.51 -3.93
N ILE H 192 -23.18 -56.35 -4.52
CA ILE H 192 -21.80 -55.83 -4.63
C ILE H 192 -21.11 -55.67 -3.29
N THR H 193 -21.84 -55.02 -2.39
CA THR H 193 -21.40 -54.65 -1.06
C THR H 193 -21.21 -55.86 -0.11
N LEU H 194 -22.07 -56.87 -0.24
CA LEU H 194 -22.12 -58.08 0.60
C LEU H 194 -22.91 -57.85 1.89
N ARG H 195 -24.17 -57.50 1.69
CA ARG H 195 -25.14 -57.19 2.73
C ARG H 195 -26.54 -57.61 2.26
N SER H 196 -27.48 -57.80 3.18
CA SER H 196 -28.86 -58.09 2.80
C SER H 196 -29.60 -56.80 2.51
N VAL H 197 -30.64 -56.89 1.70
CA VAL H 197 -31.48 -55.73 1.44
C VAL H 197 -32.05 -55.16 2.76
N GLU H 198 -32.27 -56.04 3.74
CA GLU H 198 -32.75 -55.65 5.07
C GLU H 198 -31.70 -54.78 5.75
N GLU H 199 -30.44 -55.18 5.63
CA GLU H 199 -29.32 -54.44 6.22
C GLU H 199 -29.11 -53.07 5.54
N LEU H 200 -29.38 -52.97 4.24
CA LEU H 200 -29.32 -51.67 3.56
C LEU H 200 -30.38 -50.72 4.14
N GLU H 201 -31.65 -51.05 3.90
CA GLU H 201 -32.79 -50.26 4.39
C GLU H 201 -32.67 -49.89 5.87
N ALA H 202 -32.06 -50.75 6.67
CA ALA H 202 -31.75 -50.42 8.05
C ALA H 202 -30.75 -49.28 8.09
N LEU H 203 -29.55 -49.58 7.62
CA LEU H 203 -28.45 -48.62 7.48
C LEU H 203 -28.84 -47.29 6.83
N ALA H 204 -29.88 -47.31 5.98
CA ALA H 204 -30.25 -46.12 5.19
C ALA H 204 -30.89 -45.05 6.07
N ALA H 205 -31.20 -45.42 7.31
CA ALA H 205 -31.74 -44.48 8.25
C ALA H 205 -30.63 -43.84 9.07
N LYS H 206 -29.50 -44.53 9.20
CA LYS H 206 -28.38 -44.05 10.03
C LYS H 206 -27.31 -43.34 9.18
N VAL H 207 -27.35 -43.59 7.87
CA VAL H 207 -26.36 -43.05 6.95
C VAL H 207 -27.08 -42.34 5.81
N PRO H 208 -27.33 -41.04 5.97
CA PRO H 208 -28.10 -40.25 4.99
C PRO H 208 -27.66 -40.45 3.52
N PRO H 209 -26.35 -40.52 3.25
CA PRO H 209 -26.06 -40.69 1.82
C PRO H 209 -26.45 -42.05 1.27
N MET H 210 -26.88 -42.98 2.12
CA MET H 210 -27.24 -44.32 1.66
C MET H 210 -28.74 -44.43 1.40
N ALA H 211 -29.49 -43.43 1.86
CA ALA H 211 -30.95 -43.51 1.74
C ALA H 211 -31.41 -43.11 0.35
N TYR H 212 -32.58 -43.58 -0.03
CA TYR H 212 -33.14 -43.34 -1.36
C TYR H 212 -34.11 -42.16 -1.43
N ASP H 213 -34.76 -41.84 -0.30
CA ASP H 213 -35.81 -40.84 -0.25
C ASP H 213 -35.30 -39.42 -0.47
N ILE H 214 -36.19 -38.55 -0.89
CA ILE H 214 -35.80 -37.19 -1.25
C ILE H 214 -35.51 -36.33 -0.02
N ASP H 215 -35.90 -36.80 1.18
CA ASP H 215 -35.63 -36.04 2.40
C ASP H 215 -34.17 -36.16 2.81
N SER H 216 -33.67 -37.40 2.74
CA SER H 216 -32.26 -37.70 3.03
C SER H 216 -31.45 -37.06 1.96
N TYR H 217 -32.07 -36.97 0.79
CA TYR H 217 -31.36 -36.35 -0.28
C TYR H 217 -31.16 -34.87 -0.05
N ALA H 218 -32.22 -34.18 0.32
CA ALA H 218 -32.15 -32.74 0.52
C ALA H 218 -31.13 -32.39 1.60
N SER H 219 -31.04 -33.23 2.62
CA SER H 219 -30.14 -32.99 3.75
C SER H 219 -28.66 -32.93 3.35
N LEU H 220 -28.37 -33.30 2.11
CA LEU H 220 -27.03 -33.23 1.58
C LEU H 220 -26.78 -31.84 1.00
N GLY H 221 -27.84 -31.02 1.03
CA GLY H 221 -27.82 -29.64 0.54
C GLY H 221 -27.40 -29.53 -0.92
N LEU H 222 -27.95 -30.43 -1.74
CA LEU H 222 -27.68 -30.48 -3.16
C LEU H 222 -28.88 -29.93 -3.89
N LEU H 223 -29.95 -29.69 -3.13
CA LEU H 223 -31.17 -29.18 -3.72
C LEU H 223 -31.29 -27.69 -3.46
N TRP H 224 -31.66 -26.94 -4.51
CA TRP H 224 -31.87 -25.50 -4.37
C TRP H 224 -33.23 -25.26 -3.77
N ARG H 225 -34.11 -26.24 -3.96
CA ARG H 225 -35.46 -26.14 -3.41
C ARG H 225 -36.24 -27.44 -3.66
N THR H 226 -37.07 -27.78 -2.67
CA THR H 226 -38.03 -28.85 -2.77
C THR H 226 -39.38 -28.22 -2.74
N LEU H 227 -40.30 -28.73 -3.53
CA LEU H 227 -41.66 -28.20 -3.47
C LEU H 227 -42.64 -29.32 -3.64
N PRO H 228 -43.58 -29.43 -2.70
CA PRO H 228 -44.64 -30.46 -2.68
C PRO H 228 -45.73 -30.19 -3.70
N VAL H 229 -46.49 -31.23 -4.02
CA VAL H 229 -47.54 -31.10 -5.02
C VAL H 229 -48.86 -31.83 -4.69
N GLU H 230 -49.93 -31.37 -5.35
CA GLU H 230 -51.27 -31.93 -5.19
C GLU H 230 -51.41 -33.24 -5.93
N THR H 231 -50.92 -33.29 -7.16
CA THR H 231 -51.06 -34.49 -7.98
C THR H 231 -49.81 -34.72 -8.82
N VAL H 232 -48.89 -35.54 -8.32
CA VAL H 232 -47.56 -35.68 -8.92
C VAL H 232 -47.60 -36.33 -10.29
N GLU H 233 -48.53 -37.25 -10.47
CA GLU H 233 -48.63 -38.05 -11.70
C GLU H 233 -49.00 -37.19 -12.92
N VAL H 234 -49.97 -36.31 -12.75
CA VAL H 234 -50.28 -35.32 -13.78
C VAL H 234 -50.63 -34.03 -13.09
N PRO H 235 -49.72 -33.05 -13.14
CA PRO H 235 -49.83 -31.77 -12.42
C PRO H 235 -51.20 -31.09 -12.55
N SER H 236 -51.64 -30.46 -11.47
CA SER H 236 -52.85 -29.65 -11.49
C SER H 236 -52.50 -28.21 -11.83
N THR H 237 -53.49 -27.43 -12.28
CA THR H 237 -53.27 -26.03 -12.69
C THR H 237 -52.60 -25.19 -11.59
N ALA H 238 -52.82 -25.59 -10.34
CA ALA H 238 -52.21 -24.95 -9.19
C ALA H 238 -50.74 -25.28 -9.16
N ASP H 239 -50.47 -26.59 -9.24
CA ASP H 239 -49.11 -27.12 -9.26
C ASP H 239 -48.28 -26.49 -10.34
N LEU H 240 -48.76 -26.60 -11.58
CA LEU H 240 -47.97 -26.24 -12.74
C LEU H 240 -47.61 -24.74 -12.70
N VAL H 241 -48.39 -23.96 -11.95
CA VAL H 241 -48.09 -22.54 -11.72
C VAL H 241 -47.02 -22.34 -10.64
N ARG H 242 -47.04 -23.15 -9.58
CA ARG H 242 -45.98 -23.06 -8.57
C ARG H 242 -44.62 -23.49 -9.14
N VAL H 243 -44.59 -24.64 -9.81
CA VAL H 243 -43.41 -25.12 -10.50
C VAL H 243 -42.90 -24.07 -11.49
N ARG H 244 -43.79 -23.48 -12.28
CA ARG H 244 -43.39 -22.47 -13.26
C ARG H 244 -42.81 -21.23 -12.59
N THR H 245 -43.41 -20.82 -11.48
CA THR H 245 -42.89 -19.68 -10.72
C THR H 245 -41.51 -20.02 -10.15
N CYS H 246 -41.38 -21.25 -9.71
CA CYS H 246 -40.18 -21.73 -9.08
C CYS H 246 -39.00 -21.73 -10.04
N LEU H 247 -39.24 -22.28 -11.23
CA LEU H 247 -38.23 -22.34 -12.27
C LEU H 247 -37.78 -20.94 -12.63
N GLY H 248 -38.75 -20.03 -12.80
CA GLY H 248 -38.46 -18.65 -13.09
C GLY H 248 -37.53 -18.03 -12.07
N GLU H 249 -37.76 -18.29 -10.79
CA GLU H 249 -36.90 -17.79 -9.72
C GLU H 249 -35.53 -18.45 -9.73
N ALA H 250 -35.52 -19.77 -9.92
CA ALA H 250 -34.27 -20.53 -10.01
C ALA H 250 -33.43 -19.94 -11.15
N LEU H 251 -34.11 -19.66 -12.26
CA LEU H 251 -33.49 -19.05 -13.43
C LEU H 251 -32.94 -17.66 -13.15
N ALA H 252 -33.56 -16.94 -12.21
CA ALA H 252 -33.12 -15.60 -11.83
C ALA H 252 -31.90 -15.63 -10.90
N ASP H 253 -31.82 -16.67 -10.06
CA ASP H 253 -30.69 -16.85 -9.15
C ASP H 253 -29.42 -17.17 -9.94
N ILE H 254 -29.59 -17.99 -10.96
CA ILE H 254 -28.49 -18.43 -11.81
C ILE H 254 -27.85 -17.30 -12.58
N LEU H 255 -28.69 -16.51 -13.26
CA LEU H 255 -28.22 -15.45 -14.15
C LEU H 255 -27.29 -14.49 -13.47
N GLY H 256 -26.21 -14.14 -14.18
CA GLY H 256 -25.26 -13.15 -13.74
C GLY H 256 -24.32 -13.64 -12.67
N GLY H 257 -24.55 -14.86 -12.19
CA GLY H 257 -23.74 -15.39 -11.13
C GLY H 257 -22.74 -16.40 -11.62
N PRO H 258 -21.95 -16.96 -10.68
CA PRO H 258 -20.97 -18.02 -10.89
C PRO H 258 -21.58 -19.20 -11.61
N ARG H 259 -20.80 -19.81 -12.49
CA ARG H 259 -21.34 -20.90 -13.27
C ARG H 259 -20.94 -22.27 -12.73
N ASP H 260 -20.15 -22.29 -11.66
CA ASP H 260 -19.69 -23.54 -11.06
C ASP H 260 -20.76 -24.21 -10.19
N LEU H 261 -20.37 -25.28 -9.52
CA LEU H 261 -21.30 -26.01 -8.65
C LEU H 261 -21.06 -25.78 -7.13
N GLY H 262 -20.43 -24.65 -6.79
CA GLY H 262 -20.14 -24.29 -5.41
C GLY H 262 -21.36 -24.21 -4.49
N GLY H 263 -22.53 -23.94 -5.07
CA GLY H 263 -23.75 -23.82 -4.29
C GLY H 263 -24.13 -25.11 -3.60
N ARG H 264 -23.49 -26.19 -4.02
CA ARG H 264 -23.77 -27.50 -3.47
C ARG H 264 -22.85 -27.90 -2.32
N LEU H 265 -22.22 -26.92 -1.65
CA LEU H 265 -21.26 -27.24 -0.58
C LEU H 265 -21.67 -26.67 0.81
N GLY H 266 -22.83 -26.06 0.87
CA GLY H 266 -23.28 -25.41 2.08
C GLY H 266 -23.75 -26.31 3.22
N ALA H 267 -24.34 -27.45 2.87
CA ALA H 267 -24.90 -28.38 3.84
C ALA H 267 -23.88 -28.91 4.85
N ALA H 268 -24.36 -29.18 6.05
CA ALA H 268 -23.52 -29.70 7.11
C ALA H 268 -23.12 -31.15 6.82
N ASN H 269 -23.95 -31.89 6.10
CA ASN H 269 -23.57 -33.25 5.79
C ASN H 269 -22.45 -33.31 4.73
N ARG H 270 -22.24 -32.22 3.98
CA ARG H 270 -21.09 -32.18 3.07
C ARG H 270 -19.95 -31.37 3.68
N GLU H 271 -19.98 -31.22 5.00
CA GLU H 271 -18.91 -30.53 5.72
C GLU H 271 -17.53 -30.90 5.18
N ALA H 272 -17.30 -32.20 5.03
CA ALA H 272 -16.00 -32.74 4.62
C ALA H 272 -15.62 -32.35 3.20
N SER H 273 -16.58 -32.35 2.29
CA SER H 273 -16.33 -31.95 0.91
C SER H 273 -15.71 -30.56 0.85
N ALA H 274 -16.33 -29.63 1.58
CA ALA H 274 -15.90 -28.25 1.56
C ALA H 274 -14.56 -28.13 2.20
N ARG H 275 -14.33 -28.97 3.22
CA ARG H 275 -13.08 -28.90 3.94
C ARG H 275 -11.92 -29.42 3.10
N VAL H 276 -12.17 -30.43 2.28
CA VAL H 276 -11.13 -30.95 1.41
C VAL H 276 -10.73 -29.87 0.42
N ARG H 277 -11.71 -29.21 -0.17
CA ARG H 277 -11.42 -28.13 -1.14
C ARG H 277 -10.63 -26.98 -0.53
N ARG H 278 -10.86 -26.72 0.75
CA ARG H 278 -10.13 -25.66 1.45
C ARG H 278 -8.67 -26.06 1.69
N LEU H 279 -8.49 -27.25 2.23
CA LEU H 279 -7.17 -27.80 2.54
C LEU H 279 -6.37 -27.98 1.26
N LEU H 280 -7.06 -28.37 0.20
CA LEU H 280 -6.42 -28.45 -1.10
C LEU H 280 -5.78 -27.10 -1.45
N ARG H 281 -6.51 -25.99 -1.30
CA ARG H 281 -5.93 -24.71 -1.67
C ARG H 281 -4.80 -24.32 -0.71
N GLU H 282 -4.95 -24.65 0.56
CA GLU H 282 -3.90 -24.33 1.52
C GLU H 282 -2.58 -24.94 1.03
N GLN H 283 -2.64 -26.19 0.59
CA GLN H 283 -1.42 -26.92 0.24
C GLN H 283 -1.04 -26.83 -1.24
N TRP H 284 -1.93 -26.28 -2.06
CA TRP H 284 -1.70 -26.22 -3.51
C TRP H 284 -0.42 -25.47 -3.90
CL CL I . 18.96 7.60 21.36
N1A COA J . 10.64 44.43 -27.62
C2A COA J . 10.56 45.37 -26.69
N3A COA J . 9.64 46.31 -26.73
C4A COA J . 8.73 46.33 -27.72
C5A COA J . 8.78 45.35 -28.71
C6A COA J . 9.76 44.38 -28.63
N6A COA J . 9.83 43.40 -29.52
N7A COA J . 7.78 45.60 -29.56
C8A COA J . 7.13 46.68 -29.13
N9A COA J . 7.71 47.13 -28.02
C1B COA J . 7.30 48.33 -27.25
C2B COA J . 7.97 49.61 -27.74
O2B COA J . 9.31 49.69 -27.21
C3B COA J . 7.08 50.69 -27.12
O3B COA J . 7.63 51.05 -25.84
P3B COA J . 6.88 52.10 -24.88
O7A COA J . 6.55 53.37 -25.58
O8A COA J . 7.88 52.32 -23.65
O9A COA J . 5.58 51.35 -24.29
C4B COA J . 5.74 49.99 -26.93
O4B COA J . 5.91 48.63 -27.41
C5B COA J . 4.65 50.71 -27.72
O5B COA J . 4.73 50.45 -29.12
P1A COA J . 4.20 51.54 -30.19
O1A COA J . 5.19 51.61 -31.29
O2A COA J . 3.89 52.77 -29.44
O3A COA J . 2.82 50.91 -30.74
P2A COA J . 2.59 50.63 -32.32
O4A COA J . 3.00 51.83 -33.09
O5A COA J . 1.22 50.13 -32.48
O6A COA J . 3.64 49.44 -32.61
CBP COA J . 4.34 47.12 -32.93
CCP COA J . 3.32 48.08 -32.32
CDP COA J . 4.39 45.84 -32.10
CEP COA J . 3.94 46.79 -34.36
CAP COA J . 5.72 47.78 -32.92
OAP COA J . 6.16 47.98 -31.58
C9P COA J . 6.75 46.93 -33.68
O9P COA J . 7.09 47.23 -34.82
N8P COA J . 7.26 45.90 -33.01
C7P COA J . 8.31 45.05 -33.56
C6P COA J . 7.89 43.58 -33.54
C5P COA J . 8.92 42.68 -34.25
O5P COA J . 9.21 42.89 -35.43
N4P COA J . 9.45 41.73 -33.50
C3P COA J . 10.80 41.21 -33.73
C2P COA J . 11.23 40.29 -32.59
S1P COA J . 10.91 38.51 -32.92
N1A COA K . -18.88 -49.73 -3.76
C2A COA K . -18.31 -50.35 -2.74
N3A COA K . -17.47 -51.35 -2.93
C4A COA K . -17.18 -51.78 -4.17
C5A COA K . -17.76 -51.15 -5.26
C6A COA K . -18.63 -50.10 -5.03
N6A COA K . -19.19 -49.44 -6.04
N7A COA K . -17.31 -51.76 -6.35
C8A COA K . -16.49 -52.73 -5.97
N9A COA K . -16.40 -52.74 -4.64
C1B COA K . -15.57 -53.67 -3.84
C2B COA K . -16.26 -55.00 -3.58
O2B COA K . -17.09 -54.90 -2.42
C3B COA K . -15.07 -55.92 -3.27
O3B COA K . -14.90 -55.99 -1.85
P3B COA K . -13.73 -56.85 -1.16
O7A COA K . -13.94 -58.31 -1.30
O8A COA K . -13.72 -56.38 0.38
O9A COA K . -12.33 -56.36 -1.77
C4B COA K . -13.87 -55.21 -3.92
O4B COA K . -14.40 -54.04 -4.59
C5B COA K . -13.16 -56.12 -4.93
O5B COA K . -13.91 -56.27 -6.14
P1A COA K . -14.01 -57.71 -6.87
O1A COA K . -15.40 -57.92 -7.32
O2A COA K . -13.39 -58.71 -5.96
O3A COA K . -13.06 -57.54 -8.16
P2A COA K . -13.62 -57.74 -9.65
O4A COA K . -14.17 -59.10 -9.80
O5A COA K . -12.54 -57.31 -10.58
O6A COA K . -14.82 -56.67 -9.73
CBP COA K . -15.81 -54.53 -10.32
CCP COA K . -14.53 -55.28 -9.93
CDP COA K . -15.56 -53.03 -10.21
CEP COA K . -16.18 -54.89 -11.76
CAP COA K . -16.94 -54.94 -9.38
OAP COA K . -16.65 -54.49 -8.06
C9P COA K . -18.27 -54.33 -9.84
O9P COA K . -18.99 -54.92 -10.64
N8P COA K . -18.57 -53.14 -9.32
C7P COA K . -19.79 -52.42 -9.68
C6P COA K . -19.45 -51.10 -10.38
C5P COA K . -20.72 -50.32 -10.72
O5P COA K . -21.50 -50.74 -11.57
N4P COA K . -20.90 -49.19 -10.04
C3P COA K . -22.17 -48.46 -10.05
C2P COA K . -22.09 -47.22 -9.16
S1P COA K . -22.01 -45.65 -10.10
#